data_2XUS
# 
_entry.id   2XUS 
# 
_audit_conform.dict_name       mmcif_pdbx.dic 
_audit_conform.dict_version    5.398 
_audit_conform.dict_location   http://mmcif.pdb.org/dictionaries/ascii/mmcif_pdbx.dic 
# 
loop_
_database_2.database_id 
_database_2.database_code 
_database_2.pdbx_database_accession 
_database_2.pdbx_DOI 
PDB   2XUS         pdb_00002xus 10.2210/pdb2xus/pdb 
PDBE  EBI-45805    ?            ?                   
WWPDB D_1290045805 ?            ?                   
# 
loop_
_pdbx_audit_revision_history.ordinal 
_pdbx_audit_revision_history.data_content_type 
_pdbx_audit_revision_history.major_revision 
_pdbx_audit_revision_history.minor_revision 
_pdbx_audit_revision_history.revision_date 
1 'Structure model' 1 0 2011-07-27 
2 'Structure model' 1 1 2011-08-24 
3 'Structure model' 1 2 2023-12-20 
4 'Structure model' 1 3 2024-11-13 
# 
_pdbx_audit_revision_details.ordinal             1 
_pdbx_audit_revision_details.revision_ordinal    1 
_pdbx_audit_revision_details.data_content_type   'Structure model' 
_pdbx_audit_revision_details.provider            repository 
_pdbx_audit_revision_details.type                'Initial release' 
_pdbx_audit_revision_details.description         ? 
_pdbx_audit_revision_details.details             ? 
# 
loop_
_pdbx_audit_revision_group.ordinal 
_pdbx_audit_revision_group.revision_ordinal 
_pdbx_audit_revision_group.data_content_type 
_pdbx_audit_revision_group.group 
1 2 'Structure model' 'Database references'    
2 3 'Structure model' 'Data collection'        
3 3 'Structure model' 'Database references'    
4 3 'Structure model' 'Derived calculations'   
5 3 'Structure model' Other                    
6 3 'Structure model' 'Refinement description' 
7 4 'Structure model' 'Structure summary'      
# 
loop_
_pdbx_audit_revision_category.ordinal 
_pdbx_audit_revision_category.revision_ordinal 
_pdbx_audit_revision_category.data_content_type 
_pdbx_audit_revision_category.category 
1 3 'Structure model' chem_comp_atom                
2 3 'Structure model' chem_comp_bond                
3 3 'Structure model' database_2                    
4 3 'Structure model' pdbx_database_status          
5 3 'Structure model' pdbx_initial_refinement_model 
6 3 'Structure model' struct_site                   
7 4 'Structure model' pdbx_entry_details            
8 4 'Structure model' pdbx_modification_feature     
# 
loop_
_pdbx_audit_revision_item.ordinal 
_pdbx_audit_revision_item.revision_ordinal 
_pdbx_audit_revision_item.data_content_type 
_pdbx_audit_revision_item.item 
1 3 'Structure model' '_database_2.pdbx_DOI'                         
2 3 'Structure model' '_database_2.pdbx_database_accession'          
3 3 'Structure model' '_pdbx_database_status.status_code_sf'         
4 3 'Structure model' '_struct_site.pdbx_auth_asym_id'               
5 3 'Structure model' '_struct_site.pdbx_auth_comp_id'               
6 3 'Structure model' '_struct_site.pdbx_auth_seq_id'                
7 4 'Structure model' '_pdbx_entry_details.has_protein_modification' 
# 
_pdbx_database_status.status_code                     REL 
_pdbx_database_status.entry_id                        2XUS 
_pdbx_database_status.deposit_site                    PDBE 
_pdbx_database_status.process_site                    PDBE 
_pdbx_database_status.SG_entry                        . 
_pdbx_database_status.recvd_initial_deposition_date   2010-10-20 
_pdbx_database_status.pdb_format_compatible           Y 
_pdbx_database_status.status_code_sf                  REL 
_pdbx_database_status.status_code_mr                  ? 
_pdbx_database_status.status_code_cs                  ? 
_pdbx_database_status.methods_development_category    ? 
_pdbx_database_status.status_code_nmr_data            ? 
# 
loop_
_audit_author.name 
_audit_author.pdbx_ordinal 
'Spinola-Amilibia, M.' 1 
'Rivera, J.'           2 
'Ortiz-Lombardia, M.'  3 
'Romero, A.'           4 
'Neira, J.L.'          5 
'Bravo, J.'            6 
# 
loop_
_citation.id 
_citation.title 
_citation.journal_abbrev 
_citation.journal_volume 
_citation.page_first 
_citation.page_last 
_citation.year 
_citation.journal_id_ASTM 
_citation.country 
_citation.journal_id_ISSN 
_citation.journal_id_CSD 
_citation.book_publisher 
_citation.pdbx_database_id_PubMed 
_citation.pdbx_database_id_DOI 
primary 
'The Structure of Brms1 Nuclear Export Signal and Snx6 Interacting Region Reveals a Hexamer Formed by Antiparallel Coiled Coils.' 
J.Mol.Biol.                411 1114 ? 2011 JMOBAK UK 0022-2836 0070 ? 21777593 10.1016/J.JMB.2011.07.006 
1       
'Crystallization and Preliminary X-Ray Diffraction Analysis of a Breast Cancer Metastasis Suppressor 1 Predicted Coiled-Coil Region.' 
'Acta Crystallogr.,Sect.F' 64  1156 ? 2008 ?      DK 1744-3091 ?    ? 19052374 10.1107/S1744309108036518 
# 
loop_
_citation_author.citation_id 
_citation_author.name 
_citation_author.ordinal 
_citation_author.identifier_ORCID 
primary 'Spinola-Amilibia, M.' 1 ? 
primary 'Rivera, J.'           2 ? 
primary 'Ortiz-Lombardia, M.'  3 ? 
primary 'Romero, A.'           4 ? 
primary 'Neira, J.L.'          5 ? 
primary 'Bravo, J.'            6 ? 
1       'Spinola-Amilibia, M.' 7 ? 
1       'Rivera, J.'           8 ? 
1       'Bravo, J.'            9 ? 
# 
loop_
_entity.id 
_entity.type 
_entity.src_method 
_entity.pdbx_description 
_entity.formula_weight 
_entity.pdbx_number_of_molecules 
_entity.pdbx_ec 
_entity.pdbx_mutation 
_entity.pdbx_fragment 
_entity.details 
1 polymer     man 'BREAST CANCER METASTASIS-SUPPRESSOR 1' 5999.769 2  ? ? 'RESIDUES 51-98' ? 
2 non-polymer syn 'CHLORIDE ION'                          35.453   2  ? ? ?                ? 
3 non-polymer syn 'SULFATE ION'                           96.063   1  ? ? ?                ? 
4 water       nat water                                   18.015   68 ? ? ?                ? 
# 
_entity_poly.entity_id                      1 
_entity_poly.type                           'polypeptide(L)' 
_entity_poly.nstd_linkage                   no 
_entity_poly.nstd_monomer                   no 
_entity_poly.pdbx_seq_one_letter_code       SEDYERRRSECVSEMLDLEKQFSELKEKLFRERLSQLRLRLEEVGAERA 
_entity_poly.pdbx_seq_one_letter_code_can   SEDYERRRSECVSEMLDLEKQFSELKEKLFRERLSQLRLRLEEVGAERA 
_entity_poly.pdbx_strand_id                 A,B 
_entity_poly.pdbx_target_identifier         ? 
# 
loop_
_pdbx_entity_nonpoly.entity_id 
_pdbx_entity_nonpoly.name 
_pdbx_entity_nonpoly.comp_id 
2 'CHLORIDE ION' CL  
3 'SULFATE ION'  SO4 
4 water          HOH 
# 
loop_
_entity_poly_seq.entity_id 
_entity_poly_seq.num 
_entity_poly_seq.mon_id 
_entity_poly_seq.hetero 
1 1  SER n 
1 2  GLU n 
1 3  ASP n 
1 4  TYR n 
1 5  GLU n 
1 6  ARG n 
1 7  ARG n 
1 8  ARG n 
1 9  SER n 
1 10 GLU n 
1 11 CYS n 
1 12 VAL n 
1 13 SER n 
1 14 GLU n 
1 15 MET n 
1 16 LEU n 
1 17 ASP n 
1 18 LEU n 
1 19 GLU n 
1 20 LYS n 
1 21 GLN n 
1 22 PHE n 
1 23 SER n 
1 24 GLU n 
1 25 LEU n 
1 26 LYS n 
1 27 GLU n 
1 28 LYS n 
1 29 LEU n 
1 30 PHE n 
1 31 ARG n 
1 32 GLU n 
1 33 ARG n 
1 34 LEU n 
1 35 SER n 
1 36 GLN n 
1 37 LEU n 
1 38 ARG n 
1 39 LEU n 
1 40 ARG n 
1 41 LEU n 
1 42 GLU n 
1 43 GLU n 
1 44 VAL n 
1 45 GLY n 
1 46 ALA n 
1 47 GLU n 
1 48 ARG n 
1 49 ALA n 
# 
_entity_src_gen.entity_id                          1 
_entity_src_gen.pdbx_src_id                        1 
_entity_src_gen.pdbx_alt_source_flag               sample 
_entity_src_gen.pdbx_seq_type                      ? 
_entity_src_gen.pdbx_beg_seq_num                   ? 
_entity_src_gen.pdbx_end_seq_num                   ? 
_entity_src_gen.gene_src_common_name               HUMAN 
_entity_src_gen.gene_src_genus                     ? 
_entity_src_gen.pdbx_gene_src_gene                 ? 
_entity_src_gen.gene_src_species                   ? 
_entity_src_gen.gene_src_strain                    ? 
_entity_src_gen.gene_src_tissue                    ? 
_entity_src_gen.gene_src_tissue_fraction           ? 
_entity_src_gen.gene_src_details                   ? 
_entity_src_gen.pdbx_gene_src_fragment             ? 
_entity_src_gen.pdbx_gene_src_scientific_name      'HOMO SAPIENS' 
_entity_src_gen.pdbx_gene_src_ncbi_taxonomy_id     9606 
_entity_src_gen.pdbx_gene_src_variant              ? 
_entity_src_gen.pdbx_gene_src_cell_line            ? 
_entity_src_gen.pdbx_gene_src_atcc                 ? 
_entity_src_gen.pdbx_gene_src_organ                ? 
_entity_src_gen.pdbx_gene_src_organelle            ? 
_entity_src_gen.pdbx_gene_src_cell                 ? 
_entity_src_gen.pdbx_gene_src_cellular_location    ? 
_entity_src_gen.host_org_common_name               ? 
_entity_src_gen.pdbx_host_org_scientific_name      'ESCHERICHIA COLI' 
_entity_src_gen.pdbx_host_org_ncbi_taxonomy_id     469008 
_entity_src_gen.host_org_genus                     ? 
_entity_src_gen.pdbx_host_org_gene                 ? 
_entity_src_gen.pdbx_host_org_organ                ? 
_entity_src_gen.host_org_species                   ? 
_entity_src_gen.pdbx_host_org_tissue               ? 
_entity_src_gen.pdbx_host_org_tissue_fraction      ? 
_entity_src_gen.pdbx_host_org_strain               'BL21(DE3)' 
_entity_src_gen.pdbx_host_org_variant              'ROSETTA PLYSS' 
_entity_src_gen.pdbx_host_org_cell_line            ? 
_entity_src_gen.pdbx_host_org_atcc                 ? 
_entity_src_gen.pdbx_host_org_culture_collection   ? 
_entity_src_gen.pdbx_host_org_cell                 ? 
_entity_src_gen.pdbx_host_org_organelle            ? 
_entity_src_gen.pdbx_host_org_cellular_location    ? 
_entity_src_gen.pdbx_host_org_vector_type          PLASMID 
_entity_src_gen.pdbx_host_org_vector               ? 
_entity_src_gen.host_org_details                   ? 
_entity_src_gen.expression_system_id               ? 
_entity_src_gen.plasmid_name                       PET28-6XHIS-SMT3/BRMS151-98 
_entity_src_gen.plasmid_details                    ? 
_entity_src_gen.pdbx_description                   ? 
# 
loop_
_chem_comp.id 
_chem_comp.type 
_chem_comp.mon_nstd_flag 
_chem_comp.name 
_chem_comp.pdbx_synonyms 
_chem_comp.formula 
_chem_comp.formula_weight 
ALA 'L-peptide linking' y ALANINE         ? 'C3 H7 N O2'     89.093  
ARG 'L-peptide linking' y ARGININE        ? 'C6 H15 N4 O2 1' 175.209 
ASP 'L-peptide linking' y 'ASPARTIC ACID' ? 'C4 H7 N O4'     133.103 
CL  non-polymer         . 'CHLORIDE ION'  ? 'Cl -1'          35.453  
CYS 'L-peptide linking' y CYSTEINE        ? 'C3 H7 N O2 S'   121.158 
GLN 'L-peptide linking' y GLUTAMINE       ? 'C5 H10 N2 O3'   146.144 
GLU 'L-peptide linking' y 'GLUTAMIC ACID' ? 'C5 H9 N O4'     147.129 
GLY 'peptide linking'   y GLYCINE         ? 'C2 H5 N O2'     75.067  
HOH non-polymer         . WATER           ? 'H2 O'           18.015  
LEU 'L-peptide linking' y LEUCINE         ? 'C6 H13 N O2'    131.173 
LYS 'L-peptide linking' y LYSINE          ? 'C6 H15 N2 O2 1' 147.195 
MET 'L-peptide linking' y METHIONINE      ? 'C5 H11 N O2 S'  149.211 
PHE 'L-peptide linking' y PHENYLALANINE   ? 'C9 H11 N O2'    165.189 
SER 'L-peptide linking' y SERINE          ? 'C3 H7 N O3'     105.093 
SO4 non-polymer         . 'SULFATE ION'   ? 'O4 S -2'        96.063  
TYR 'L-peptide linking' y TYROSINE        ? 'C9 H11 N O3'    181.189 
VAL 'L-peptide linking' y VALINE          ? 'C5 H11 N O2'    117.146 
# 
loop_
_pdbx_poly_seq_scheme.asym_id 
_pdbx_poly_seq_scheme.entity_id 
_pdbx_poly_seq_scheme.seq_id 
_pdbx_poly_seq_scheme.mon_id 
_pdbx_poly_seq_scheme.ndb_seq_num 
_pdbx_poly_seq_scheme.pdb_seq_num 
_pdbx_poly_seq_scheme.auth_seq_num 
_pdbx_poly_seq_scheme.pdb_mon_id 
_pdbx_poly_seq_scheme.auth_mon_id 
_pdbx_poly_seq_scheme.pdb_strand_id 
_pdbx_poly_seq_scheme.pdb_ins_code 
_pdbx_poly_seq_scheme.hetero 
A 1 1  SER 1  50 ?  ?   ?   A . n 
A 1 2  GLU 2  51 ?  ?   ?   A . n 
A 1 3  ASP 3  52 ?  ?   ?   A . n 
A 1 4  TYR 4  53 ?  ?   ?   A . n 
A 1 5  GLU 5  54 54 GLU GLU A . n 
A 1 6  ARG 6  55 55 ARG ARG A . n 
A 1 7  ARG 7  56 56 ARG ARG A . n 
A 1 8  ARG 8  57 57 ARG ARG A . n 
A 1 9  SER 9  58 58 SER SER A . n 
A 1 10 GLU 10 59 59 GLU GLU A . n 
A 1 11 CYS 11 60 60 CYS CYS A . n 
A 1 12 VAL 12 61 61 VAL VAL A . n 
A 1 13 SER 13 62 62 SER SER A . n 
A 1 14 GLU 14 63 63 GLU GLU A . n 
A 1 15 MET 15 64 64 MET MET A . n 
A 1 16 LEU 16 65 65 LEU LEU A . n 
A 1 17 ASP 17 66 66 ASP ASP A . n 
A 1 18 LEU 18 67 67 LEU LEU A . n 
A 1 19 GLU 19 68 68 GLU GLU A . n 
A 1 20 LYS 20 69 69 LYS LYS A . n 
A 1 21 GLN 21 70 70 GLN GLN A . n 
A 1 22 PHE 22 71 71 PHE PHE A . n 
A 1 23 SER 23 72 72 SER SER A . n 
A 1 24 GLU 24 73 73 GLU GLU A . n 
A 1 25 LEU 25 74 74 LEU LEU A . n 
A 1 26 LYS 26 75 75 LYS LYS A . n 
A 1 27 GLU 27 76 76 GLU GLU A . n 
A 1 28 LYS 28 77 77 LYS LYS A . n 
A 1 29 LEU 29 78 78 LEU LEU A . n 
A 1 30 PHE 30 79 79 PHE PHE A . n 
A 1 31 ARG 31 80 80 ARG ARG A . n 
A 1 32 GLU 32 81 81 GLU GLU A . n 
A 1 33 ARG 33 82 82 ARG ARG A . n 
A 1 34 LEU 34 83 83 LEU LEU A . n 
A 1 35 SER 35 84 84 SER SER A . n 
A 1 36 GLN 36 85 85 GLN GLN A . n 
A 1 37 LEU 37 86 86 LEU LEU A . n 
A 1 38 ARG 38 87 87 ARG ARG A . n 
A 1 39 LEU 39 88 88 LEU LEU A . n 
A 1 40 ARG 40 89 89 ARG ARG A . n 
A 1 41 LEU 41 90 90 LEU LEU A . n 
A 1 42 GLU 42 91 91 GLU GLU A . n 
A 1 43 GLU 43 92 92 GLU GLU A . n 
A 1 44 VAL 44 93 93 VAL VAL A . n 
A 1 45 GLY 45 94 94 GLY GLY A . n 
A 1 46 ALA 46 95 ?  ?   ?   A . n 
A 1 47 GLU 47 96 ?  ?   ?   A . n 
A 1 48 ARG 48 97 ?  ?   ?   A . n 
A 1 49 ALA 49 98 ?  ?   ?   A . n 
B 1 1  SER 1  50 ?  ?   ?   B . n 
B 1 2  GLU 2  51 51 GLU GLU B . n 
B 1 3  ASP 3  52 52 ASP ASP B . n 
B 1 4  TYR 4  53 53 TYR TYR B . n 
B 1 5  GLU 5  54 54 GLU GLU B . n 
B 1 6  ARG 6  55 55 ARG ARG B . n 
B 1 7  ARG 7  56 56 ARG ARG B . n 
B 1 8  ARG 8  57 57 ARG ARG B . n 
B 1 9  SER 9  58 58 SER SER B . n 
B 1 10 GLU 10 59 59 GLU GLU B . n 
B 1 11 CYS 11 60 60 CYS CYS B . n 
B 1 12 VAL 12 61 61 VAL VAL B . n 
B 1 13 SER 13 62 62 SER SER B . n 
B 1 14 GLU 14 63 63 GLU GLU B . n 
B 1 15 MET 15 64 64 MET MET B . n 
B 1 16 LEU 16 65 65 LEU LEU B . n 
B 1 17 ASP 17 66 66 ASP ASP B . n 
B 1 18 LEU 18 67 67 LEU LEU B . n 
B 1 19 GLU 19 68 68 GLU GLU B . n 
B 1 20 LYS 20 69 69 LYS LYS B . n 
B 1 21 GLN 21 70 70 GLN GLN B . n 
B 1 22 PHE 22 71 71 PHE PHE B . n 
B 1 23 SER 23 72 72 SER SER B . n 
B 1 24 GLU 24 73 73 GLU GLU B . n 
B 1 25 LEU 25 74 74 LEU LEU B . n 
B 1 26 LYS 26 75 75 LYS LYS B . n 
B 1 27 GLU 27 76 76 GLU GLU B . n 
B 1 28 LYS 28 77 77 LYS LYS B . n 
B 1 29 LEU 29 78 78 LEU LEU B . n 
B 1 30 PHE 30 79 79 PHE PHE B . n 
B 1 31 ARG 31 80 80 ARG ARG B . n 
B 1 32 GLU 32 81 81 GLU GLU B . n 
B 1 33 ARG 33 82 82 ARG ARG B . n 
B 1 34 LEU 34 83 83 LEU LEU B . n 
B 1 35 SER 35 84 84 SER SER B . n 
B 1 36 GLN 36 85 85 GLN GLN B . n 
B 1 37 LEU 37 86 86 LEU LEU B . n 
B 1 38 ARG 38 87 87 ARG ARG B . n 
B 1 39 LEU 39 88 88 LEU LEU B . n 
B 1 40 ARG 40 89 89 ARG ARG B . n 
B 1 41 LEU 41 90 90 LEU LEU B . n 
B 1 42 GLU 42 91 ?  ?   ?   B . n 
B 1 43 GLU 43 92 ?  ?   ?   B . n 
B 1 44 VAL 44 93 ?  ?   ?   B . n 
B 1 45 GLY 45 94 ?  ?   ?   B . n 
B 1 46 ALA 46 95 ?  ?   ?   B . n 
B 1 47 GLU 47 96 ?  ?   ?   B . n 
B 1 48 ARG 48 97 ?  ?   ?   B . n 
B 1 49 ALA 49 98 ?  ?   ?   B . n 
# 
loop_
_pdbx_nonpoly_scheme.asym_id 
_pdbx_nonpoly_scheme.entity_id 
_pdbx_nonpoly_scheme.mon_id 
_pdbx_nonpoly_scheme.ndb_seq_num 
_pdbx_nonpoly_scheme.pdb_seq_num 
_pdbx_nonpoly_scheme.auth_seq_num 
_pdbx_nonpoly_scheme.pdb_mon_id 
_pdbx_nonpoly_scheme.auth_mon_id 
_pdbx_nonpoly_scheme.pdb_strand_id 
_pdbx_nonpoly_scheme.pdb_ins_code 
C 2 CL  1  1095 1095 CL  CL  A . 
D 3 SO4 1  1096 1096 SO4 SO4 A . 
E 2 CL  1  1095 1095 CL  CL  B . 
F 4 HOH 1  2001 2001 HOH HOH A . 
F 4 HOH 2  2002 2002 HOH HOH A . 
F 4 HOH 3  2003 2003 HOH HOH A . 
F 4 HOH 4  2004 2004 HOH HOH A . 
F 4 HOH 5  2005 2005 HOH HOH A . 
F 4 HOH 6  2006 2006 HOH HOH A . 
F 4 HOH 7  2007 2007 HOH HOH A . 
F 4 HOH 8  2008 2008 HOH HOH A . 
F 4 HOH 9  2009 2009 HOH HOH A . 
F 4 HOH 10 2010 2010 HOH HOH A . 
F 4 HOH 11 2011 2011 HOH HOH A . 
F 4 HOH 12 2012 2012 HOH HOH A . 
F 4 HOH 13 2013 2013 HOH HOH A . 
F 4 HOH 14 2014 2014 HOH HOH A . 
F 4 HOH 15 2015 2015 HOH HOH A . 
F 4 HOH 16 2016 2016 HOH HOH A . 
F 4 HOH 17 2017 2017 HOH HOH A . 
F 4 HOH 18 2018 2018 HOH HOH A . 
F 4 HOH 19 2019 2019 HOH HOH A . 
F 4 HOH 20 2020 2020 HOH HOH A . 
F 4 HOH 21 2021 2021 HOH HOH A . 
F 4 HOH 22 2022 2022 HOH HOH A . 
F 4 HOH 23 2023 2023 HOH HOH A . 
F 4 HOH 24 2024 2024 HOH HOH A . 
F 4 HOH 25 2025 2025 HOH HOH A . 
F 4 HOH 26 2026 2026 HOH HOH A . 
F 4 HOH 27 2027 2027 HOH HOH A . 
F 4 HOH 28 2028 2028 HOH HOH A . 
F 4 HOH 29 2029 2029 HOH HOH A . 
F 4 HOH 30 2030 2030 HOH HOH A . 
F 4 HOH 31 2031 2031 HOH HOH A . 
F 4 HOH 32 2032 2032 HOH HOH A . 
F 4 HOH 33 2033 2033 HOH HOH A . 
F 4 HOH 34 2034 2034 HOH HOH A . 
F 4 HOH 35 2035 2035 HOH HOH A . 
G 4 HOH 1  2001 2001 HOH HOH B . 
G 4 HOH 2  2002 2002 HOH HOH B . 
G 4 HOH 3  2003 2003 HOH HOH B . 
G 4 HOH 4  2004 2004 HOH HOH B . 
G 4 HOH 5  2005 2005 HOH HOH B . 
G 4 HOH 6  2006 2006 HOH HOH B . 
G 4 HOH 7  2007 2007 HOH HOH B . 
G 4 HOH 8  2008 2008 HOH HOH B . 
G 4 HOH 9  2009 2009 HOH HOH B . 
G 4 HOH 10 2010 2010 HOH HOH B . 
G 4 HOH 11 2011 2011 HOH HOH B . 
G 4 HOH 12 2012 2012 HOH HOH B . 
G 4 HOH 13 2013 2013 HOH HOH B . 
G 4 HOH 14 2014 2014 HOH HOH B . 
G 4 HOH 15 2015 2015 HOH HOH B . 
G 4 HOH 16 2016 2016 HOH HOH B . 
G 4 HOH 17 2017 2017 HOH HOH B . 
G 4 HOH 18 2018 2018 HOH HOH B . 
G 4 HOH 19 2019 2019 HOH HOH B . 
G 4 HOH 20 2020 2020 HOH HOH B . 
G 4 HOH 21 2021 2021 HOH HOH B . 
G 4 HOH 22 2022 2022 HOH HOH B . 
G 4 HOH 23 2023 2023 HOH HOH B . 
G 4 HOH 24 2024 2024 HOH HOH B . 
G 4 HOH 25 2025 2025 HOH HOH B . 
G 4 HOH 26 2026 2026 HOH HOH B . 
G 4 HOH 27 2027 2027 HOH HOH B . 
G 4 HOH 28 2028 2028 HOH HOH B . 
G 4 HOH 29 2029 2029 HOH HOH B . 
G 4 HOH 30 2030 2030 HOH HOH B . 
G 4 HOH 31 2031 2031 HOH HOH B . 
G 4 HOH 32 2032 2032 HOH HOH B . 
G 4 HOH 33 2033 2033 HOH HOH B . 
# 
loop_
_software.name 
_software.classification 
_software.version 
_software.citation_id 
_software.pdbx_ordinal 
REFMAC refinement       5.2.0019 ? 1 
MOSFLM 'data reduction' .        ? 2 
SCALA  'data scaling'   .        ? 3 
PHASER phasing          .        ? 4 
# 
_cell.entry_id           2XUS 
_cell.length_a           60.399 
_cell.length_b           60.399 
_cell.length_c           133.485 
_cell.angle_alpha        90.00 
_cell.angle_beta         90.00 
_cell.angle_gamma        120.00 
_cell.Z_PDB              36 
_cell.pdbx_unique_axis   ? 
# 
_symmetry.entry_id                         2XUS 
_symmetry.space_group_name_H-M             'H 3 2' 
_symmetry.pdbx_full_space_group_name_H-M   ? 
_symmetry.cell_setting                     ? 
_symmetry.Int_Tables_number                155 
# 
_exptl.entry_id          2XUS 
_exptl.method            'X-RAY DIFFRACTION' 
_exptl.crystals_number   1 
# 
_exptl_crystal.id                    1 
_exptl_crystal.density_meas          ? 
_exptl_crystal.density_Matthews      1.95 
_exptl_crystal.density_percent_sol   37.00 
_exptl_crystal.description           NONE 
# 
_exptl_crystal_grow.crystal_id      1 
_exptl_crystal_grow.method          ? 
_exptl_crystal_grow.temp            ? 
_exptl_crystal_grow.temp_details    ? 
_exptl_crystal_grow.pH              5.25 
_exptl_crystal_grow.pdbx_pH_range   ? 
_exptl_crystal_grow.pdbx_details    '0.1 M SODIUM CITRATE PH 5.25, 1.5 M AMMONIUM SULPHATE' 
# 
_diffrn.id                     1 
_diffrn.ambient_temp           100 
_diffrn.ambient_temp_details   ? 
_diffrn.crystal_id             1 
# 
_diffrn_detector.diffrn_id              1 
_diffrn_detector.detector               CCD 
_diffrn_detector.type                   'ADSC QUANTUM 315r' 
_diffrn_detector.pdbx_collection_date   2008-11-20 
_diffrn_detector.details                MIRRORS 
# 
_diffrn_radiation.diffrn_id                        1 
_diffrn_radiation.wavelength_id                    1 
_diffrn_radiation.pdbx_monochromatic_or_laue_m_l   M 
_diffrn_radiation.monochromator                    'ESRF MONOCHROMATOR AND TORODIAL FOCUSING MIRROR' 
_diffrn_radiation.pdbx_diffrn_protocol             'SINGLE WAVELENGTH' 
_diffrn_radiation.pdbx_scattering_type             x-ray 
# 
_diffrn_radiation_wavelength.id           1 
_diffrn_radiation_wavelength.wavelength   1.2785 
_diffrn_radiation_wavelength.wt           1.0 
# 
_diffrn_source.diffrn_id                   1 
_diffrn_source.source                      SYNCHROTRON 
_diffrn_source.type                        'ESRF BEAMLINE ID14-4' 
_diffrn_source.pdbx_synchrotron_site       ESRF 
_diffrn_source.pdbx_synchrotron_beamline   ID14-4 
_diffrn_source.pdbx_wavelength             1.2785 
_diffrn_source.pdbx_wavelength_list        ? 
# 
_reflns.pdbx_diffrn_id               1 
_reflns.pdbx_ordinal                 1 
_reflns.entry_id                     2XUS 
_reflns.observed_criterion_sigma_I   -3.0 
_reflns.observed_criterion_sigma_F   ? 
_reflns.d_resolution_low             48.70 
_reflns.d_resolution_high            1.91 
_reflns.number_obs                   7517 
_reflns.number_all                   ? 
_reflns.percent_possible_obs         99.7 
_reflns.pdbx_Rmerge_I_obs            0.04 
_reflns.pdbx_Rsym_value              ? 
_reflns.pdbx_netI_over_sigmaI        79.30 
_reflns.B_iso_Wilson_estimate        33.3 
_reflns.pdbx_redundancy              40.4 
# 
_reflns_shell.pdbx_diffrn_id         1 
_reflns_shell.pdbx_ordinal           1 
_reflns_shell.d_res_high             1.91 
_reflns_shell.d_res_low              2.02 
_reflns_shell.percent_possible_all   100.0 
_reflns_shell.Rmerge_I_obs           0.28 
_reflns_shell.pdbx_Rsym_value        ? 
_reflns_shell.meanI_over_sigI_obs    14.50 
_reflns_shell.pdbx_redundancy        30.9 
# 
_refine.pdbx_refine_id                           'X-RAY DIFFRACTION' 
_refine.entry_id                                 2XUS 
_refine.pdbx_diffrn_id                           1 
_refine.pdbx_TLS_residual_ADP_flag               ? 
_refine.ls_number_reflns_obs                     7517 
_refine.ls_number_reflns_all                     ? 
_refine.pdbx_ls_sigma_I                          ? 
_refine.pdbx_ls_sigma_F                          . 
_refine.pdbx_data_cutoff_high_absF               ? 
_refine.pdbx_data_cutoff_low_absF                ? 
_refine.pdbx_data_cutoff_high_rms_absF           ? 
_refine.ls_d_res_low                             48.701 
_refine.ls_d_res_high                            1.912 
_refine.ls_percent_reflns_obs                    99.602 
_refine.ls_R_factor_obs                          0.204 
_refine.ls_R_factor_all                          ? 
_refine.ls_R_factor_R_work                       0.2000 
_refine.ls_R_factor_R_free                       0.2754 
_refine.ls_R_factor_R_free_error                 ? 
_refine.ls_R_factor_R_free_error_details         ? 
_refine.ls_percent_reflns_R_free                 4.63 
_refine.ls_number_reflns_R_free                  346 
_refine.ls_number_parameters                     ? 
_refine.ls_number_restraints                     ? 
_refine.occupancy_min                            ? 
_refine.occupancy_max                            ? 
_refine.correlation_coeff_Fo_to_Fc               0.949 
_refine.correlation_coeff_Fo_to_Fc_free          0.909 
_refine.B_iso_mean                               43.555 
_refine.aniso_B[1][1]                            0.128 
_refine.aniso_B[2][2]                            0.128 
_refine.aniso_B[3][3]                            -0.191 
_refine.aniso_B[1][2]                            0.064 
_refine.aniso_B[1][3]                            0.000 
_refine.aniso_B[2][3]                            0.000 
_refine.solvent_model_details                    'BABINET MODEL PLUS MASK' 
_refine.solvent_model_param_ksol                 ? 
_refine.solvent_model_param_bsol                 ? 
_refine.pdbx_solvent_vdw_probe_radii             1.200 
_refine.pdbx_solvent_ion_probe_radii             0.800 
_refine.pdbx_solvent_shrinkage_radii             0.8 
_refine.pdbx_ls_cross_valid_method               THROUGHOUT 
_refine.details                                  
;HYDROGENS HAVE BEEN ADDED IN THE RIDING POSITIONS. RESIDUES 51-53 AND 95-98 IN CHAIN A AND 91-98 IN CHAIN B ARE DISORDERED, SER INSERTED AT THE N-TERMINUS IS DISORDERED IN BOTH CHAINS.
;
_refine.pdbx_starting_model                      'PDB ENTRY 2CCF' 
_refine.pdbx_method_to_determine_struct          'MOLECULAR REPLACEMENT' 
_refine.pdbx_isotropic_thermal_model             ? 
_refine.pdbx_stereochemistry_target_values       'MAXIMUM LIKELIHOOD' 
_refine.pdbx_stereochem_target_val_spec_case     ? 
_refine.pdbx_R_Free_selection_details            RANDOM 
_refine.pdbx_overall_ESU_R                       0.176 
_refine.pdbx_overall_ESU_R_Free                  0.180 
_refine.overall_SU_ML                            0.112 
_refine.pdbx_overall_phase_error                 ? 
_refine.overall_SU_B                             7.288 
_refine.overall_SU_R_Cruickshank_DPI             ? 
_refine.pdbx_overall_SU_R_free_Cruickshank_DPI   ? 
_refine.pdbx_overall_SU_R_Blow_DPI               ? 
_refine.pdbx_overall_SU_R_free_Blow_DPI          ? 
# 
_refine_hist.pdbx_refine_id                   'X-RAY DIFFRACTION' 
_refine_hist.cycle_id                         LAST 
_refine_hist.pdbx_number_atoms_protein        706 
_refine_hist.pdbx_number_atoms_nucleic_acid   0 
_refine_hist.pdbx_number_atoms_ligand         7 
_refine_hist.number_atoms_solvent             68 
_refine_hist.number_atoms_total               781 
_refine_hist.d_res_high                       1.912 
_refine_hist.d_res_low                        48.701 
# 
loop_
_refine_ls_restr.type 
_refine_ls_restr.dev_ideal 
_refine_ls_restr.dev_ideal_target 
_refine_ls_restr.weight 
_refine_ls_restr.number 
_refine_ls_restr.pdbx_refine_id 
_refine_ls_restr.pdbx_restraint_function 
r_bond_refined_d             0.018  0.022  ? 743 'X-RAY DIFFRACTION' ? 
r_bond_other_d               ?      ?      ? ?   'X-RAY DIFFRACTION' ? 
r_angle_refined_deg          1.478  2.026  ? 990 'X-RAY DIFFRACTION' ? 
r_angle_other_deg            ?      ?      ? ?   'X-RAY DIFFRACTION' ? 
r_dihedral_angle_1_deg       3.290  5.000  ? 91  'X-RAY DIFFRACTION' ? 
r_dihedral_angle_2_deg       39.573 22.667 ? 45  'X-RAY DIFFRACTION' ? 
r_dihedral_angle_3_deg       19.820 15.000 ? 175 'X-RAY DIFFRACTION' ? 
r_dihedral_angle_4_deg       11.749 15.000 ? 14  'X-RAY DIFFRACTION' ? 
r_chiral_restr               0.105  0.200  ? 105 'X-RAY DIFFRACTION' ? 
r_gen_planes_refined         0.007  0.020  ? 550 'X-RAY DIFFRACTION' ? 
r_gen_planes_other           ?      ?      ? ?   'X-RAY DIFFRACTION' ? 
r_nbd_refined                0.224  0.200  ? 319 'X-RAY DIFFRACTION' ? 
r_nbd_other                  ?      ?      ? ?   'X-RAY DIFFRACTION' ? 
r_nbtor_refined              0.296  0.200  ? 506 'X-RAY DIFFRACTION' ? 
r_nbtor_other                ?      ?      ? ?   'X-RAY DIFFRACTION' ? 
r_xyhbond_nbd_refined        0.261  0.200  ? 63  'X-RAY DIFFRACTION' ? 
r_xyhbond_nbd_other          ?      ?      ? ?   'X-RAY DIFFRACTION' ? 
r_metal_ion_refined          ?      ?      ? ?   'X-RAY DIFFRACTION' ? 
r_metal_ion_other            ?      ?      ? ?   'X-RAY DIFFRACTION' ? 
r_symmetry_vdw_refined       0.249  0.200  ? 55  'X-RAY DIFFRACTION' ? 
r_symmetry_vdw_other         ?      ?      ? ?   'X-RAY DIFFRACTION' ? 
r_symmetry_hbond_refined     0.152  0.200  ? 20  'X-RAY DIFFRACTION' ? 
r_symmetry_hbond_other       ?      ?      ? ?   'X-RAY DIFFRACTION' ? 
r_symmetry_metal_ion_refined ?      ?      ? ?   'X-RAY DIFFRACTION' ? 
r_symmetry_metal_ion_other   ?      ?      ? ?   'X-RAY DIFFRACTION' ? 
r_mcbond_it                  1.072  1.500  ? 440 'X-RAY DIFFRACTION' ? 
r_mcbond_other               ?      ?      ? ?   'X-RAY DIFFRACTION' ? 
r_mcangle_it                 1.560  2.000  ? 678 'X-RAY DIFFRACTION' ? 
r_mcangle_other              ?      ?      ? ?   'X-RAY DIFFRACTION' ? 
r_scbond_it                  2.452  3.000  ? 333 'X-RAY DIFFRACTION' ? 
r_scbond_other               ?      ?      ? ?   'X-RAY DIFFRACTION' ? 
r_scangle_it                 3.574  4.500  ? 306 'X-RAY DIFFRACTION' ? 
r_scangle_other              ?      ?      ? ?   'X-RAY DIFFRACTION' ? 
r_long_range_B_refined       ?      ?      ? ?   'X-RAY DIFFRACTION' ? 
r_long_range_B_other         ?      ?      ? ?   'X-RAY DIFFRACTION' ? 
r_rigid_bond_restr           ?      ?      ? ?   'X-RAY DIFFRACTION' ? 
r_sphericity_free            ?      ?      ? ?   'X-RAY DIFFRACTION' ? 
r_sphericity_bonded          ?      ?      ? ?   'X-RAY DIFFRACTION' ? 
# 
_refine_ls_shell.pdbx_refine_id                   'X-RAY DIFFRACTION' 
_refine_ls_shell.pdbx_total_number_of_bins_used   20 
_refine_ls_shell.d_res_high                       1.912 
_refine_ls_shell.d_res_low                        1.961 
_refine_ls_shell.number_reflns_R_work             529 
_refine_ls_shell.R_factor_R_work                  0.199 
_refine_ls_shell.percent_reflns_obs               99.819 
_refine_ls_shell.R_factor_R_free                  0.191 
_refine_ls_shell.R_factor_R_free_error            ? 
_refine_ls_shell.percent_reflns_R_free            ? 
_refine_ls_shell.number_reflns_R_free             22 
_refine_ls_shell.number_reflns_all                ? 
_refine_ls_shell.R_factor_all                     ? 
# 
_struct_ncs_oper.id             1 
_struct_ncs_oper.code           given 
_struct_ncs_oper.details        ? 
_struct_ncs_oper.matrix[1][1]   -0.99995173 
_struct_ncs_oper.matrix[1][2]   -0.01201462 
_struct_ncs_oper.matrix[1][3]   0.00221557 
_struct_ncs_oper.matrix[2][1]   -0.00518594 
_struct_ncs_oper.matrix[2][2]   0.24582129 
_struct_ncs_oper.matrix[2][3]   -0.96935321 
_struct_ncs_oper.matrix[3][1]   0.01114976 
_struct_ncs_oper.matrix[3][2]   -0.96925671 
_struct_ncs_oper.matrix[3][3]   -0.24586956 
_struct_ncs_oper.vector[1]      1.23199 
_struct_ncs_oper.vector[2]      2.82207 
_struct_ncs_oper.vector[3]      3.89794 
# 
_struct.entry_id                  2XUS 
_struct.title                     'Crystal Structure of the BRMS1 N-terminal region' 
_struct.pdbx_model_details        ? 
_struct.pdbx_CASP_flag            ? 
_struct.pdbx_model_type_details   ? 
# 
_struct_keywords.entry_id        2XUS 
_struct_keywords.pdbx_keywords   'PROTEIN BINDING' 
_struct_keywords.text            'PROTEIN BINDING, BREAST CANCER METASTASIS' 
# 
loop_
_struct_asym.id 
_struct_asym.pdbx_blank_PDB_chainid_flag 
_struct_asym.pdbx_modified 
_struct_asym.entity_id 
_struct_asym.details 
A N N 1 ? 
B N N 1 ? 
C N N 2 ? 
D N N 3 ? 
E N N 2 ? 
F N N 4 ? 
G N N 4 ? 
# 
_struct_ref.id                         1 
_struct_ref.db_name                    UNP 
_struct_ref.db_code                    BRMS1_HUMAN 
_struct_ref.entity_id                  1 
_struct_ref.pdbx_seq_one_letter_code   ? 
_struct_ref.pdbx_align_begin           ? 
_struct_ref.pdbx_db_accession          Q9HCU9 
_struct_ref.pdbx_db_isoform            ? 
# 
loop_
_struct_ref_seq.align_id 
_struct_ref_seq.ref_id 
_struct_ref_seq.pdbx_PDB_id_code 
_struct_ref_seq.pdbx_strand_id 
_struct_ref_seq.seq_align_beg 
_struct_ref_seq.pdbx_seq_align_beg_ins_code 
_struct_ref_seq.seq_align_end 
_struct_ref_seq.pdbx_seq_align_end_ins_code 
_struct_ref_seq.pdbx_db_accession 
_struct_ref_seq.db_align_beg 
_struct_ref_seq.pdbx_db_align_beg_ins_code 
_struct_ref_seq.db_align_end 
_struct_ref_seq.pdbx_db_align_end_ins_code 
_struct_ref_seq.pdbx_auth_seq_align_beg 
_struct_ref_seq.pdbx_auth_seq_align_end 
1 1 2XUS A 2 ? 49 ? Q9HCU9 51 ? 98 ? 51 98 
2 1 2XUS B 2 ? 49 ? Q9HCU9 51 ? 98 ? 51 98 
# 
loop_
_struct_ref_seq_dif.align_id 
_struct_ref_seq_dif.pdbx_pdb_id_code 
_struct_ref_seq_dif.mon_id 
_struct_ref_seq_dif.pdbx_pdb_strand_id 
_struct_ref_seq_dif.seq_num 
_struct_ref_seq_dif.pdbx_pdb_ins_code 
_struct_ref_seq_dif.pdbx_seq_db_name 
_struct_ref_seq_dif.pdbx_seq_db_accession_code 
_struct_ref_seq_dif.db_mon_id 
_struct_ref_seq_dif.pdbx_seq_db_seq_num 
_struct_ref_seq_dif.details 
_struct_ref_seq_dif.pdbx_auth_seq_num 
_struct_ref_seq_dif.pdbx_ordinal 
1 2XUS SER A 1 ? UNP Q9HCU9 ? ? 'expression tag' 50 1 
2 2XUS SER B 1 ? UNP Q9HCU9 ? ? 'expression tag' 50 2 
# 
loop_
_pdbx_struct_assembly.id 
_pdbx_struct_assembly.details 
_pdbx_struct_assembly.method_details 
_pdbx_struct_assembly.oligomeric_details 
_pdbx_struct_assembly.oligomeric_count 
1 software_defined_assembly PISA hexameric 6 
2 software_defined_assembly PISA dimeric   2 
# 
loop_
_pdbx_struct_assembly_prop.biol_id 
_pdbx_struct_assembly_prop.type 
_pdbx_struct_assembly_prop.value 
_pdbx_struct_assembly_prop.details 
1 'ABSA (A^2)' 14360  ? 
1 MORE         -160.0 ? 
1 'SSA (A^2)'  13210  ? 
2 'ABSA (A^2)' 2410   ? 
2 MORE         -35.2  ? 
2 'SSA (A^2)'  6780   ? 
# 
loop_
_pdbx_struct_assembly_gen.assembly_id 
_pdbx_struct_assembly_gen.oper_expression 
_pdbx_struct_assembly_gen.asym_id_list 
1 1,2,3 A,B,C,D,E,F,G 
2 1     A,B,C,D,E,F,G 
# 
loop_
_pdbx_struct_oper_list.id 
_pdbx_struct_oper_list.type 
_pdbx_struct_oper_list.name 
_pdbx_struct_oper_list.symmetry_operation 
_pdbx_struct_oper_list.matrix[1][1] 
_pdbx_struct_oper_list.matrix[1][2] 
_pdbx_struct_oper_list.matrix[1][3] 
_pdbx_struct_oper_list.vector[1] 
_pdbx_struct_oper_list.matrix[2][1] 
_pdbx_struct_oper_list.matrix[2][2] 
_pdbx_struct_oper_list.matrix[2][3] 
_pdbx_struct_oper_list.vector[2] 
_pdbx_struct_oper_list.matrix[3][1] 
_pdbx_struct_oper_list.matrix[3][2] 
_pdbx_struct_oper_list.matrix[3][3] 
_pdbx_struct_oper_list.vector[3] 
1 'identity operation'         1_555 x,y,z       1.0000000000  0.0000000000  0.0000000000 0.0000000000  0.0000000000  1.0000000000  0.0000000000 0.0000000000   0.0000000000 0.0000000000 1.0000000000 0.0000000000  
2 'crystal symmetry operation' 2_565 -y,x-y+1,z  -0.0466640649 -0.1403582040 0.9890005256 -6.4902381501 0.9946853091  -0.0974978234 0.0330954732 -5.9883777717  0.0917801774 0.9852886628 0.1441618883 10.1783366200 
3 'crystal symmetry operation' 3_455 -x+y-1,-x,z -0.0466640649 0.9946853091  0.0917801774 4.7195209606  -0.1403582040 -0.0974978234 0.9852886628 -11.5234116470 0.9890005256 0.0330954732 0.1441618883 5.1497089105 
# 
_struct_biol.id   1 
# 
loop_
_struct_conf.conf_type_id 
_struct_conf.id 
_struct_conf.pdbx_PDB_helix_id 
_struct_conf.beg_label_comp_id 
_struct_conf.beg_label_asym_id 
_struct_conf.beg_label_seq_id 
_struct_conf.pdbx_beg_PDB_ins_code 
_struct_conf.end_label_comp_id 
_struct_conf.end_label_asym_id 
_struct_conf.end_label_seq_id 
_struct_conf.pdbx_end_PDB_ins_code 
_struct_conf.beg_auth_comp_id 
_struct_conf.beg_auth_asym_id 
_struct_conf.beg_auth_seq_id 
_struct_conf.end_auth_comp_id 
_struct_conf.end_auth_asym_id 
_struct_conf.end_auth_seq_id 
_struct_conf.pdbx_PDB_helix_class 
_struct_conf.details 
_struct_conf.pdbx_PDB_helix_length 
HELX_P HELX_P1 1 GLU A 5 ? GLY A 45 ? GLU A 54 GLY A 94 1 ? 41 
HELX_P HELX_P2 2 GLU B 2 ? ARG B 40 ? GLU B 51 ARG B 89 1 ? 39 
# 
_struct_conf_type.id          HELX_P 
_struct_conf_type.criteria    ? 
_struct_conf_type.reference   ? 
# 
loop_
_struct_conn.id 
_struct_conn.conn_type_id 
_struct_conn.pdbx_leaving_atom_flag 
_struct_conn.pdbx_PDB_id 
_struct_conn.ptnr1_label_asym_id 
_struct_conn.ptnr1_label_comp_id 
_struct_conn.ptnr1_label_seq_id 
_struct_conn.ptnr1_label_atom_id 
_struct_conn.pdbx_ptnr1_label_alt_id 
_struct_conn.pdbx_ptnr1_PDB_ins_code 
_struct_conn.pdbx_ptnr1_standard_comp_id 
_struct_conn.ptnr1_symmetry 
_struct_conn.ptnr2_label_asym_id 
_struct_conn.ptnr2_label_comp_id 
_struct_conn.ptnr2_label_seq_id 
_struct_conn.ptnr2_label_atom_id 
_struct_conn.pdbx_ptnr2_label_alt_id 
_struct_conn.pdbx_ptnr2_PDB_ins_code 
_struct_conn.ptnr1_auth_asym_id 
_struct_conn.ptnr1_auth_comp_id 
_struct_conn.ptnr1_auth_seq_id 
_struct_conn.ptnr2_auth_asym_id 
_struct_conn.ptnr2_auth_comp_id 
_struct_conn.ptnr2_auth_seq_id 
_struct_conn.ptnr2_symmetry 
_struct_conn.pdbx_ptnr3_label_atom_id 
_struct_conn.pdbx_ptnr3_label_seq_id 
_struct_conn.pdbx_ptnr3_label_comp_id 
_struct_conn.pdbx_ptnr3_label_asym_id 
_struct_conn.pdbx_ptnr3_label_alt_id 
_struct_conn.pdbx_ptnr3_PDB_ins_code 
_struct_conn.details 
_struct_conn.pdbx_dist_value 
_struct_conn.pdbx_value_order 
_struct_conn.pdbx_role 
disulf1 disulf ? ? A CYS 11 SG A ? ? 1_555 A CYS 11 SG A ? A CYS 60 A CYS 60 2_565 ? ? ? ? ? ? ? 2.055 ? ? 
disulf2 disulf ? ? B CYS 11 SG A ? ? 1_555 B CYS 11 SG A ? B CYS 60 B CYS 60 2_565 ? ? ? ? ? ? ? 2.245 ? ? 
# 
_struct_conn_type.id          disulf 
_struct_conn_type.criteria    ? 
_struct_conn_type.reference   ? 
# 
loop_
_pdbx_modification_feature.ordinal 
_pdbx_modification_feature.label_comp_id 
_pdbx_modification_feature.label_asym_id 
_pdbx_modification_feature.label_seq_id 
_pdbx_modification_feature.label_alt_id 
_pdbx_modification_feature.modified_residue_label_comp_id 
_pdbx_modification_feature.modified_residue_label_asym_id 
_pdbx_modification_feature.modified_residue_label_seq_id 
_pdbx_modification_feature.modified_residue_label_alt_id 
_pdbx_modification_feature.auth_comp_id 
_pdbx_modification_feature.auth_asym_id 
_pdbx_modification_feature.auth_seq_id 
_pdbx_modification_feature.PDB_ins_code 
_pdbx_modification_feature.symmetry 
_pdbx_modification_feature.modified_residue_auth_comp_id 
_pdbx_modification_feature.modified_residue_auth_asym_id 
_pdbx_modification_feature.modified_residue_auth_seq_id 
_pdbx_modification_feature.modified_residue_PDB_ins_code 
_pdbx_modification_feature.modified_residue_symmetry 
_pdbx_modification_feature.comp_id_linking_atom 
_pdbx_modification_feature.modified_residue_id_linking_atom 
_pdbx_modification_feature.modified_residue_id 
_pdbx_modification_feature.ref_pcm_id 
_pdbx_modification_feature.ref_comp_id 
_pdbx_modification_feature.type 
_pdbx_modification_feature.category 
1 CYS A 11 A CYS A 11 A CYS A 60 ? 1_555 CYS A 60 ? 2_565 SG SG . . . None 'Disulfide bridge' 
2 CYS B 11 A CYS B 11 A CYS B 60 ? 1_555 CYS B 60 ? 2_565 SG SG . . . None 'Disulfide bridge' 
# 
loop_
_struct_site.id 
_struct_site.pdbx_evidence_code 
_struct_site.pdbx_auth_asym_id 
_struct_site.pdbx_auth_comp_id 
_struct_site.pdbx_auth_seq_id 
_struct_site.pdbx_auth_ins_code 
_struct_site.pdbx_num_residues 
_struct_site.details 
AC1 Software A CL  1095 ? 2 'BINDING SITE FOR RESIDUE CL A 1095'  
AC2 Software A SO4 1096 ? 4 'BINDING SITE FOR RESIDUE SO4 A 1096' 
# 
loop_
_struct_site_gen.id 
_struct_site_gen.site_id 
_struct_site_gen.pdbx_num_res 
_struct_site_gen.label_comp_id 
_struct_site_gen.label_asym_id 
_struct_site_gen.label_seq_id 
_struct_site_gen.pdbx_auth_ins_code 
_struct_site_gen.auth_comp_id 
_struct_site_gen.auth_asym_id 
_struct_site_gen.auth_seq_id 
_struct_site_gen.label_atom_id 
_struct_site_gen.label_alt_id 
_struct_site_gen.symmetry 
_struct_site_gen.details 
1 AC1 2 ARG A 33 ? ARG A 82   . ? 1_555 ? 
2 AC1 2 ARG A 40 ? ARG A 89   . ? 1_555 ? 
3 AC2 4 ARG A 31 ? ARG A 80   . ? 1_555 ? 
4 AC2 4 ARG A 38 ? ARG A 87   . ? 1_555 ? 
5 AC2 4 SER B 13 ? SER B 62   . ? 1_555 ? 
6 AC2 4 HOH G .  ? HOH B 2009 . ? 1_555 ? 
# 
_pdbx_entry_details.entry_id                   2XUS 
_pdbx_entry_details.compound_details           ? 
_pdbx_entry_details.source_details             ? 
_pdbx_entry_details.nonpolymer_details         ? 
_pdbx_entry_details.sequence_details           '1 RESIDUE (SER) INSERTED AT THE N-TERMINUS' 
_pdbx_entry_details.has_ligand_of_interest     ? 
_pdbx_entry_details.has_protein_modification   Y 
# 
loop_
_pdbx_validate_close_contact.id 
_pdbx_validate_close_contact.PDB_model_num 
_pdbx_validate_close_contact.auth_atom_id_1 
_pdbx_validate_close_contact.auth_asym_id_1 
_pdbx_validate_close_contact.auth_comp_id_1 
_pdbx_validate_close_contact.auth_seq_id_1 
_pdbx_validate_close_contact.PDB_ins_code_1 
_pdbx_validate_close_contact.label_alt_id_1 
_pdbx_validate_close_contact.auth_atom_id_2 
_pdbx_validate_close_contact.auth_asym_id_2 
_pdbx_validate_close_contact.auth_comp_id_2 
_pdbx_validate_close_contact.auth_seq_id_2 
_pdbx_validate_close_contact.PDB_ins_code_2 
_pdbx_validate_close_contact.label_alt_id_2 
_pdbx_validate_close_contact.dist 
1 1 OE2 B GLU 63   ? ? O B HOH 2008 ? ? 1.96 
2 1 O   A HOH 2015 ? ? O A HOH 2018 ? ? 2.05 
# 
_pdbx_validate_rmsd_bond.id                        1 
_pdbx_validate_rmsd_bond.PDB_model_num             1 
_pdbx_validate_rmsd_bond.auth_atom_id_1            CZ 
_pdbx_validate_rmsd_bond.auth_asym_id_1            A 
_pdbx_validate_rmsd_bond.auth_comp_id_1            ARG 
_pdbx_validate_rmsd_bond.auth_seq_id_1             55 
_pdbx_validate_rmsd_bond.PDB_ins_code_1            ? 
_pdbx_validate_rmsd_bond.label_alt_id_1            ? 
_pdbx_validate_rmsd_bond.auth_atom_id_2            NH1 
_pdbx_validate_rmsd_bond.auth_asym_id_2            A 
_pdbx_validate_rmsd_bond.auth_comp_id_2            ARG 
_pdbx_validate_rmsd_bond.auth_seq_id_2             55 
_pdbx_validate_rmsd_bond.PDB_ins_code_2            ? 
_pdbx_validate_rmsd_bond.label_alt_id_2            ? 
_pdbx_validate_rmsd_bond.bond_value                1.428 
_pdbx_validate_rmsd_bond.bond_target_value         1.326 
_pdbx_validate_rmsd_bond.bond_deviation            0.102 
_pdbx_validate_rmsd_bond.bond_standard_deviation   0.013 
_pdbx_validate_rmsd_bond.linker_flag               N 
# 
_pdbx_validate_rmsd_angle.id                         1 
_pdbx_validate_rmsd_angle.PDB_model_num              1 
_pdbx_validate_rmsd_angle.auth_atom_id_1             NE 
_pdbx_validate_rmsd_angle.auth_asym_id_1             A 
_pdbx_validate_rmsd_angle.auth_comp_id_1             ARG 
_pdbx_validate_rmsd_angle.auth_seq_id_1              55 
_pdbx_validate_rmsd_angle.PDB_ins_code_1             ? 
_pdbx_validate_rmsd_angle.label_alt_id_1             ? 
_pdbx_validate_rmsd_angle.auth_atom_id_2             CZ 
_pdbx_validate_rmsd_angle.auth_asym_id_2             A 
_pdbx_validate_rmsd_angle.auth_comp_id_2             ARG 
_pdbx_validate_rmsd_angle.auth_seq_id_2              55 
_pdbx_validate_rmsd_angle.PDB_ins_code_2             ? 
_pdbx_validate_rmsd_angle.label_alt_id_2             ? 
_pdbx_validate_rmsd_angle.auth_atom_id_3             NH2 
_pdbx_validate_rmsd_angle.auth_asym_id_3             A 
_pdbx_validate_rmsd_angle.auth_comp_id_3             ARG 
_pdbx_validate_rmsd_angle.auth_seq_id_3              55 
_pdbx_validate_rmsd_angle.PDB_ins_code_3             ? 
_pdbx_validate_rmsd_angle.label_alt_id_3             ? 
_pdbx_validate_rmsd_angle.angle_value                116.84 
_pdbx_validate_rmsd_angle.angle_target_value         120.30 
_pdbx_validate_rmsd_angle.angle_deviation            -3.46 
_pdbx_validate_rmsd_angle.angle_standard_deviation   0.50 
_pdbx_validate_rmsd_angle.linker_flag                N 
# 
_pdbx_struct_special_symmetry.id              1 
_pdbx_struct_special_symmetry.PDB_model_num   1 
_pdbx_struct_special_symmetry.auth_asym_id    B 
_pdbx_struct_special_symmetry.auth_comp_id    HOH 
_pdbx_struct_special_symmetry.auth_seq_id     2014 
_pdbx_struct_special_symmetry.PDB_ins_code    ? 
_pdbx_struct_special_symmetry.label_asym_id   G 
_pdbx_struct_special_symmetry.label_comp_id   HOH 
_pdbx_struct_special_symmetry.label_seq_id    . 
# 
loop_
_pdbx_refine_tls.pdbx_refine_id 
_pdbx_refine_tls.id 
_pdbx_refine_tls.details 
_pdbx_refine_tls.method 
_pdbx_refine_tls.origin_x 
_pdbx_refine_tls.origin_y 
_pdbx_refine_tls.origin_z 
_pdbx_refine_tls.T[1][1] 
_pdbx_refine_tls.T[2][2] 
_pdbx_refine_tls.T[3][3] 
_pdbx_refine_tls.T[1][2] 
_pdbx_refine_tls.T[1][3] 
_pdbx_refine_tls.T[2][3] 
_pdbx_refine_tls.L[1][1] 
_pdbx_refine_tls.L[2][2] 
_pdbx_refine_tls.L[3][3] 
_pdbx_refine_tls.L[1][2] 
_pdbx_refine_tls.L[1][3] 
_pdbx_refine_tls.L[2][3] 
_pdbx_refine_tls.S[1][1] 
_pdbx_refine_tls.S[1][2] 
_pdbx_refine_tls.S[1][3] 
_pdbx_refine_tls.S[2][1] 
_pdbx_refine_tls.S[2][2] 
_pdbx_refine_tls.S[2][3] 
_pdbx_refine_tls.S[3][1] 
_pdbx_refine_tls.S[3][2] 
_pdbx_refine_tls.S[3][3] 
'X-RAY DIFFRACTION' 1 ? refined 8.6996  9.2867   15.5824  -0.0205 -0.0362 -0.0828 -0.0877 -0.0592 -0.0487 12.1985 14.4558 42.3215 -5.3424 -5.4570 17.0221 -0.4374 -1.1598 0.4479  0.9732  0.7238  -0.5012 -0.9888 2.3290  -0.2864 
'X-RAY DIFFRACTION' 2 ? refined 1.6401  -6.0114  -9.9573  -0.2616 -0.2231 -0.2483 0.0336  0.0209  0.0312  6.2446  10.1172 28.0791 4.4825  8.2919  14.9399 -0.1320 -0.1966 0.1211  -0.1649 0.0196  0.0684  0.2093  0.0824  0.1124  
'X-RAY DIFFRACTION' 3 ? refined -7.5459 -13.1625 -11.4191 -0.1280 -0.1056 -0.0735 -0.0734 0.0195  -0.0702 8.3954  30.3236 24.9840 2.0598  -2.9713 19.3173 -0.5488 0.6898  -0.9996 -0.3669 -0.3988 0.9903  1.2796  -1.0655 0.9476  
'X-RAY DIFFRACTION' 4 ? refined -1.8704 8.9386   9.0811   -0.1239 -0.2225 -0.0661 -0.0073 0.0116  -0.0014 7.1975  18.9194 22.1644 9.5215  11.1861 19.2188 -0.1388 -0.0416 0.3201  0.3019  0.0459  0.0145  -0.3971 -0.0351 0.0930 
# 
loop_
_pdbx_refine_tls_group.pdbx_refine_id 
_pdbx_refine_tls_group.id 
_pdbx_refine_tls_group.refine_tls_id 
_pdbx_refine_tls_group.beg_auth_asym_id 
_pdbx_refine_tls_group.beg_auth_seq_id 
_pdbx_refine_tls_group.beg_label_asym_id 
_pdbx_refine_tls_group.beg_label_seq_id 
_pdbx_refine_tls_group.end_auth_asym_id 
_pdbx_refine_tls_group.end_auth_seq_id 
_pdbx_refine_tls_group.end_label_asym_id 
_pdbx_refine_tls_group.end_label_seq_id 
_pdbx_refine_tls_group.selection 
_pdbx_refine_tls_group.selection_details 
'X-RAY DIFFRACTION' 1 1 A 54 ? ? A 67 ? ? ? ? 
'X-RAY DIFFRACTION' 2 2 A 68 ? ? A 94 ? ? ? ? 
'X-RAY DIFFRACTION' 3 3 B 51 ? ? B 65 ? ? ? ? 
'X-RAY DIFFRACTION' 4 4 B 66 ? ? B 90 ? ? ? ? 
# 
loop_
_pdbx_unobs_or_zero_occ_residues.id 
_pdbx_unobs_or_zero_occ_residues.PDB_model_num 
_pdbx_unobs_or_zero_occ_residues.polymer_flag 
_pdbx_unobs_or_zero_occ_residues.occupancy_flag 
_pdbx_unobs_or_zero_occ_residues.auth_asym_id 
_pdbx_unobs_or_zero_occ_residues.auth_comp_id 
_pdbx_unobs_or_zero_occ_residues.auth_seq_id 
_pdbx_unobs_or_zero_occ_residues.PDB_ins_code 
_pdbx_unobs_or_zero_occ_residues.label_asym_id 
_pdbx_unobs_or_zero_occ_residues.label_comp_id 
_pdbx_unobs_or_zero_occ_residues.label_seq_id 
1  1 Y 1 A SER 50 ? A SER 1  
2  1 Y 1 A GLU 51 ? A GLU 2  
3  1 Y 1 A ASP 52 ? A ASP 3  
4  1 Y 1 A TYR 53 ? A TYR 4  
5  1 Y 1 A ALA 95 ? A ALA 46 
6  1 Y 1 A GLU 96 ? A GLU 47 
7  1 Y 1 A ARG 97 ? A ARG 48 
8  1 Y 1 A ALA 98 ? A ALA 49 
9  1 Y 1 B SER 50 ? B SER 1  
10 1 Y 1 B GLU 91 ? B GLU 42 
11 1 Y 1 B GLU 92 ? B GLU 43 
12 1 Y 1 B VAL 93 ? B VAL 44 
13 1 Y 1 B GLY 94 ? B GLY 45 
14 1 Y 1 B ALA 95 ? B ALA 46 
15 1 Y 1 B GLU 96 ? B GLU 47 
16 1 Y 1 B ARG 97 ? B ARG 48 
17 1 Y 1 B ALA 98 ? B ALA 49 
# 
loop_
_chem_comp_atom.comp_id 
_chem_comp_atom.atom_id 
_chem_comp_atom.type_symbol 
_chem_comp_atom.pdbx_aromatic_flag 
_chem_comp_atom.pdbx_stereo_config 
_chem_comp_atom.pdbx_ordinal 
ALA N    N  N N 1   
ALA CA   C  N S 2   
ALA C    C  N N 3   
ALA O    O  N N 4   
ALA CB   C  N N 5   
ALA OXT  O  N N 6   
ALA H    H  N N 7   
ALA H2   H  N N 8   
ALA HA   H  N N 9   
ALA HB1  H  N N 10  
ALA HB2  H  N N 11  
ALA HB3  H  N N 12  
ALA HXT  H  N N 13  
ARG N    N  N N 14  
ARG CA   C  N S 15  
ARG C    C  N N 16  
ARG O    O  N N 17  
ARG CB   C  N N 18  
ARG CG   C  N N 19  
ARG CD   C  N N 20  
ARG NE   N  N N 21  
ARG CZ   C  N N 22  
ARG NH1  N  N N 23  
ARG NH2  N  N N 24  
ARG OXT  O  N N 25  
ARG H    H  N N 26  
ARG H2   H  N N 27  
ARG HA   H  N N 28  
ARG HB2  H  N N 29  
ARG HB3  H  N N 30  
ARG HG2  H  N N 31  
ARG HG3  H  N N 32  
ARG HD2  H  N N 33  
ARG HD3  H  N N 34  
ARG HE   H  N N 35  
ARG HH11 H  N N 36  
ARG HH12 H  N N 37  
ARG HH21 H  N N 38  
ARG HH22 H  N N 39  
ARG HXT  H  N N 40  
ASP N    N  N N 41  
ASP CA   C  N S 42  
ASP C    C  N N 43  
ASP O    O  N N 44  
ASP CB   C  N N 45  
ASP CG   C  N N 46  
ASP OD1  O  N N 47  
ASP OD2  O  N N 48  
ASP OXT  O  N N 49  
ASP H    H  N N 50  
ASP H2   H  N N 51  
ASP HA   H  N N 52  
ASP HB2  H  N N 53  
ASP HB3  H  N N 54  
ASP HD2  H  N N 55  
ASP HXT  H  N N 56  
CL  CL   CL N N 57  
CYS N    N  N N 58  
CYS CA   C  N R 59  
CYS C    C  N N 60  
CYS O    O  N N 61  
CYS CB   C  N N 62  
CYS SG   S  N N 63  
CYS OXT  O  N N 64  
CYS H    H  N N 65  
CYS H2   H  N N 66  
CYS HA   H  N N 67  
CYS HB2  H  N N 68  
CYS HB3  H  N N 69  
CYS HG   H  N N 70  
CYS HXT  H  N N 71  
GLN N    N  N N 72  
GLN CA   C  N S 73  
GLN C    C  N N 74  
GLN O    O  N N 75  
GLN CB   C  N N 76  
GLN CG   C  N N 77  
GLN CD   C  N N 78  
GLN OE1  O  N N 79  
GLN NE2  N  N N 80  
GLN OXT  O  N N 81  
GLN H    H  N N 82  
GLN H2   H  N N 83  
GLN HA   H  N N 84  
GLN HB2  H  N N 85  
GLN HB3  H  N N 86  
GLN HG2  H  N N 87  
GLN HG3  H  N N 88  
GLN HE21 H  N N 89  
GLN HE22 H  N N 90  
GLN HXT  H  N N 91  
GLU N    N  N N 92  
GLU CA   C  N S 93  
GLU C    C  N N 94  
GLU O    O  N N 95  
GLU CB   C  N N 96  
GLU CG   C  N N 97  
GLU CD   C  N N 98  
GLU OE1  O  N N 99  
GLU OE2  O  N N 100 
GLU OXT  O  N N 101 
GLU H    H  N N 102 
GLU H2   H  N N 103 
GLU HA   H  N N 104 
GLU HB2  H  N N 105 
GLU HB3  H  N N 106 
GLU HG2  H  N N 107 
GLU HG3  H  N N 108 
GLU HE2  H  N N 109 
GLU HXT  H  N N 110 
GLY N    N  N N 111 
GLY CA   C  N N 112 
GLY C    C  N N 113 
GLY O    O  N N 114 
GLY OXT  O  N N 115 
GLY H    H  N N 116 
GLY H2   H  N N 117 
GLY HA2  H  N N 118 
GLY HA3  H  N N 119 
GLY HXT  H  N N 120 
HOH O    O  N N 121 
HOH H1   H  N N 122 
HOH H2   H  N N 123 
LEU N    N  N N 124 
LEU CA   C  N S 125 
LEU C    C  N N 126 
LEU O    O  N N 127 
LEU CB   C  N N 128 
LEU CG   C  N N 129 
LEU CD1  C  N N 130 
LEU CD2  C  N N 131 
LEU OXT  O  N N 132 
LEU H    H  N N 133 
LEU H2   H  N N 134 
LEU HA   H  N N 135 
LEU HB2  H  N N 136 
LEU HB3  H  N N 137 
LEU HG   H  N N 138 
LEU HD11 H  N N 139 
LEU HD12 H  N N 140 
LEU HD13 H  N N 141 
LEU HD21 H  N N 142 
LEU HD22 H  N N 143 
LEU HD23 H  N N 144 
LEU HXT  H  N N 145 
LYS N    N  N N 146 
LYS CA   C  N S 147 
LYS C    C  N N 148 
LYS O    O  N N 149 
LYS CB   C  N N 150 
LYS CG   C  N N 151 
LYS CD   C  N N 152 
LYS CE   C  N N 153 
LYS NZ   N  N N 154 
LYS OXT  O  N N 155 
LYS H    H  N N 156 
LYS H2   H  N N 157 
LYS HA   H  N N 158 
LYS HB2  H  N N 159 
LYS HB3  H  N N 160 
LYS HG2  H  N N 161 
LYS HG3  H  N N 162 
LYS HD2  H  N N 163 
LYS HD3  H  N N 164 
LYS HE2  H  N N 165 
LYS HE3  H  N N 166 
LYS HZ1  H  N N 167 
LYS HZ2  H  N N 168 
LYS HZ3  H  N N 169 
LYS HXT  H  N N 170 
MET N    N  N N 171 
MET CA   C  N S 172 
MET C    C  N N 173 
MET O    O  N N 174 
MET CB   C  N N 175 
MET CG   C  N N 176 
MET SD   S  N N 177 
MET CE   C  N N 178 
MET OXT  O  N N 179 
MET H    H  N N 180 
MET H2   H  N N 181 
MET HA   H  N N 182 
MET HB2  H  N N 183 
MET HB3  H  N N 184 
MET HG2  H  N N 185 
MET HG3  H  N N 186 
MET HE1  H  N N 187 
MET HE2  H  N N 188 
MET HE3  H  N N 189 
MET HXT  H  N N 190 
PHE N    N  N N 191 
PHE CA   C  N S 192 
PHE C    C  N N 193 
PHE O    O  N N 194 
PHE CB   C  N N 195 
PHE CG   C  Y N 196 
PHE CD1  C  Y N 197 
PHE CD2  C  Y N 198 
PHE CE1  C  Y N 199 
PHE CE2  C  Y N 200 
PHE CZ   C  Y N 201 
PHE OXT  O  N N 202 
PHE H    H  N N 203 
PHE H2   H  N N 204 
PHE HA   H  N N 205 
PHE HB2  H  N N 206 
PHE HB3  H  N N 207 
PHE HD1  H  N N 208 
PHE HD2  H  N N 209 
PHE HE1  H  N N 210 
PHE HE2  H  N N 211 
PHE HZ   H  N N 212 
PHE HXT  H  N N 213 
SER N    N  N N 214 
SER CA   C  N S 215 
SER C    C  N N 216 
SER O    O  N N 217 
SER CB   C  N N 218 
SER OG   O  N N 219 
SER OXT  O  N N 220 
SER H    H  N N 221 
SER H2   H  N N 222 
SER HA   H  N N 223 
SER HB2  H  N N 224 
SER HB3  H  N N 225 
SER HG   H  N N 226 
SER HXT  H  N N 227 
SO4 S    S  N N 228 
SO4 O1   O  N N 229 
SO4 O2   O  N N 230 
SO4 O3   O  N N 231 
SO4 O4   O  N N 232 
TYR N    N  N N 233 
TYR CA   C  N S 234 
TYR C    C  N N 235 
TYR O    O  N N 236 
TYR CB   C  N N 237 
TYR CG   C  Y N 238 
TYR CD1  C  Y N 239 
TYR CD2  C  Y N 240 
TYR CE1  C  Y N 241 
TYR CE2  C  Y N 242 
TYR CZ   C  Y N 243 
TYR OH   O  N N 244 
TYR OXT  O  N N 245 
TYR H    H  N N 246 
TYR H2   H  N N 247 
TYR HA   H  N N 248 
TYR HB2  H  N N 249 
TYR HB3  H  N N 250 
TYR HD1  H  N N 251 
TYR HD2  H  N N 252 
TYR HE1  H  N N 253 
TYR HE2  H  N N 254 
TYR HH   H  N N 255 
TYR HXT  H  N N 256 
VAL N    N  N N 257 
VAL CA   C  N S 258 
VAL C    C  N N 259 
VAL O    O  N N 260 
VAL CB   C  N N 261 
VAL CG1  C  N N 262 
VAL CG2  C  N N 263 
VAL OXT  O  N N 264 
VAL H    H  N N 265 
VAL H2   H  N N 266 
VAL HA   H  N N 267 
VAL HB   H  N N 268 
VAL HG11 H  N N 269 
VAL HG12 H  N N 270 
VAL HG13 H  N N 271 
VAL HG21 H  N N 272 
VAL HG22 H  N N 273 
VAL HG23 H  N N 274 
VAL HXT  H  N N 275 
# 
loop_
_chem_comp_bond.comp_id 
_chem_comp_bond.atom_id_1 
_chem_comp_bond.atom_id_2 
_chem_comp_bond.value_order 
_chem_comp_bond.pdbx_aromatic_flag 
_chem_comp_bond.pdbx_stereo_config 
_chem_comp_bond.pdbx_ordinal 
ALA N   CA   sing N N 1   
ALA N   H    sing N N 2   
ALA N   H2   sing N N 3   
ALA CA  C    sing N N 4   
ALA CA  CB   sing N N 5   
ALA CA  HA   sing N N 6   
ALA C   O    doub N N 7   
ALA C   OXT  sing N N 8   
ALA CB  HB1  sing N N 9   
ALA CB  HB2  sing N N 10  
ALA CB  HB3  sing N N 11  
ALA OXT HXT  sing N N 12  
ARG N   CA   sing N N 13  
ARG N   H    sing N N 14  
ARG N   H2   sing N N 15  
ARG CA  C    sing N N 16  
ARG CA  CB   sing N N 17  
ARG CA  HA   sing N N 18  
ARG C   O    doub N N 19  
ARG C   OXT  sing N N 20  
ARG CB  CG   sing N N 21  
ARG CB  HB2  sing N N 22  
ARG CB  HB3  sing N N 23  
ARG CG  CD   sing N N 24  
ARG CG  HG2  sing N N 25  
ARG CG  HG3  sing N N 26  
ARG CD  NE   sing N N 27  
ARG CD  HD2  sing N N 28  
ARG CD  HD3  sing N N 29  
ARG NE  CZ   sing N N 30  
ARG NE  HE   sing N N 31  
ARG CZ  NH1  sing N N 32  
ARG CZ  NH2  doub N N 33  
ARG NH1 HH11 sing N N 34  
ARG NH1 HH12 sing N N 35  
ARG NH2 HH21 sing N N 36  
ARG NH2 HH22 sing N N 37  
ARG OXT HXT  sing N N 38  
ASP N   CA   sing N N 39  
ASP N   H    sing N N 40  
ASP N   H2   sing N N 41  
ASP CA  C    sing N N 42  
ASP CA  CB   sing N N 43  
ASP CA  HA   sing N N 44  
ASP C   O    doub N N 45  
ASP C   OXT  sing N N 46  
ASP CB  CG   sing N N 47  
ASP CB  HB2  sing N N 48  
ASP CB  HB3  sing N N 49  
ASP CG  OD1  doub N N 50  
ASP CG  OD2  sing N N 51  
ASP OD2 HD2  sing N N 52  
ASP OXT HXT  sing N N 53  
CYS N   CA   sing N N 54  
CYS N   H    sing N N 55  
CYS N   H2   sing N N 56  
CYS CA  C    sing N N 57  
CYS CA  CB   sing N N 58  
CYS CA  HA   sing N N 59  
CYS C   O    doub N N 60  
CYS C   OXT  sing N N 61  
CYS CB  SG   sing N N 62  
CYS CB  HB2  sing N N 63  
CYS CB  HB3  sing N N 64  
CYS SG  HG   sing N N 65  
CYS OXT HXT  sing N N 66  
GLN N   CA   sing N N 67  
GLN N   H    sing N N 68  
GLN N   H2   sing N N 69  
GLN CA  C    sing N N 70  
GLN CA  CB   sing N N 71  
GLN CA  HA   sing N N 72  
GLN C   O    doub N N 73  
GLN C   OXT  sing N N 74  
GLN CB  CG   sing N N 75  
GLN CB  HB2  sing N N 76  
GLN CB  HB3  sing N N 77  
GLN CG  CD   sing N N 78  
GLN CG  HG2  sing N N 79  
GLN CG  HG3  sing N N 80  
GLN CD  OE1  doub N N 81  
GLN CD  NE2  sing N N 82  
GLN NE2 HE21 sing N N 83  
GLN NE2 HE22 sing N N 84  
GLN OXT HXT  sing N N 85  
GLU N   CA   sing N N 86  
GLU N   H    sing N N 87  
GLU N   H2   sing N N 88  
GLU CA  C    sing N N 89  
GLU CA  CB   sing N N 90  
GLU CA  HA   sing N N 91  
GLU C   O    doub N N 92  
GLU C   OXT  sing N N 93  
GLU CB  CG   sing N N 94  
GLU CB  HB2  sing N N 95  
GLU CB  HB3  sing N N 96  
GLU CG  CD   sing N N 97  
GLU CG  HG2  sing N N 98  
GLU CG  HG3  sing N N 99  
GLU CD  OE1  doub N N 100 
GLU CD  OE2  sing N N 101 
GLU OE2 HE2  sing N N 102 
GLU OXT HXT  sing N N 103 
GLY N   CA   sing N N 104 
GLY N   H    sing N N 105 
GLY N   H2   sing N N 106 
GLY CA  C    sing N N 107 
GLY CA  HA2  sing N N 108 
GLY CA  HA3  sing N N 109 
GLY C   O    doub N N 110 
GLY C   OXT  sing N N 111 
GLY OXT HXT  sing N N 112 
HOH O   H1   sing N N 113 
HOH O   H2   sing N N 114 
LEU N   CA   sing N N 115 
LEU N   H    sing N N 116 
LEU N   H2   sing N N 117 
LEU CA  C    sing N N 118 
LEU CA  CB   sing N N 119 
LEU CA  HA   sing N N 120 
LEU C   O    doub N N 121 
LEU C   OXT  sing N N 122 
LEU CB  CG   sing N N 123 
LEU CB  HB2  sing N N 124 
LEU CB  HB3  sing N N 125 
LEU CG  CD1  sing N N 126 
LEU CG  CD2  sing N N 127 
LEU CG  HG   sing N N 128 
LEU CD1 HD11 sing N N 129 
LEU CD1 HD12 sing N N 130 
LEU CD1 HD13 sing N N 131 
LEU CD2 HD21 sing N N 132 
LEU CD2 HD22 sing N N 133 
LEU CD2 HD23 sing N N 134 
LEU OXT HXT  sing N N 135 
LYS N   CA   sing N N 136 
LYS N   H    sing N N 137 
LYS N   H2   sing N N 138 
LYS CA  C    sing N N 139 
LYS CA  CB   sing N N 140 
LYS CA  HA   sing N N 141 
LYS C   O    doub N N 142 
LYS C   OXT  sing N N 143 
LYS CB  CG   sing N N 144 
LYS CB  HB2  sing N N 145 
LYS CB  HB3  sing N N 146 
LYS CG  CD   sing N N 147 
LYS CG  HG2  sing N N 148 
LYS CG  HG3  sing N N 149 
LYS CD  CE   sing N N 150 
LYS CD  HD2  sing N N 151 
LYS CD  HD3  sing N N 152 
LYS CE  NZ   sing N N 153 
LYS CE  HE2  sing N N 154 
LYS CE  HE3  sing N N 155 
LYS NZ  HZ1  sing N N 156 
LYS NZ  HZ2  sing N N 157 
LYS NZ  HZ3  sing N N 158 
LYS OXT HXT  sing N N 159 
MET N   CA   sing N N 160 
MET N   H    sing N N 161 
MET N   H2   sing N N 162 
MET CA  C    sing N N 163 
MET CA  CB   sing N N 164 
MET CA  HA   sing N N 165 
MET C   O    doub N N 166 
MET C   OXT  sing N N 167 
MET CB  CG   sing N N 168 
MET CB  HB2  sing N N 169 
MET CB  HB3  sing N N 170 
MET CG  SD   sing N N 171 
MET CG  HG2  sing N N 172 
MET CG  HG3  sing N N 173 
MET SD  CE   sing N N 174 
MET CE  HE1  sing N N 175 
MET CE  HE2  sing N N 176 
MET CE  HE3  sing N N 177 
MET OXT HXT  sing N N 178 
PHE N   CA   sing N N 179 
PHE N   H    sing N N 180 
PHE N   H2   sing N N 181 
PHE CA  C    sing N N 182 
PHE CA  CB   sing N N 183 
PHE CA  HA   sing N N 184 
PHE C   O    doub N N 185 
PHE C   OXT  sing N N 186 
PHE CB  CG   sing N N 187 
PHE CB  HB2  sing N N 188 
PHE CB  HB3  sing N N 189 
PHE CG  CD1  doub Y N 190 
PHE CG  CD2  sing Y N 191 
PHE CD1 CE1  sing Y N 192 
PHE CD1 HD1  sing N N 193 
PHE CD2 CE2  doub Y N 194 
PHE CD2 HD2  sing N N 195 
PHE CE1 CZ   doub Y N 196 
PHE CE1 HE1  sing N N 197 
PHE CE2 CZ   sing Y N 198 
PHE CE2 HE2  sing N N 199 
PHE CZ  HZ   sing N N 200 
PHE OXT HXT  sing N N 201 
SER N   CA   sing N N 202 
SER N   H    sing N N 203 
SER N   H2   sing N N 204 
SER CA  C    sing N N 205 
SER CA  CB   sing N N 206 
SER CA  HA   sing N N 207 
SER C   O    doub N N 208 
SER C   OXT  sing N N 209 
SER CB  OG   sing N N 210 
SER CB  HB2  sing N N 211 
SER CB  HB3  sing N N 212 
SER OG  HG   sing N N 213 
SER OXT HXT  sing N N 214 
SO4 S   O1   doub N N 215 
SO4 S   O2   doub N N 216 
SO4 S   O3   sing N N 217 
SO4 S   O4   sing N N 218 
TYR N   CA   sing N N 219 
TYR N   H    sing N N 220 
TYR N   H2   sing N N 221 
TYR CA  C    sing N N 222 
TYR CA  CB   sing N N 223 
TYR CA  HA   sing N N 224 
TYR C   O    doub N N 225 
TYR C   OXT  sing N N 226 
TYR CB  CG   sing N N 227 
TYR CB  HB2  sing N N 228 
TYR CB  HB3  sing N N 229 
TYR CG  CD1  doub Y N 230 
TYR CG  CD2  sing Y N 231 
TYR CD1 CE1  sing Y N 232 
TYR CD1 HD1  sing N N 233 
TYR CD2 CE2  doub Y N 234 
TYR CD2 HD2  sing N N 235 
TYR CE1 CZ   doub Y N 236 
TYR CE1 HE1  sing N N 237 
TYR CE2 CZ   sing Y N 238 
TYR CE2 HE2  sing N N 239 
TYR CZ  OH   sing N N 240 
TYR OH  HH   sing N N 241 
TYR OXT HXT  sing N N 242 
VAL N   CA   sing N N 243 
VAL N   H    sing N N 244 
VAL N   H2   sing N N 245 
VAL CA  C    sing N N 246 
VAL CA  CB   sing N N 247 
VAL CA  HA   sing N N 248 
VAL C   O    doub N N 249 
VAL C   OXT  sing N N 250 
VAL CB  CG1  sing N N 251 
VAL CB  CG2  sing N N 252 
VAL CB  HB   sing N N 253 
VAL CG1 HG11 sing N N 254 
VAL CG1 HG12 sing N N 255 
VAL CG1 HG13 sing N N 256 
VAL CG2 HG21 sing N N 257 
VAL CG2 HG22 sing N N 258 
VAL CG2 HG23 sing N N 259 
VAL OXT HXT  sing N N 260 
# 
_pdbx_initial_refinement_model.id               1 
_pdbx_initial_refinement_model.entity_id_list   ? 
_pdbx_initial_refinement_model.type             'experimental model' 
_pdbx_initial_refinement_model.source_name      PDB 
_pdbx_initial_refinement_model.accession_code   2CCF 
_pdbx_initial_refinement_model.details          'PDB ENTRY 2CCF' 
# 
_atom_sites.entry_id                    2XUS 
_atom_sites.fract_transf_matrix[1][1]   0.00590811 
_atom_sites.fract_transf_matrix[1][2]   -0.01634544 
_atom_sites.fract_transf_matrix[1][3]   0.00796428 
_atom_sites.fract_transf_matrix[2][1]   0.01580309 
_atom_sites.fract_transf_matrix[2][2]   -0.00861126 
_atom_sites.fract_transf_matrix[2][3]   -0.00645032 
_atom_sites.fract_transf_matrix[3][1]   0.00411817 
_atom_sites.fract_transf_matrix[3][2]   0.00388042 
_atom_sites.fract_transf_matrix[3][3]   0.00490898 
_atom_sites.fract_transf_vector[1]      -0.465963 
_atom_sites.fract_transf_vector[2]      0.325354 
_atom_sites.fract_transf_vector[3]      0.079857 
# 
loop_
_atom_type.symbol 
C  
CL 
N  
O  
S  
# 
loop_
_atom_site.group_PDB 
_atom_site.id 
_atom_site.type_symbol 
_atom_site.label_atom_id 
_atom_site.label_alt_id 
_atom_site.label_comp_id 
_atom_site.label_asym_id 
_atom_site.label_entity_id 
_atom_site.label_seq_id 
_atom_site.pdbx_PDB_ins_code 
_atom_site.Cartn_x 
_atom_site.Cartn_y 
_atom_site.Cartn_z 
_atom_site.occupancy 
_atom_site.B_iso_or_equiv 
_atom_site.pdbx_formal_charge 
_atom_site.auth_seq_id 
_atom_site.auth_comp_id 
_atom_site.auth_asym_id 
_atom_site.auth_atom_id 
_atom_site.pdbx_PDB_model_num 
ATOM   1   N  N   . GLU A 1 5  ? 7.303   13.047  24.873  1.00  77.22  ? 54   GLU A N   1 
ATOM   2   C  CA  . GLU A 1 5  ? 6.642   13.112  23.529  1.00  70.76  ? 54   GLU A CA  1 
ATOM   3   C  C   . GLU A 1 5  ? 7.632   13.209  22.379  1.00  68.01  ? 54   GLU A C   1 
ATOM   4   O  O   . GLU A 1 5  ? 7.281   12.927  21.237  1.00  62.54  ? 54   GLU A O   1 
ATOM   5   C  CB  . GLU A 1 5  ? 5.669   14.297  23.452  1.00  72.78  ? 54   GLU A CB  1 
ATOM   6   C  CG  . GLU A 1 5  ? 4.450   14.182  24.362  1.00  76.84  ? 54   GLU A CG  1 
ATOM   7   C  CD  . GLU A 1 5  ? 3.359   15.164  23.980  1.00  81.47  ? 54   GLU A CD  1 
ATOM   8   O  OE1 . GLU A 1 5  ? 2.962   15.979  24.847  1.00  88.64  ? 54   GLU A OE1 1 
ATOM   9   O  OE2 . GLU A 1 5  ? 2.920   15.128  22.803  1.00  78.60  ? 54   GLU A OE2 1 
ATOM   10  N  N   . ARG A 1 6  ? 8.864   13.623  22.671  1.00  73.79  ? 55   ARG A N   1 
ATOM   11  C  CA  . ARG A 1 6  ? 9.859   13.797  21.618  1.00  73.88  ? 55   ARG A CA  1 
ATOM   12  C  C   . ARG A 1 6  ? 10.381  12.448  21.125  1.00  69.61  ? 55   ARG A C   1 
ATOM   13  O  O   . ARG A 1 6  ? 10.527  12.220  19.908  1.00  64.93  ? 55   ARG A O   1 
ATOM   14  C  CB  . ARG A 1 6  ? 10.994  14.684  22.107  1.00  85.40  ? 55   ARG A CB  1 
ATOM   15  C  CG  . ARG A 1 6  ? 11.314  15.819  21.154  1.00  91.83  ? 55   ARG A CG  1 
ATOM   16  C  CD  . ARG A 1 6  ? 12.175  15.345  19.960  1.00  93.06  ? 55   ARG A CD  1 
ATOM   17  N  NE  . ARG A 1 6  ? 13.048  16.475  19.535  1.00  109.30 ? 55   ARG A NE  1 
ATOM   18  C  CZ  . ARG A 1 6  ? 12.718  17.267  18.475  1.00  111.91 ? 55   ARG A CZ  1 
ATOM   19  N  NH1 . ARG A 1 6  ? 11.535  17.045  17.707  1.00  102.22 ? 55   ARG A NH1 1 
ATOM   20  N  NH2 . ARG A 1 6  ? 13.579  18.270  18.170  1.00  126.16 ? 55   ARG A NH2 1 
ATOM   21  N  N   . ARG A 1 7  ? 10.638  11.537  22.061  1.00  71.68  ? 56   ARG A N   1 
ATOM   22  C  CA  . ARG A 1 7  ? 10.999  10.155  21.701  1.00  69.92  ? 56   ARG A CA  1 
ATOM   23  C  C   . ARG A 1 7  ? 9.876   9.526   20.884  1.00  59.78  ? 56   ARG A C   1 
ATOM   24  O  O   . ARG A 1 7  ? 10.135  8.845   19.881  1.00  56.44  ? 56   ARG A O   1 
ATOM   25  C  CB  . ARG A 1 7  ? 11.330  9.291   22.931  1.00  78.39  ? 56   ARG A CB  1 
ATOM   26  C  CG  . ARG A 1 7  ? 10.667  9.725   24.255  1.00  83.33  ? 56   ARG A CG  1 
ATOM   27  C  CD  . ARG A 1 7  ? 11.616  10.526  25.151  1.00  97.10  ? 56   ARG A CD  1 
ATOM   28  N  NE  . ARG A 1 7  ? 11.541  11.976  24.943  1.00  97.71  ? 56   ARG A NE  1 
ATOM   29  C  CZ  . ARG A 1 7  ? 11.089  12.849  25.845  1.00  101.58 ? 56   ARG A CZ  1 
ATOM   30  N  NH1 . ARG A 1 7  ? 11.071  14.149  25.569  1.00  102.70 ? 56   ARG A NH1 1 
ATOM   31  N  NH2 . ARG A 1 7  ? 10.659  12.430  27.028  1.00  105.97 ? 56   ARG A NH2 1 
ATOM   32  N  N   . ARG A 1 8  ? 8.635   9.781   21.305  1.00  55.95  ? 57   ARG A N   1 
ATOM   33  C  CA  . ARG A 1 8  ? 7.445   9.325   20.558  1.00  48.62  ? 57   ARG A CA  1 
ATOM   34  C  C   . ARG A 1 8  ? 7.280   9.956   19.168  1.00  42.74  ? 57   ARG A C   1 
ATOM   35  O  O   . ARG A 1 8  ? 7.016   9.246   18.174  1.00  37.48  ? 57   ARG A O   1 
ATOM   36  C  CB  . ARG A 1 8  ? 6.183   9.501   21.411  1.00  49.71  ? 57   ARG A CB  1 
ATOM   37  C  CG  . ARG A 1 8  ? 6.064   8.458   22.513  1.00  55.91  ? 57   ARG A CG  1 
ATOM   38  C  CD  . ARG A 1 8  ? 4.882   8.735   23.431  1.00  58.25  ? 57   ARG A CD  1 
ATOM   39  N  NE  . ARG A 1 8  ? 4.849   7.814   24.581  1.00  68.33  ? 57   ARG A NE  1 
ATOM   40  C  CZ  . ARG A 1 8  ? 4.081   6.720   24.695  1.00  70.71  ? 57   ARG A CZ  1 
ATOM   41  N  NH1 . ARG A 1 8  ? 3.232   6.360   23.733  1.00  66.30  ? 57   ARG A NH1 1 
ATOM   42  N  NH2 . ARG A 1 8  ? 4.165   5.985   25.796  1.00  77.40  ? 57   ARG A NH2 1 
ATOM   43  N  N   . SER A 1 9  ? 7.418   11.279  19.060  1.00  44.28  ? 58   SER A N   1 
ATOM   44  C  CA  . SER A 1 9  ? 7.282   11.867  17.730  1.00  41.92  ? 58   SER A CA  1 
ATOM   45  C  C   . SER A 1 9  ? 8.412   11.459  16.785  1.00  40.84  ? 58   SER A C   1 
ATOM   46  O  O   . SER A 1 9  ? 8.157   11.261  15.607  1.00  36.75  ? 58   SER A O   1 
ATOM   47  C  CB  . SER A 1 9  ? 7.036   13.383  17.726  1.00  46.73  ? 58   SER A CB  1 
ATOM   48  O  OG  . SER A 1 9  ? 8.230   14.070  17.982  1.00  56.35  ? 58   SER A OG  1 
ATOM   49  N  N   . GLU A 1 10 ? 9.638   11.297  17.276  1.00  45.42  ? 59   GLU A N   1 
ATOM   50  C  CA  . GLU A 1 10 ? 10.719  10.846  16.382  1.00  47.80  ? 59   GLU A CA  1 
ATOM   51  C  C   . GLU A 1 10 ? 10.509  9.410   15.862  1.00  42.70  ? 59   GLU A C   1 
ATOM   52  O  O   . GLU A 1 10 ? 10.856  9.105   14.698  1.00  42.27  ? 59   GLU A O   1 
ATOM   53  C  CB  . GLU A 1 10 ? 12.091  11.038  17.028  1.00  57.29  ? 59   GLU A CB  1 
ATOM   54  C  CG  . GLU A 1 10 ? 12.423  12.507  17.315  1.00  69.91  ? 59   GLU A CG  1 
ATOM   55  C  CD  . GLU A 1 10 ? 12.505  13.371  16.051  1.00  76.91  ? 59   GLU A CD  1 
ATOM   56  O  OE1 . GLU A 1 10 ? 11.402  13.695  15.471  1.00  74.27  ? 59   GLU A OE1 1 
ATOM   57  O  OE2 . GLU A 1 10 ? 13.679  13.736  15.641  1.00  89.44  ? 59   GLU A OE2 1 
ATOM   58  N  N   . CYS A 1 11 ? 9.888   8.571   16.705  1.00  41.55  ? 60   CYS A N   1 
ATOM   59  C  CA  A CYS A 1 11 ? 9.560   7.190   16.366  0.25  38.75  ? 60   CYS A CA  1 
ATOM   60  C  CA  B CYS A 1 11 ? 9.546   7.181   16.381  0.75  39.49  ? 60   CYS A CA  1 
ATOM   61  C  C   . CYS A 1 11 ? 8.442   7.162   15.323  1.00  33.35  ? 60   CYS A C   1 
ATOM   62  O  O   . CYS A 1 11 ? 8.525   6.425   14.303  1.00  31.75  ? 60   CYS A O   1 
ATOM   63  C  CB  A CYS A 1 11 ? 9.128   6.432   17.624  0.25  42.33  ? 60   CYS A CB  1 
ATOM   64  C  CB  B CYS A 1 11 ? 9.067   6.447   17.644  0.75  42.94  ? 60   CYS A CB  1 
ATOM   65  S  SG  A CYS A 1 11 ? 10.441  6.140   18.825  0.25  50.07  ? 60   CYS A SG  1 
ATOM   66  S  SG  B CYS A 1 11 ? 8.022   4.952   17.294  0.75  46.77  ? 60   CYS A SG  1 
ATOM   67  N  N   . VAL A 1 12 ? 7.407   7.976   15.544  1.00  31.57  ? 61   VAL A N   1 
ATOM   68  C  CA  . VAL A 1 12 ? 6.304   8.046   14.599  1.00  29.86  ? 61   VAL A CA  1 
ATOM   69  C  C   . VAL A 1 12 ? 6.724   8.650   13.266  1.00  29.39  ? 61   VAL A C   1 
ATOM   70  O  O   . VAL A 1 12 ? 6.273   8.169   12.196  1.00  28.27  ? 61   VAL A O   1 
ATOM   71  C  CB  . VAL A 1 12 ? 5.080   8.807   15.155  1.00  31.77  ? 61   VAL A CB  1 
ATOM   72  C  CG1 . VAL A 1 12 ? 3.986   8.932   14.079  1.00  29.55  ? 61   VAL A CG1 1 
ATOM   73  C  CG2 . VAL A 1 12 ? 4.556   8.102   16.354  1.00  33.09  ? 61   VAL A CG2 1 
ATOM   74  N  N   . SER A 1 13 ? 7.544   9.687   13.304  1.00  31.62  ? 62   SER A N   1 
ATOM   75  C  CA  . SER A 1 13 ? 8.067   10.276  12.057  1.00  33.93  ? 62   SER A CA  1 
ATOM   76  C  C   . SER A 1 13 ? 8.841   9.230   11.229  1.00  33.34  ? 62   SER A C   1 
ATOM   77  O  O   . SER A 1 13 ? 8.679   9.143   10.006  1.00  30.78  ? 62   SER A O   1 
ATOM   78  C  CB  . SER A 1 13 ? 8.987   11.487  12.375  1.00  40.32  ? 62   SER A CB  1 
ATOM   79  O  OG  . SER A 1 13 ? 9.385   12.125  11.177  1.00  45.89  ? 62   SER A OG  1 
ATOM   80  N  N   . GLU A 1 14 ? 9.673   8.439   11.918  1.00  34.80  ? 63   GLU A N   1 
ATOM   81  C  CA  . GLU A 1 14 ? 10.534  7.470   11.276  1.00  37.46  ? 63   GLU A CA  1 
ATOM   82  C  C   . GLU A 1 14 ? 9.635   6.434   10.605  1.00  33.61  ? 63   GLU A C   1 
ATOM   83  O  O   . GLU A 1 14 ? 9.852   6.038   9.436   1.00  33.81  ? 63   GLU A O   1 
ATOM   84  C  CB  . GLU A 1 14 ? 11.438  6.853   12.345  1.00  42.54  ? 63   GLU A CB  1 
ATOM   85  C  CG  . GLU A 1 14 ? 12.601  6.037   11.859  1.00  50.26  ? 63   GLU A CG  1 
ATOM   86  C  CD  . GLU A 1 14 ? 13.603  6.799   11.024  1.00  56.34  ? 63   GLU A CD  1 
ATOM   87  O  OE1 . GLU A 1 14 ? 14.219  7.778   11.508  1.00  63.41  ? 63   GLU A OE1 1 
ATOM   88  O  OE2 . GLU A 1 14 ? 13.797  6.377   9.880   1.00  57.06  ? 63   GLU A OE2 1 
ATOM   89  N  N   . MET A 1 15 ? 8.590   6.017   11.315  1.00  31.21  ? 64   MET A N   1 
ATOM   90  C  CA  . MET A 1 15 ? 7.757   4.933   10.821  1.00  29.80  ? 64   MET A CA  1 
ATOM   91  C  C   . MET A 1 15 ? 6.849   5.402   9.692   1.00  28.94  ? 64   MET A C   1 
ATOM   92  O  O   . MET A 1 15 ? 6.522   4.622   8.779   1.00  27.62  ? 64   MET A O   1 
ATOM   93  C  CB  . MET A 1 15 ? 6.977   4.296   11.963  1.00  32.57  ? 64   MET A CB  1 
ATOM   94  C  CG  . MET A 1 15 ? 7.833   3.355   12.865  1.00  35.96  ? 64   MET A CG  1 
ATOM   95  S  SD  . MET A 1 15 ? 8.969   2.127   12.124  1.00  44.64  ? 64   MET A SD  1 
ATOM   96  C  CE  . MET A 1 15 ? 10.484  2.905   12.609  1.00  46.51  ? 64   MET A CE  1 
ATOM   97  N  N   . LEU A 1 16 ? 6.407   6.654   9.763   1.00  27.30  ? 65   LEU A N   1 
ATOM   98  C  CA  . LEU A 1 16 ? 5.622   7.217   8.680   1.00  28.86  ? 65   LEU A CA  1 
ATOM   99  C  C   . LEU A 1 16 ? 6.482   7.221   7.402   1.00  28.68  ? 65   LEU A C   1 
ATOM   100 O  O   . LEU A 1 16 ? 5.986   6.929   6.328   1.00  28.28  ? 65   LEU A O   1 
ATOM   101 C  CB  . LEU A 1 16 ? 5.248   8.662   8.999   1.00  32.15  ? 65   LEU A CB  1 
ATOM   102 C  CG  . LEU A 1 16 ? 4.800   9.566   7.834   1.00  35.07  ? 65   LEU A CG  1 
ATOM   103 C  CD1 . LEU A 1 16 ? 3.584   9.058   7.065   1.00  40.92  ? 65   LEU A CD1 1 
ATOM   104 C  CD2 . LEU A 1 16 ? 4.480   10.948  8.516   1.00  41.02  ? 65   LEU A CD2 1 
ATOM   105 N  N   . ASP A 1 17 ? 7.755   7.607   7.562   1.00  28.25  ? 66   ASP A N   1 
ATOM   106 C  CA  . ASP A 1 17 ? 8.698   7.715   6.439   1.00  33.06  ? 66   ASP A CA  1 
ATOM   107 C  C   . ASP A 1 17 ? 8.932   6.328   5.815   1.00  31.44  ? 66   ASP A C   1 
ATOM   108 O  O   . ASP A 1 17 ? 8.970   6.198   4.593   1.00  33.53  ? 66   ASP A O   1 
ATOM   109 C  CB  . ASP A 1 17 ? 10.015  8.354   6.883   1.00  36.99  ? 66   ASP A CB  1 
ATOM   110 C  CG  . ASP A 1 17 ? 9.930   9.900   7.013   1.00  46.17  ? 66   ASP A CG  1 
ATOM   111 O  OD1 . ASP A 1 17 ? 8.851   10.512  6.777   1.00  47.47  ? 66   ASP A OD1 1 
ATOM   112 O  OD2 . ASP A 1 17 ? 10.968  10.503  7.350   1.00  53.97  ? 66   ASP A OD2 1 
ATOM   113 N  N   . LEU A 1 18 ? 9.016   5.292   6.645   1.00  28.62  ? 67   LEU A N   1 
ATOM   114 C  CA  . LEU A 1 18 ? 9.148   3.897   6.150   1.00  27.18  ? 67   LEU A CA  1 
ATOM   115 C  C   . LEU A 1 18 ? 7.856   3.376   5.519   1.00  28.14  ? 67   LEU A C   1 
ATOM   116 O  O   . LEU A 1 18 ? 7.884   2.746   4.439   1.00  32.32  ? 67   LEU A O   1 
ATOM   117 C  CB  . LEU A 1 18 ? 9.676   2.959   7.270   1.00  27.79  ? 67   LEU A CB  1 
ATOM   118 C  CG  . LEU A 1 18 ? 11.177  3.125   7.540   1.00  31.99  ? 67   LEU A CG  1 
ATOM   119 C  CD1 . LEU A 1 18 ? 11.572  2.506   8.918   1.00  31.84  ? 67   LEU A CD1 1 
ATOM   120 C  CD2 . LEU A 1 18 ? 12.026  2.551   6.425   1.00  34.18  ? 67   LEU A CD2 1 
ATOM   121 N  N   . GLU A 1 19 ? 6.749   3.615   6.175   1.00  35.75  ? 68   GLU A N   1 
ATOM   122 C  CA  A GLU A 1 19 ? 5.458   3.178   5.663   0.50  35.30  ? 68   GLU A CA  1 
ATOM   123 C  CA  B GLU A 1 19 ? 5.442   3.203   5.673   0.50  35.17  ? 68   GLU A CA  1 
ATOM   124 C  C   . GLU A 1 19 ? 5.122   3.830   4.316   1.00  33.91  ? 68   GLU A C   1 
ATOM   125 O  O   . GLU A 1 19 ? 4.551   3.181   3.445   1.00  31.87  ? 68   GLU A O   1 
ATOM   126 C  CB  A GLU A 1 19 ? 4.377   3.403   6.710   0.50  38.80  ? 68   GLU A CB  1 
ATOM   127 C  CB  B GLU A 1 19 ? 4.386   3.548   6.708   0.50  38.68  ? 68   GLU A CB  1 
ATOM   128 C  CG  A GLU A 1 19 ? 3.775   2.100   7.296   0.50  41.87  ? 68   GLU A CG  1 
ATOM   129 C  CG  B GLU A 1 19 ? 4.525   2.726   7.995   0.50  41.34  ? 68   GLU A CG  1 
ATOM   130 C  CD  A GLU A 1 19 ? 4.736   1.262   8.156   0.50  43.01  ? 68   GLU A CD  1 
ATOM   131 C  CD  B GLU A 1 19 ? 3.762   1.398   7.965   0.50  44.11  ? 68   GLU A CD  1 
ATOM   132 O  OE1 A GLU A 1 19 ? 5.574   1.826   8.924   0.50  41.66  ? 68   GLU A OE1 1 
ATOM   133 O  OE1 B GLU A 1 19 ? 3.300   1.000   9.053   0.50  48.29  ? 68   GLU A OE1 1 
ATOM   134 O  OE2 A GLU A 1 19 ? 4.609   0.013   8.076   0.50  40.95  ? 68   GLU A OE2 1 
ATOM   135 O  OE2 B GLU A 1 19 ? 3.631   0.759   6.879   0.50  41.64  ? 68   GLU A OE2 1 
ATOM   136 N  N   . LYS A 1 20 ? 5.517   5.092   4.128   1.00  35.40  ? 69   LYS A N   1 
ATOM   137 C  CA  . LYS A 1 20 ? 5.369   5.719   2.815   1.00  37.47  ? 69   LYS A CA  1 
ATOM   138 C  C   . LYS A 1 20 ? 6.070   4.909   1.720   1.00  35.15  ? 69   LYS A C   1 
ATOM   139 O  O   . LYS A 1 20 ? 5.510   4.685   0.647   1.00  35.18  ? 69   LYS A O   1 
ATOM   140 C  CB  . LYS A 1 20 ? 5.888   7.145   2.834   1.00  42.78  ? 69   LYS A CB  1 
ATOM   141 C  CG  . LYS A 1 20 ? 4.855   8.177   3.301   1.00  46.80  ? 69   LYS A CG  1 
ATOM   142 C  CD  . LYS A 1 20 ? 5.301   9.595   2.990   1.00  55.75  ? 69   LYS A CD  1 
ATOM   143 C  CE  . LYS A 1 20 ? 6.700   9.861   3.509   1.00  58.14  ? 69   LYS A CE  1 
ATOM   144 N  NZ  . LYS A 1 20 ? 6.923   11.277  3.881   1.00  65.92  ? 69   LYS A NZ  1 
ATOM   145 N  N   . GLN A 1 21 ? 7.269   4.441   2.011   1.00  33.23  ? 70   GLN A N   1 
ATOM   146 C  CA  . GLN A 1 21 ? 8.043   3.620   1.083   1.00  34.55  ? 70   GLN A CA  1 
ATOM   147 C  C   . GLN A 1 21 ? 7.495   2.174   0.927   1.00  31.85  ? 70   GLN A C   1 
ATOM   148 O  O   . GLN A 1 21 ? 7.484   1.628   -0.165  1.00  31.35  ? 70   GLN A O   1 
ATOM   149 C  CB  . GLN A 1 21 ? 9.507   3.601   1.508   1.00  37.44  ? 70   GLN A CB  1 
ATOM   150 C  CG  . GLN A 1 21 ? 10.204  4.968   1.400   1.00  42.17  ? 70   GLN A CG  1 
ATOM   151 C  CD  . GLN A 1 21 ? 11.628  4.927   1.924   1.00  48.41  ? 70   GLN A CD  1 
ATOM   152 O  OE1 . GLN A 1 21 ? 11.889  5.095   3.127   1.00  52.74  ? 70   GLN A OE1 1 
ATOM   153 N  NE2 . GLN A 1 21 ? 12.547  4.702   1.033   1.00  51.25  ? 70   GLN A NE2 1 
ATOM   154 N  N   . PHE A 1 22 ? 7.100   1.543   2.025   1.00  32.16  ? 71   PHE A N   1 
ATOM   155 C  CA  . PHE A 1 22 ? 6.479   0.217   1.992   1.00  31.25  ? 71   PHE A CA  1 
ATOM   156 C  C   . PHE A 1 22 ? 5.204   0.213   1.152   1.00  30.14  ? 71   PHE A C   1 
ATOM   157 O  O   . PHE A 1 22 ? 4.979   -0.769  0.396   1.00  29.38  ? 71   PHE A O   1 
ATOM   158 C  CB  . PHE A 1 22 ? 6.061   -0.242  3.410   1.00  31.52  ? 71   PHE A CB  1 
ATOM   159 C  CG  . PHE A 1 22 ? 7.205   -0.456  4.359   1.00  35.29  ? 71   PHE A CG  1 
ATOM   160 C  CD1 . PHE A 1 22 ? 6.978   -0.426  5.751   1.00  38.19  ? 71   PHE A CD1 1 
ATOM   161 C  CD2 . PHE A 1 22 ? 8.484   -0.705  3.909   1.00  38.24  ? 71   PHE A CD2 1 
ATOM   162 C  CE1 . PHE A 1 22 ? 8.008   -0.643  6.651   1.00  44.92  ? 71   PHE A CE1 1 
ATOM   163 C  CE2 . PHE A 1 22 ? 9.540   -0.916  4.826   1.00  44.99  ? 71   PHE A CE2 1 
ATOM   164 C  CZ  . PHE A 1 22 ? 9.297   -0.889  6.184   1.00  43.33  ? 71   PHE A CZ  1 
ATOM   165 N  N   . SER A 1 23 ? 4.378   1.265   1.290   1.00  31.12  ? 72   SER A N   1 
ATOM   166 C  CA  A SER A 1 23 ? 3.145   1.430   0.497   0.50  31.79  ? 72   SER A CA  1 
ATOM   167 C  CA  B SER A 1 23 ? 3.144   1.361   0.508   0.50  31.20  ? 72   SER A CA  1 
ATOM   168 C  C   . SER A 1 23 ? 3.446   1.433   -1.006  1.00  30.59  ? 72   SER A C   1 
ATOM   169 O  O   . SER A 1 23 ? 2.733   0.797   -1.804  1.00  28.04  ? 72   SER A O   1 
ATOM   170 C  CB  A SER A 1 23 ? 2.321   2.672   0.913   0.50  36.42  ? 72   SER A CB  1 
ATOM   171 C  CB  B SER A 1 23 ? 2.255   2.517   0.969   0.50  35.52  ? 72   SER A CB  1 
ATOM   172 O  OG  A SER A 1 23 ? 2.887   3.948   0.558   0.50  39.85  ? 72   SER A OG  1 
ATOM   173 O  OG  B SER A 1 23 ? 1.715   2.310   2.280   0.50  35.84  ? 72   SER A OG  1 
ATOM   174 N  N   . GLU A 1 24 ? 4.479   2.179   -1.397  1.00  29.65  ? 73   GLU A N   1 
ATOM   175 C  CA  . GLU A 1 24 ? 4.841   2.287   -2.805  1.00  31.55  ? 73   GLU A CA  1 
ATOM   176 C  C   . GLU A 1 24 ? 5.335   0.954   -3.348  1.00  29.11  ? 73   GLU A C   1 
ATOM   177 O  O   . GLU A 1 24 ? 5.036   0.591   -4.485  1.00  27.63  ? 73   GLU A O   1 
ATOM   178 C  CB  . GLU A 1 24 ? 5.935   3.365   -3.037  1.00  35.56  ? 73   GLU A CB  1 
ATOM   179 C  CG  . GLU A 1 24 ? 5.428   4.787   -2.905  1.00  43.40  ? 73   GLU A CG  1 
ATOM   180 C  CD  . GLU A 1 24 ? 4.681   5.337   -4.142  1.00  50.58  ? 73   GLU A CD  1 
ATOM   181 O  OE1 . GLU A 1 24 ? 4.808   6.557   -4.412  1.00  60.82  ? 73   GLU A OE1 1 
ATOM   182 O  OE2 . GLU A 1 24 ? 3.938   4.605   -4.814  1.00  47.11  ? 73   GLU A OE2 1 
ATOM   183 N  N   . LEU A 1 25 ? 6.166   0.291   -2.540  1.00  28.01  ? 74   LEU A N   1 
ATOM   184 C  CA  . LEU A 1 25 ? 6.705   -1.005  -2.838  1.00  28.38  ? 74   LEU A CA  1 
ATOM   185 C  C   . LEU A 1 25 ? 5.572   -2.019  -3.029  1.00  26.85  ? 74   LEU A C   1 
ATOM   186 O  O   . LEU A 1 25 ? 5.601   -2.784  -4.016  1.00  28.18  ? 74   LEU A O   1 
ATOM   187 C  CB  . LEU A 1 25 ? 7.680   -1.438  -1.727  1.00  28.87  ? 74   LEU A CB  1 
ATOM   188 C  CG  . LEU A 1 25 ? 9.071   -0.854  -1.819  1.00  36.28  ? 74   LEU A CG  1 
ATOM   189 C  CD1 . LEU A 1 25 ? 9.936   -1.272  -0.612  1.00  39.75  ? 74   LEU A CD1 1 
ATOM   190 C  CD2 . LEU A 1 25 ? 9.780   -1.346  -3.120  1.00  37.10  ? 74   LEU A CD2 1 
ATOM   191 N  N   . LYS A 1 26 ? 4.606   -2.032  -2.107  1.00  25.64  ? 75   LYS A N   1 
ATOM   192 C  CA  . LYS A 1 26 ? 3.493   -3.004  -2.168  1.00  26.86  ? 75   LYS A CA  1 
ATOM   193 C  C   . LYS A 1 26 ? 2.629   -2.744  -3.435  1.00  25.90  ? 75   LYS A C   1 
ATOM   194 O  O   . LYS A 1 26 ? 2.241   -3.684  -4.183  1.00  24.90  ? 75   LYS A O   1 
ATOM   195 C  CB  . LYS A 1 26 ? 2.663   -2.989  -0.885  1.00  29.50  ? 75   LYS A CB  1 
ATOM   196 C  CG  . LYS A 1 26 ? 1.698   -4.193  -0.724  1.00  33.35  ? 75   LYS A CG  1 
ATOM   197 C  CD  . LYS A 1 26 ? 1.110   -4.321  0.689   1.00  36.85  ? 75   LYS A CD  1 
ATOM   198 C  CE  . LYS A 1 26 ? 0.744   -5.786  1.024   1.00  42.37  ? 75   LYS A CE  1 
ATOM   199 N  NZ  . LYS A 1 26 ? 0.045   -5.997  2.319   1.00  48.80  ? 75   LYS A NZ  1 
ATOM   200 N  N   . GLU A 1 27 ? 2.355   -1.478  -3.706  1.00  24.47  ? 76   GLU A N   1 
ATOM   201 C  CA  . GLU A 1 27 ? 1.507   -1.166  -4.876  1.00  26.91  ? 76   GLU A CA  1 
ATOM   202 C  C   . GLU A 1 27 ? 2.244   -1.559  -6.176  1.00  24.85  ? 76   GLU A C   1 
ATOM   203 O  O   . GLU A 1 27 ? 1.643   -2.133  -7.084  1.00  24.33  ? 76   GLU A O   1 
ATOM   204 C  CB  . GLU A 1 27 ? 1.244   0.309   -4.821  1.00  30.91  ? 76   GLU A CB  1 
ATOM   205 C  CG  . GLU A 1 27 ? 0.644   0.845   -6.038  1.00  37.26  ? 76   GLU A CG  1 
ATOM   206 C  CD  . GLU A 1 27 ? 0.687   2.338   -6.011  1.00  47.91  ? 76   GLU A CD  1 
ATOM   207 O  OE1 . GLU A 1 27 ? 0.315   2.902   -4.944  1.00  50.39  ? 76   GLU A OE1 1 
ATOM   208 O  OE2 . GLU A 1 27 ? 1.122   2.913   -7.037  1.00  53.78  ? 76   GLU A OE2 1 
ATOM   209 N  N   . LYS A 1 28 ? 3.532   -1.243  -6.270  1.00  24.38  ? 77   LYS A N   1 
ATOM   210 C  CA  . LYS A 1 28 ? 4.321   -1.599  -7.446  1.00  26.37  ? 77   LYS A CA  1 
ATOM   211 C  C   . LYS A 1 28 ? 4.460   -3.109  -7.628  1.00  24.62  ? 77   LYS A C   1 
ATOM   212 O  O   . LYS A 1 28 ? 4.461   -3.654  -8.764  1.00  24.54  ? 77   LYS A O   1 
ATOM   213 C  CB  . LYS A 1 28 ? 5.692   -0.912  -7.368  1.00  29.10  ? 77   LYS A CB  1 
ATOM   214 C  CG  . LYS A 1 28 ? 5.659   0.654   -7.440  1.00  37.67  ? 77   LYS A CG  1 
ATOM   215 C  CD  . LYS A 1 28 ? 4.765   1.203   -8.511  1.00  42.20  ? 77   LYS A CD  1 
ATOM   216 C  CE  . LYS A 1 28 ? 4.621   2.765   -8.405  1.00  43.51  ? 77   LYS A CE  1 
ATOM   217 N  NZ  . LYS A 1 28 ? 5.872   3.510   -8.107  1.00  52.69  ? 77   LYS A NZ  1 
ATOM   218 N  N   . LEU A 1 29 ? 4.543   -3.807  -6.517  1.00  24.02  ? 78   LEU A N   1 
ATOM   219 C  CA  . LEU A 1 29 ? 4.675   -5.266  -6.545  1.00  25.51  ? 78   LEU A CA  1 
ATOM   220 C  C   . LEU A 1 29 ? 3.352   -5.863  -7.044  1.00  24.76  ? 78   LEU A C   1 
ATOM   221 O  O   . LEU A 1 29 ? 3.341   -6.762  -7.906  1.00  24.13  ? 78   LEU A O   1 
ATOM   222 C  CB  . LEU A 1 29 ? 5.002   -5.781  -5.127  1.00  27.38  ? 78   LEU A CB  1 
ATOM   223 C  CG  . LEU A 1 29 ? 5.306   -7.283  -4.979  1.00  32.26  ? 78   LEU A CG  1 
ATOM   224 C  CD1 . LEU A 1 29 ? 6.749   -7.605  -5.402  1.00  37.11  ? 78   LEU A CD1 1 
ATOM   225 C  CD2 . LEU A 1 29 ? 5.090   -7.717  -3.502  1.00  33.50  ? 78   LEU A CD2 1 
ATOM   226 N  N   . PHE A 1 30 ? 2.244   -5.386  -6.505  1.00  23.38  ? 79   PHE A N   1 
ATOM   227 C  CA  . PHE A 1 30 ? 0.891   -5.899  -6.939  1.00  24.63  ? 79   PHE A CA  1 
ATOM   228 C  C   . PHE A 1 30 ? 0.626   -5.561  -8.429  1.00  24.86  ? 79   PHE A C   1 
ATOM   229 O  O   . PHE A 1 30 ? 0.062   -6.390  -9.178  1.00  24.21  ? 79   PHE A O   1 
ATOM   230 C  CB  . PHE A 1 30 ? -0.252  -5.415  -6.049  1.00  27.05  ? 79   PHE A CB  1 
ATOM   231 C  CG  . PHE A 1 30 ? -0.436  -6.204  -4.749  1.00  29.41  ? 79   PHE A CG  1 
ATOM   232 C  CD1 . PHE A 1 30 ? 0.672   -6.522  -3.930  1.00  30.13  ? 79   PHE A CD1 1 
ATOM   233 C  CD2 . PHE A 1 30 ? -1.702  -6.625  -4.344  1.00  35.73  ? 79   PHE A CD2 1 
ATOM   234 C  CE1 . PHE A 1 30 ? 0.494   -7.222  -2.689  1.00  35.29  ? 79   PHE A CE1 1 
ATOM   235 C  CE2 . PHE A 1 30 ? -1.903  -7.310  -3.148  1.00  41.17  ? 79   PHE A CE2 1 
ATOM   236 C  CZ  . PHE A 1 30 ? -0.785  -7.600  -2.287  1.00  41.40  ? 79   PHE A CZ  1 
ATOM   237 N  N   . ARG A 1 31 ? 1.017   -4.351  -8.847  1.00  23.89  ? 80   ARG A N   1 
ATOM   238 C  CA  . ARG A 1 31 ? 0.780   -3.895  -10.210 1.00  24.45  ? 80   ARG A CA  1 
ATOM   239 C  C   . ARG A 1 31 ? 1.581   -4.797  -11.153 1.00  23.71  ? 80   ARG A C   1 
ATOM   240 O  O   . ARG A 1 31 ? 1.075   -5.185  -12.225 1.00  22.90  ? 80   ARG A O   1 
ATOM   241 C  CB  . ARG A 1 31 ? 1.230   -2.427  -10.393 1.00  25.89  ? 80   ARG A CB  1 
ATOM   242 C  CG  . ARG A 1 31 ? 1.146   -1.881  -11.844 1.00  29.47  ? 80   ARG A CG  1 
ATOM   243 C  CD  . ARG A 1 31 ? -0.241  -2.090  -12.497 1.00  33.33  ? 80   ARG A CD  1 
ATOM   244 N  NE  . ARG A 1 31 ? -1.239  -1.213  -11.882 1.00  33.74  ? 80   ARG A NE  1 
ATOM   245 C  CZ  . ARG A 1 31 ? -2.528  -1.225  -12.194 1.00  39.42  ? 80   ARG A CZ  1 
ATOM   246 N  NH1 . ARG A 1 31 ? -2.954  -2.066  -13.115 1.00  38.07  ? 80   ARG A NH1 1 
ATOM   247 N  NH2 . ARG A 1 31 ? -3.373  -0.377  -11.607 1.00  43.52  ? 80   ARG A NH2 1 
ATOM   248 N  N   . GLU A 1 32 ? 2.825   -5.120  -10.799 1.00  22.52  ? 81   GLU A N   1 
ATOM   249 C  CA  . GLU A 1 32 ? 3.640   -5.924  -11.726 1.00  24.31  ? 81   GLU A CA  1 
ATOM   250 C  C   . GLU A 1 32 ? 2.952   -7.289  -11.854 1.00  24.12  ? 81   GLU A C   1 
ATOM   251 O  O   . GLU A 1 32 ? 2.932   -7.858  -12.956 1.00  25.03  ? 81   GLU A O   1 
ATOM   252 C  CB  . GLU A 1 32 ? 5.083   -6.091  -11.223 1.00  26.25  ? 81   GLU A CB  1 
ATOM   253 C  CG  . GLU A 1 32 ? 6.013   -6.779  -12.267 1.00  32.77  ? 81   GLU A CG  1 
ATOM   254 C  CD  . GLU A 1 32 ? 5.828   -8.289  -12.338 1.00  39.06  ? 81   GLU A CD  1 
ATOM   255 O  OE1 . GLU A 1 32 ? 6.184   -8.880  -13.400 1.00  34.89  ? 81   GLU A OE1 1 
ATOM   256 O  OE2 . GLU A 1 32 ? 5.364   -8.873  -11.323 1.00  36.26  ? 81   GLU A OE2 1 
ATOM   257 N  N   . ARG A 1 33 ? 2.409   -7.833  -10.740 1.00  23.37  ? 82   ARG A N   1 
ATOM   258 C  CA  . ARG A 1 33 ? 1.868   -9.214  -10.762 1.00  23.58  ? 82   ARG A CA  1 
ATOM   259 C  C   . ARG A 1 33 ? 0.577   -9.145  -11.613 1.00  23.94  ? 82   ARG A C   1 
ATOM   260 O  O   . ARG A 1 33 ? 0.314   -10.042 -12.442 1.00  23.95  ? 82   ARG A O   1 
ATOM   261 C  CB  . ARG A 1 33 ? 1.544   -9.741  -9.348  1.00  24.22  ? 82   ARG A CB  1 
ATOM   262 C  CG  . ARG A 1 33 ? 0.886   -11.120 -9.326  1.00  27.77  ? 82   ARG A CG  1 
ATOM   263 C  CD  . ARG A 1 33 ? 1.644   -12.234 -10.188 1.00  29.54  ? 82   ARG A CD  1 
ATOM   264 N  NE  . ARG A 1 33 ? 1.054   -13.572 -10.009 1.00  37.10  ? 82   ARG A NE  1 
ATOM   265 C  CZ  . ARG A 1 33 ? 1.310   -14.631 -10.783 1.00  43.72  ? 82   ARG A CZ  1 
ATOM   266 N  NH1 . ARG A 1 33 ? 0.735   -15.800 -10.525 1.00  44.83  ? 82   ARG A NH1 1 
ATOM   267 N  NH2 . ARG A 1 33 ? 2.107   -14.509 -11.843 1.00  43.57  ? 82   ARG A NH2 1 
ATOM   268 N  N   . LEU A 1 34 ? -0.204  -8.085  -11.415 1.00  22.44  ? 83   LEU A N   1 
ATOM   269 C  CA  . LEU A 1 34 ? -1.427  -7.884  -12.215 1.00  23.28  ? 83   LEU A CA  1 
ATOM   270 C  C   . LEU A 1 34 ? -1.105  -7.793  -13.750 1.00  24.03  ? 83   LEU A C   1 
ATOM   271 O  O   . LEU A 1 34 ? -1.790  -8.437  -14.589 1.00  23.94  ? 83   LEU A O   1 
ATOM   272 C  CB  . LEU A 1 34 ? -2.171  -6.613  -11.758 1.00  24.79  ? 83   LEU A CB  1 
ATOM   273 C  CG  . LEU A 1 34 ? -3.516  -6.332  -12.442 1.00  26.73  ? 83   LEU A CG  1 
ATOM   274 C  CD1 . LEU A 1 34 ? -4.412  -7.566  -12.362 1.00  26.59  ? 83   LEU A CD1 1 
ATOM   275 C  CD2 . LEU A 1 34 ? -4.228  -5.169  -11.722 1.00  29.31  ? 83   LEU A CD2 1 
ATOM   276 N  N   . SER A 1 35 ? -0.064  -7.048  -14.108 1.00  22.75  ? 84   SER A N   1 
ATOM   277 C  CA  . SER A 1 35 ? 0.324   -6.887  -15.530 1.00  25.26  ? 84   SER A CA  1 
ATOM   278 C  C   . SER A 1 35 ? 0.768   -8.266  -16.111 1.00  24.64  ? 84   SER A C   1 
ATOM   279 O  O   . SER A 1 35 ? 0.468   -8.598  -17.283 1.00  24.85  ? 84   SER A O   1 
ATOM   280 C  CB  . SER A 1 35 ? 1.477   -5.830  -15.671 1.00  24.17  ? 84   SER A CB  1 
ATOM   281 O  OG  . SER A 1 35 ? 1.060   -4.498  -15.294 1.00  26.89  ? 84   SER A OG  1 
ATOM   282 N  N   . GLN A 1 36 ? 1.544   -9.022  -15.323 1.00  24.00  ? 85   GLN A N   1 
ATOM   283 C  CA  . GLN A 1 36 ? 2.041   -10.336 -15.714 1.00  25.03  ? 85   GLN A CA  1 
ATOM   284 C  C   . GLN A 1 36 ? 0.854   -11.271 -15.947 1.00  25.16  ? 85   GLN A C   1 
ATOM   285 O  O   . GLN A 1 36 ? 0.820   -12.023 -16.951 1.00  25.25  ? 85   GLN A O   1 
ATOM   286 C  CB  . GLN A 1 36 ? 2.958   -10.909 -14.617 1.00  26.03  ? 85   GLN A CB  1 
ATOM   287 C  CG  . GLN A 1 36 ? 3.594   -12.261 -14.948 1.00  33.73  ? 85   GLN A CG  1 
ATOM   288 C  CD  . GLN A 1 36 ? 4.576   -12.648 -13.853 1.00  36.83  ? 85   GLN A CD  1 
ATOM   289 O  OE1 . GLN A 1 36 ? 4.231   -12.628 -12.668 1.00  39.54  ? 85   GLN A OE1 1 
ATOM   290 N  NE2 . GLN A 1 36 ? 5.814   -12.848 -14.225 1.00  45.81  ? 85   GLN A NE2 1 
ATOM   291 N  N   . LEU A 1 37 ? -0.111  -11.266 -15.022 1.00  24.38  ? 86   LEU A N   1 
ATOM   292 C  CA  . LEU A 1 37 ? -1.285  -12.100 -15.184 1.00  25.71  ? 86   LEU A CA  1 
ATOM   293 C  C   . LEU A 1 37 ? -2.098  -11.706 -16.405 1.00  25.43  ? 86   LEU A C   1 
ATOM   294 O  O   . LEU A 1 37 ? -2.629  -12.591 -17.126 1.00  27.13  ? 86   LEU A O   1 
ATOM   295 C  CB  . LEU A 1 37 ? -2.174  -12.114 -13.931 1.00  27.14  ? 86   LEU A CB  1 
ATOM   296 C  CG  . LEU A 1 37 ? -1.562  -12.909 -12.763 1.00  28.26  ? 86   LEU A CG  1 
ATOM   297 C  CD1 . LEU A 1 37 ? -2.349  -12.634 -11.513 1.00  30.42  ? 86   LEU A CD1 1 
ATOM   298 C  CD2 . LEU A 1 37 ? -1.598  -14.411 -13.111 1.00  33.38  ? 86   LEU A CD2 1 
ATOM   299 N  N   . ARG A 1 38 ? -2.258  -10.411 -16.647 1.00  23.36  ? 87   ARG A N   1 
ATOM   300 C  CA  . ARG A 1 38 ? -3.046  -9.984  -17.822 1.00  24.91  ? 87   ARG A CA  1 
ATOM   301 C  C   . ARG A 1 38 ? -2.370  -10.326 -19.141 1.00  25.75  ? 87   ARG A C   1 
ATOM   302 O  O   . ARG A 1 38 ? -3.046  -10.681 -20.118 1.00  25.47  ? 87   ARG A O   1 
ATOM   303 C  CB  . ARG A 1 38 ? -3.377  -8.483  -17.762 1.00  26.00  ? 87   ARG A CB  1 
ATOM   304 C  CG  . ARG A 1 38 ? -4.400  -8.188  -16.676 1.00  29.50  ? 87   ARG A CG  1 
ATOM   305 C  CD  . ARG A 1 38 ? -4.538  -6.683  -16.409 1.00  33.00  ? 87   ARG A CD  1 
ATOM   306 N  NE  . ARG A 1 38 ? -5.695  -6.412  -15.571 1.00  35.10  ? 87   ARG A NE  1 
ATOM   307 C  CZ  . ARG A 1 38 ? -5.973  -5.240  -15.019 1.00  39.86  ? 87   ARG A CZ  1 
ATOM   308 N  NH1 . ARG A 1 38 ? -5.137  -4.202  -15.167 1.00  37.68  ? 87   ARG A NH1 1 
ATOM   309 N  NH2 . ARG A 1 38 ? -7.072  -5.112  -14.283 1.00  40.58  ? 87   ARG A NH2 1 
ATOM   310 N  N   . LEU A 1 39 ? -1.046  -10.206 -19.181 1.00  22.59  ? 88   LEU A N   1 
ATOM   311 C  CA  . LEU A 1 39 ? -0.297  -10.624 -20.356 1.00  23.19  ? 88   LEU A CA  1 
ATOM   312 C  C   . LEU A 1 39 ? -0.490  -12.148 -20.567 1.00  25.37  ? 88   LEU A C   1 
ATOM   313 O  O   . LEU A 1 39 ? -0.746  -12.581 -21.672 1.00  27.68  ? 88   LEU A O   1 
ATOM   314 C  CB  . LEU A 1 39 ? 1.194   -10.330 -20.125 1.00  23.36  ? 88   LEU A CB  1 
ATOM   315 C  CG  . LEU A 1 39 ? 2.204   -10.900 -21.156 1.00  24.73  ? 88   LEU A CG  1 
ATOM   316 C  CD1 . LEU A 1 39 ? 1.949   -10.452 -22.603 1.00  28.72  ? 88   LEU A CD1 1 
ATOM   317 C  CD2 . LEU A 1 39 ? 3.669   -10.577 -20.762 1.00  30.53  ? 88   LEU A CD2 1 
ATOM   318 N  N   . ARG A 1 40 ? -0.310  -12.945 -19.503 1.00  25.00  ? 89   ARG A N   1 
ATOM   319 C  CA  . ARG A 1 40 ? -0.451  -14.420 -19.636 1.00  30.52  ? 89   ARG A CA  1 
ATOM   320 C  C   . ARG A 1 40 ? -1.852  -14.774 -20.137 1.00  30.61  ? 89   ARG A C   1 
ATOM   321 O  O   . ARG A 1 40 ? -2.003  -15.680 -20.969 1.00  33.39  ? 89   ARG A O   1 
ATOM   322 C  CB  . ARG A 1 40 ? -0.193  -15.079 -18.283 1.00  33.69  ? 89   ARG A CB  1 
ATOM   323 C  CG  . ARG A 1 40 ? 1.310   -15.185 -17.965 1.00  39.65  ? 89   ARG A CG  1 
ATOM   324 C  CD  . ARG A 1 40 ? 1.599   -15.498 -16.536 1.00  48.47  ? 89   ARG A CD  1 
ATOM   325 N  NE  . ARG A 1 40 ? 3.018   -15.817 -16.407 1.00  60.80  ? 89   ARG A NE  1 
ATOM   326 C  CZ  . ARG A 1 40 ? 3.626   -16.111 -15.264 1.00  67.02  ? 89   ARG A CZ  1 
ATOM   327 N  NH1 . ARG A 1 40 ? 2.938   -16.113 -14.128 1.00  68.75  ? 89   ARG A NH1 1 
ATOM   328 N  NH2 . ARG A 1 40 ? 4.926   -16.395 -15.261 1.00  74.62  ? 89   ARG A NH2 1 
ATOM   329 N  N   . LEU A 1 41 ? -2.865  -14.094 -19.591 1.00  30.63  ? 90   LEU A N   1 
ATOM   330 C  CA  . LEU A 1 41 ? -4.276  -14.291 -20.004 1.00  34.19  ? 90   LEU A CA  1 
ATOM   331 C  C   . LEU A 1 41 ? -4.416  -14.099 -21.522 1.00  34.93  ? 90   LEU A C   1 
ATOM   332 O  O   . LEU A 1 41 ? -5.035  -14.928 -22.251 1.00  36.11  ? 90   LEU A O   1 
ATOM   333 C  CB  . LEU A 1 41 ? -5.238  -13.392 -19.181 1.00  34.39  ? 90   LEU A CB  1 
ATOM   334 C  CG  . LEU A 1 41 ? -6.730  -13.349 -19.591 1.00  39.53  ? 90   LEU A CG  1 
ATOM   335 C  CD1 . LEU A 1 41 ? -7.361  -14.730 -19.518 1.00  46.77  ? 90   LEU A CD1 1 
ATOM   336 C  CD2 . LEU A 1 41 ? -7.532  -12.335 -18.744 1.00  43.75  ? 90   LEU A CD2 1 
ATOM   337 N  N   . GLU A 1 42 ? -3.791  -13.037 -22.013 1.00  33.16  ? 91   GLU A N   1 
ATOM   338 C  CA  . GLU A 1 42 ? -3.816  -12.732 -23.435 1.00  36.36  ? 91   GLU A CA  1 
ATOM   339 C  C   . GLU A 1 42 ? -3.098  -13.787 -24.260 1.00  36.36  ? 91   GLU A C   1 
ATOM   340 O  O   . GLU A 1 42 ? -3.550  -14.146 -25.348 1.00  40.03  ? 91   GLU A O   1 
ATOM   341 C  CB  . GLU A 1 42 ? -3.175  -11.366 -23.683 1.00  35.87  ? 91   GLU A CB  1 
ATOM   342 C  CG  . GLU A 1 42 ? -3.676  -10.688 -24.918 1.00  41.68  ? 91   GLU A CG  1 
ATOM   343 C  CD  . GLU A 1 42 ? -5.140  -10.301 -24.804 1.00  47.06  ? 91   GLU A CD  1 
ATOM   344 O  OE1 . GLU A 1 42 ? -5.821  -10.472 -25.814 1.00  50.86  ? 91   GLU A OE1 1 
ATOM   345 O  OE2 . GLU A 1 42 ? -5.582  -9.819  -23.718 1.00  50.38  ? 91   GLU A OE2 1 
ATOM   346 N  N   . GLU A 1 43 ? -1.971  -14.269 -23.757 1.00  35.90  ? 92   GLU A N   1 
ATOM   347 C  CA  . GLU A 1 43 ? -1.111  -15.201 -24.505 1.00  37.93  ? 92   GLU A CA  1 
ATOM   348 C  C   . GLU A 1 43 ? -1.798  -16.560 -24.651 1.00  42.18  ? 92   GLU A C   1 
ATOM   349 O  O   . GLU A 1 43 ? -1.581  -17.274 -25.643 1.00  44.72  ? 92   GLU A O   1 
ATOM   350 C  CB  . GLU A 1 43 ? 0.233   -15.382 -23.795 1.00  37.58  ? 92   GLU A CB  1 
ATOM   351 C  CG  . GLU A 1 43 ? 1.097   -14.101 -23.798 1.00  36.99  ? 92   GLU A CG  1 
ATOM   352 C  CD  . GLU A 1 43 ? 2.350   -14.192 -22.976 1.00  38.17  ? 92   GLU A CD  1 
ATOM   353 O  OE1 . GLU A 1 43 ? 2.365   -14.848 -21.922 1.00  37.69  ? 92   GLU A OE1 1 
ATOM   354 O  OE2 . GLU A 1 43 ? 3.348   -13.568 -23.371 1.00  41.59  ? 92   GLU A OE2 1 
ATOM   355 N  N   . VAL A 1 44 ? -2.619  -16.913 -23.667 1.00  44.54  ? 93   VAL A N   1 
ATOM   356 C  CA  . VAL A 1 44 ? -3.392  -18.161 -23.766 1.00  51.88  ? 93   VAL A CA  1 
ATOM   357 C  C   . VAL A 1 44 ? -4.522  -17.908 -24.776 1.00  54.18  ? 93   VAL A C   1 
ATOM   358 O  O   . VAL A 1 44 ? -4.734  -18.707 -25.708 1.00  57.79  ? 93   VAL A O   1 
ATOM   359 C  CB  . VAL A 1 44 ? -3.997  -18.586 -22.418 1.00  54.15  ? 93   VAL A CB  1 
ATOM   360 C  CG1 . VAL A 1 44 ? -2.943  -18.634 -21.301 1.00  53.40  ? 93   VAL A CG1 1 
ATOM   361 C  CG2 . VAL A 1 44 ? -5.146  -17.652 -22.029 1.00  54.29  ? 93   VAL A CG2 1 
ATOM   362 N  N   . GLY A 1 45 ? -5.221  -16.781 -24.598 1.00  53.90  ? 94   GLY A N   1 
ATOM   363 C  CA  . GLY A 1 45 ? -6.363  -16.440 -25.446 1.00  57.35  ? 94   GLY A CA  1 
ATOM   364 C  C   . GLY A 1 45 ? -7.614  -17.212 -25.058 1.00  62.34  ? 94   GLY A C   1 
ATOM   365 O  O   . GLY A 1 45 ? -8.070  -17.113 -23.908 1.00  65.12  ? 94   GLY A O   1 
ATOM   366 N  N   . GLU B 1 2  ? -8.278  -18.383 -20.876 1.00  81.56  ? 51   GLU B N   1 
ATOM   367 C  CA  . GLU B 1 2  ? -7.910  -18.963 -19.548 1.00  75.60  ? 51   GLU B CA  1 
ATOM   368 C  C   . GLU B 1 2  ? -8.722  -18.375 -18.393 1.00  71.57  ? 51   GLU B C   1 
ATOM   369 O  O   . GLU B 1 2  ? -8.499  -17.242 -17.967 1.00  65.86  ? 51   GLU B O   1 
ATOM   370 C  CB  . GLU B 1 2  ? -6.424  -18.746 -19.237 1.00  71.44  ? 51   GLU B CB  1 
ATOM   371 C  CG  . GLU B 1 2  ? -5.846  -19.764 -18.257 1.00  70.82  ? 51   GLU B CG  1 
ATOM   372 C  CD  . GLU B 1 2  ? -5.553  -21.116 -18.894 0.010 77.79  ? 51   GLU B CD  1 
ATOM   373 O  OE1 . GLU B 1 2  ? -5.250  -21.166 -20.105 0.010 82.13  ? 51   GLU B OE1 1 
ATOM   374 O  OE2 . GLU B 1 2  ? -5.618  -22.134 -18.172 0.010 80.41  ? 51   GLU B OE2 1 
ATOM   375 N  N   . ASP B 1 3  ? -9.641  -19.175 -17.867 1.00  74.89  ? 52   ASP B N   1 
ATOM   376 C  CA  . ASP B 1 3  ? -10.327 -18.814 -16.639 1.00  72.28  ? 52   ASP B CA  1 
ATOM   377 C  C   . ASP B 1 3  ? -9.309  -18.678 -15.498 1.00  64.38  ? 52   ASP B C   1 
ATOM   378 O  O   . ASP B 1 3  ? -9.459  -17.824 -14.621 1.00  60.63  ? 52   ASP B O   1 
ATOM   379 C  CB  . ASP B 1 3  ? -11.395 -19.873 -16.315 1.00  80.74  ? 52   ASP B CB  1 
ATOM   380 C  CG  . ASP B 1 3  ? -12.503 -19.933 -17.358 0.010 89.91  ? 52   ASP B CG  1 
ATOM   381 O  OD1 . ASP B 1 3  ? -12.987 -18.864 -17.789 0.010 90.82  ? 52   ASP B OD1 1 
ATOM   382 O  OD2 . ASP B 1 3  ? -12.896 -21.055 -17.738 0.010 97.98  ? 52   ASP B OD2 1 
ATOM   383 N  N   . TYR B 1 4  ? -8.265  -19.511 -15.544 1.00  63.88  ? 53   TYR B N   1 
ATOM   384 C  CA  . TYR B 1 4  ? -7.262  -19.612 -14.483 1.00  59.89  ? 53   TYR B CA  1 
ATOM   385 C  C   . TYR B 1 4  ? -6.549  -18.287 -14.320 1.00  52.09  ? 53   TYR B C   1 
ATOM   386 O  O   . TYR B 1 4  ? -6.593  -17.694 -13.239 1.00  48.23  ? 53   TYR B O   1 
ATOM   387 C  CB  . TYR B 1 4  ? -6.252  -20.700 -14.822 1.00  64.47  ? 53   TYR B CB  1 
ATOM   388 C  CG  . TYR B 1 4  ? -5.168  -20.951 -13.789 0.50  66.17  ? 53   TYR B CG  1 
ATOM   389 C  CD1 . TYR B 1 4  ? -5.392  -21.812 -12.710 0.50  73.39  ? 53   TYR B CD1 1 
ATOM   390 C  CD2 . TYR B 1 4  ? -3.897  -20.383 -13.924 0.50  63.70  ? 53   TYR B CD2 1 
ATOM   391 C  CE1 . TYR B 1 4  ? -4.392  -22.081 -11.777 0.50  77.09  ? 53   TYR B CE1 1 
ATOM   392 C  CE2 . TYR B 1 4  ? -2.890  -20.639 -12.989 0.50  68.24  ? 53   TYR B CE2 1 
ATOM   393 C  CZ  . TYR B 1 4  ? -3.147  -21.494 -11.921 0.50  74.47  ? 53   TYR B CZ  1 
ATOM   394 O  OH  . TYR B 1 4  ? -2.165  -21.768 -10.993 0.50  80.49  ? 53   TYR B OH  1 
ATOM   395 N  N   . GLU B 1 5  ? -5.934  -17.797 -15.403 1.00  50.19  ? 54   GLU B N   1 
ATOM   396 C  CA  . GLU B 1 5  ? -5.267  -16.478 -15.353 1.00  45.96  ? 54   GLU B CA  1 
ATOM   397 C  C   . GLU B 1 5  ? -6.263  -15.346 -15.040 1.00  41.92  ? 54   GLU B C   1 
ATOM   398 O  O   . GLU B 1 5  ? -5.939  -14.381 -14.318 1.00  36.59  ? 54   GLU B O   1 
ATOM   399 C  CB  . GLU B 1 5  ? -4.546  -16.168 -16.672 1.00  49.03  ? 54   GLU B CB  1 
ATOM   400 C  CG  . GLU B 1 5  ? -3.727  -17.315 -17.267 1.00  56.80  ? 54   GLU B CG  1 
ATOM   401 C  CD  . GLU B 1 5  ? -2.576  -17.752 -16.370 1.00  59.77  ? 54   GLU B CD  1 
ATOM   402 O  OE1 . GLU B 1 5  ? -1.938  -18.790 -16.692 1.00  64.08  ? 54   GLU B OE1 1 
ATOM   403 O  OE2 . GLU B 1 5  ? -2.322  -17.052 -15.354 1.00  55.65  ? 54   GLU B OE2 1 
ATOM   404 N  N   . ARG B 1 6  ? -7.476  -15.466 -15.577 1.00  44.50  ? 55   ARG B N   1 
ATOM   405 C  CA  . ARG B 1 6  ? -8.458  -14.415 -15.354 1.00  43.79  ? 55   ARG B CA  1 
ATOM   406 C  C   . ARG B 1 6  ? -8.838  -14.291 -13.871 1.00  40.33  ? 55   ARG B C   1 
ATOM   407 O  O   . ARG B 1 6  ? -8.857  -13.182 -13.354 1.00  36.70  ? 55   ARG B O   1 
ATOM   408 C  CB  . ARG B 1 6  ? -9.711  -14.597 -16.236 1.00  50.86  ? 55   ARG B CB  1 
ATOM   409 C  CG  . ARG B 1 6  ? -10.577 -13.333 -16.253 1.00  54.88  ? 55   ARG B CG  1 
ATOM   410 C  CD  . ARG B 1 6  ? -11.994 -13.582 -16.746 1.00  67.12  ? 55   ARG B CD  1 
ATOM   411 N  NE  . ARG B 1 6  ? -12.165 -13.381 -18.191 1.00  78.84  ? 55   ARG B NE  1 
ATOM   412 C  CZ  . ARG B 1 6  ? -13.319 -13.637 -18.825 1.00  92.74  ? 55   ARG B CZ  1 
ATOM   413 N  NH1 . ARG B 1 6  ? -14.394 -14.090 -18.138 1.00  98.58  ? 55   ARG B NH1 1 
ATOM   414 N  NH2 . ARG B 1 6  ? -13.418 -13.438 -20.143 1.00  102.68 ? 55   ARG B NH2 1 
ATOM   415 N  N   . ARG B 1 7  ? -9.221  -15.401 -13.220 1.00  42.93  ? 56   ARG B N   1 
ATOM   416 C  CA  . ARG B 1 7  ? -9.591  -15.399 -11.789 1.00  43.66  ? 56   ARG B CA  1 
ATOM   417 C  C   . ARG B 1 7  ? -8.480  -14.848 -10.902 1.00  38.72  ? 56   ARG B C   1 
ATOM   418 O  O   . ARG B 1 7  ? -8.700  -14.016 -9.974  1.00  36.85  ? 56   ARG B O   1 
ATOM   419 C  CB  . ARG B 1 7  ? -9.886  -16.826 -11.319 1.00  50.70  ? 56   ARG B CB  1 
ATOM   420 C  CG  . ARG B 1 7  ? -11.267 -17.316 -11.612 1.00  60.82  ? 56   ARG B CG  1 
ATOM   421 C  CD  . ARG B 1 7  ? -11.223 -18.489 -12.539 1.00  69.85  ? 56   ARG B CD  1 
ATOM   422 N  NE  . ARG B 1 7  ? -11.028 -19.777 -11.861 1.00  77.41  ? 56   ARG B NE  1 
ATOM   423 C  CZ  . ARG B 1 7  ? -12.001 -20.642 -11.590 1.00  87.30  ? 56   ARG B CZ  1 
ATOM   424 N  NH1 . ARG B 1 7  ? -11.719 -21.774 -10.964 1.00  93.60  ? 56   ARG B NH1 1 
ATOM   425 N  NH2 . ARG B 1 7  ? -13.260 -20.368 -11.924 1.00  93.04  ? 56   ARG B NH2 1 
ATOM   426 N  N   . ARG B 1 8  ? -7.264  -15.317 -11.174 1.00  36.59  ? 57   ARG B N   1 
ATOM   427 C  CA  . ARG B 1 8  ? -6.133  -14.806 -10.412 1.00  32.90  ? 57   ARG B CA  1 
ATOM   428 C  C   . ARG B 1 8  ? -5.969  -13.309 -10.649 1.00  29.25  ? 57   ARG B C   1 
ATOM   429 O  O   . ARG B 1 8  ? -5.762  -12.560 -9.659  1.00  27.02  ? 57   ARG B O   1 
ATOM   430 C  CB  . ARG B 1 8  ? -4.853  -15.602 -10.691 1.00  35.68  ? 57   ARG B CB  1 
ATOM   431 C  CG  . ARG B 1 8  ? -4.849  -17.028 -10.126 1.00  41.62  ? 57   ARG B CG  1 
ATOM   432 C  CD  . ARG B 1 8  ? -3.539  -17.726 -10.490 1.00  46.61  ? 57   ARG B CD  1 
ATOM   433 N  NE  . ARG B 1 8  ? -3.483  -19.082 -9.978  1.00  58.86  ? 57   ARG B NE  1 
ATOM   434 C  CZ  . ARG B 1 8  ? -2.846  -19.479 -8.873  1.00  65.08  ? 57   ARG B CZ  1 
ATOM   435 N  NH1 . ARG B 1 8  ? -2.180  -18.621 -8.111  1.00  61.21  ? 57   ARG B NH1 1 
ATOM   436 N  NH2 . ARG B 1 8  ? -2.892  -20.761 -8.529  1.00  72.21  ? 57   ARG B NH2 1 
ATOM   437 N  N   . SER B 1 9  ? -6.103  -12.834 -11.898 1.00  28.23  ? 58   SER B N   1 
ATOM   438 C  CA  . SER B 1 9  ? -5.956  -11.372 -12.138 1.00  28.65  ? 58   SER B CA  1 
ATOM   439 C  C   . SER B 1 9  ? -7.013  -10.533 -11.400 1.00  27.36  ? 58   SER B C   1 
ATOM   440 O  O   . SER B 1 9  ? -6.705  -9.433  -10.971 1.00  27.17  ? 58   SER B O   1 
ATOM   441 C  CB  . SER B 1 9  ? -5.950  -10.994 -13.646 1.00  31.10  ? 58   SER B CB  1 
ATOM   442 O  OG  . SER B 1 9  ? -7.201  -11.288 -14.243 1.00  38.98  ? 58   SER B OG  1 
ATOM   443 N  N   . GLU B 1 10 ? -8.251  -11.025 -11.331 1.00  30.04  ? 59   GLU B N   1 
ATOM   444 C  CA  . GLU B 1 10 ? -9.357  -10.345 -10.609 1.00  32.97  ? 59   GLU B CA  1 
ATOM   445 C  C   . GLU B 1 10 ? -9.052  -10.236 -9.117  1.00  31.34  ? 59   GLU B C   1 
ATOM   446 O  O   . GLU B 1 10 ? -9.333  -9.207  -8.497  1.00  31.00  ? 59   GLU B O   1 
ATOM   447 C  CB  . GLU B 1 10 ? -10.660 -11.116 -10.784 1.00  38.21  ? 59   GLU B CB  1 
ATOM   448 C  CG  . GLU B 1 10 ? -11.167 -11.225 -12.244 1.00  44.27  ? 59   GLU B CG  1 
ATOM   449 C  CD  . GLU B 1 10 ? -12.284 -12.259 -12.409 1.00  54.02  ? 59   GLU B CD  1 
ATOM   450 O  OE1 . GLU B 1 10 ? -12.666 -12.897 -11.392 1.00  59.23  ? 59   GLU B OE1 1 
ATOM   451 O  OE2 . GLU B 1 10 ? -12.817 -12.420 -13.550 1.00  61.81  ? 59   GLU B OE2 1 
ATOM   452 N  N   . CYS B 1 11 ? -8.486  -11.306 -8.540  1.00  31.48  ? 60   CYS B N   1 
ATOM   453 C  CA  A CYS B 1 11 ? -8.195  -11.304 -7.121  0.20  30.44  ? 60   CYS B CA  1 
ATOM   454 C  CA  B CYS B 1 11 ? -8.149  -11.339 -7.100  0.80  31.39  ? 60   CYS B CA  1 
ATOM   455 C  C   . CYS B 1 11 ? -7.095  -10.282 -6.860  1.00  27.47  ? 60   CYS B C   1 
ATOM   456 O  O   . CYS B 1 11 ? -7.232  -9.457  -5.958  1.00  26.13  ? 60   CYS B O   1 
ATOM   457 C  CB  A CYS B 1 11 ? -7.829  -12.707 -6.641  0.20  34.37  ? 60   CYS B CB  1 
ATOM   458 C  CB  B CYS B 1 11 ? -7.576  -12.702 -6.689  0.80  34.66  ? 60   CYS B CB  1 
ATOM   459 S  SG  A CYS B 1 11 ? -9.198  -13.892 -6.834  0.20  38.17  ? 60   CYS B SG  1 
ATOM   460 S  SG  B CYS B 1 11 ? -6.541  -12.718 -5.142  0.80  43.63  ? 60   CYS B SG  1 
ATOM   461 N  N   . VAL B 1 12 ? -6.034  -10.303 -7.688  1.00  24.78  ? 61   VAL B N   1 
ATOM   462 C  CA  . VAL B 1 12 ? -4.933  -9.336  -7.510  1.00  24.98  ? 61   VAL B CA  1 
ATOM   463 C  C   . VAL B 1 12 ? -5.399  -7.866  -7.734  1.00  23.64  ? 61   VAL B C   1 
ATOM   464 O  O   . VAL B 1 12 ? -4.977  -6.941  -7.007  1.00  23.52  ? 61   VAL B O   1 
ATOM   465 C  CB  . VAL B 1 12 ? -3.713  -9.681  -8.382  1.00  23.85  ? 61   VAL B CB  1 
ATOM   466 C  CG1 . VAL B 1 12 ? -2.549  -8.650  -8.184  1.00  27.06  ? 61   VAL B CG1 1 
ATOM   467 C  CG2 . VAL B 1 12 ? -3.205  -11.070 -8.053  1.00  29.06  ? 61   VAL B CG2 1 
ATOM   468 N  N   . SER B 1 13 ? -6.212  -7.652  -8.739  1.00  22.79  ? 62   SER B N   1 
ATOM   469 C  CA  . SER B 1 13 ? -6.728  -6.292  -9.008  1.00  24.46  ? 62   SER B CA  1 
ATOM   470 C  C   . SER B 1 13 ? -7.534  -5.814  -7.785  1.00  24.65  ? 62   SER B C   1 
ATOM   471 O  O   . SER B 1 13 ? -7.400  -4.659  -7.390  1.00  25.55  ? 62   SER B O   1 
ATOM   472 C  CB  . SER B 1 13 ? -7.591  -6.283  -10.268 1.00  28.88  ? 62   SER B CB  1 
ATOM   473 O  OG  . SER B 1 13 ? -8.154  -5.003  -10.516 1.00  32.90  ? 62   SER B OG  1 
ATOM   474 N  N   . GLU B 1 14 ? -8.436  -6.670  -7.260  1.00  25.46  ? 63   GLU B N   1 
ATOM   475 C  CA  . GLU B 1 14 ? -9.260  -6.319  -6.088  1.00  27.67  ? 63   GLU B CA  1 
ATOM   476 C  C   . GLU B 1 14 ? -8.323  -5.903  -4.910  1.00  25.19  ? 63   GLU B C   1 
ATOM   477 O  O   . GLU B 1 14 ? -8.584  -4.900  -4.231  1.00  24.81  ? 63   GLU B O   1 
ATOM   478 C  CB  . GLU B 1 14 ? -10.126 -7.549  -5.730  1.00  30.97  ? 63   GLU B CB  1 
ATOM   479 C  CG  . GLU B 1 14 ? -11.478 -7.425  -5.139  1.00  43.02  ? 63   GLU B CG  1 
ATOM   480 C  CD  . GLU B 1 14 ? -12.330 -6.251  -5.582  1.00  44.35  ? 63   GLU B CD  1 
ATOM   481 O  OE1 . GLU B 1 14 ? -12.974 -6.265  -6.665  1.00  52.99  ? 63   GLU B OE1 1 
ATOM   482 O  OE2 . GLU B 1 14 ? -12.368 -5.345  -4.778  1.00  42.50  ? 63   GLU B OE2 1 
ATOM   483 N  N   . MET B 1 15 ? -7.311  -6.727  -4.623  1.00  22.21  ? 64   MET B N   1 
ATOM   484 C  CA  . MET B 1 15 ? -6.425  -6.478  -3.492  1.00  23.17  ? 64   MET B CA  1 
ATOM   485 C  C   . MET B 1 15 ? -5.553  -5.269  -3.771  1.00  22.76  ? 64   MET B C   1 
ATOM   486 O  O   . MET B 1 15 ? -5.235  -4.508  -2.856  1.00  23.22  ? 64   MET B O   1 
ATOM   487 C  CB  . MET B 1 15 ? -5.593  -7.715  -3.189  1.00  25.60  ? 64   MET B CB  1 
ATOM   488 C  CG  . MET B 1 15 ? -6.462  -8.866  -2.635  1.00  30.01  ? 64   MET B CG  1 
ATOM   489 S  SD  . MET B 1 15 ? -7.407  -8.404  -1.143  1.00  40.48  ? 64   MET B SD  1 
ATOM   490 C  CE  . MET B 1 15 ? -9.015  -8.699  -1.759  1.00  40.53  ? 64   MET B CE  1 
ATOM   491 N  N   . LEU B 1 16 ? -5.158  -5.092  -5.020  1.00  21.12  ? 65   LEU B N   1 
ATOM   492 C  CA  . LEU B 1 16 ? -4.369  -3.866  -5.388  1.00  23.74  ? 65   LEU B CA  1 
ATOM   493 C  C   . LEU B 1 16 ? -5.179  -2.576  -5.046  1.00  23.34  ? 65   LEU B C   1 
ATOM   494 O  O   . LEU B 1 16 ? -4.696  -1.634  -4.364  1.00  26.66  ? 65   LEU B O   1 
ATOM   495 C  CB  . LEU B 1 16 ? -3.919  -3.917  -6.887  1.00  23.50  ? 65   LEU B CB  1 
ATOM   496 C  CG  . LEU B 1 16 ? -3.211  -2.652  -7.413  1.00  27.24  ? 65   LEU B CG  1 
ATOM   497 C  CD1 . LEU B 1 16 ? -2.075  -2.152  -6.470  1.00  33.41  ? 65   LEU B CD1 1 
ATOM   498 C  CD2 . LEU B 1 16 ? -2.683  -2.850  -8.864  1.00  31.24  ? 65   LEU B CD2 1 
ATOM   499 N  N   . ASP B 1 17 ? -6.417  -2.543  -5.480  1.00  27.95  ? 66   ASP B N   1 
ATOM   500 C  CA  . ASP B 1 17 ? -7.278  -1.386  -5.263  1.00  27.86  ? 66   ASP B CA  1 
ATOM   501 C  C   . ASP B 1 17 ? -7.514  -1.136  -3.762  1.00  27.17  ? 66   ASP B C   1 
ATOM   502 O  O   . ASP B 1 17 ? -7.494  0.020   -3.299  1.00  26.79  ? 66   ASP B O   1 
ATOM   503 C  CB  . ASP B 1 17 ? -8.593  -1.598  -5.999  1.00  27.90  ? 66   ASP B CB  1 
ATOM   504 C  CG  . ASP B 1 17 ? -8.438  -1.528  -7.539  1.00  34.12  ? 66   ASP B CG  1 
ATOM   505 O  OD1 . ASP B 1 17 ? -7.312  -1.314  -8.069  1.00  39.62  ? 66   ASP B OD1 1 
ATOM   506 O  OD2 . ASP B 1 17 ? -9.484  -1.696  -8.221  1.00  39.19  ? 66   ASP B OD2 1 
ATOM   507 N  N   . LEU B 1 18 ? -7.733  -2.205  -2.991  1.00  26.03  ? 67   LEU B N   1 
ATOM   508 C  CA  . LEU B 1 18 ? -7.938  -2.062  -1.533  1.00  24.46  ? 67   LEU B CA  1 
ATOM   509 C  C   . LEU B 1 18 ? -6.649  -1.627  -0.838  1.00  26.07  ? 67   LEU B C   1 
ATOM   510 O  O   . LEU B 1 18 ? -6.722  -0.803  0.120   1.00  24.81  ? 67   LEU B O   1 
ATOM   511 C  CB  . LEU B 1 18 ? -8.424  -3.393  -0.942  1.00  25.02  ? 67   LEU B CB  1 
ATOM   512 C  CG  . LEU B 1 18 ? -9.913  -3.728  -1.132  1.00  25.06  ? 67   LEU B CG  1 
ATOM   513 C  CD1 . LEU B 1 18 ? -10.238 -5.221  -0.861  1.00  25.77  ? 67   LEU B CD1 1 
ATOM   514 C  CD2 . LEU B 1 18 ? -10.875 -2.852  -0.203  1.00  27.74  ? 67   LEU B CD2 1 
ATOM   515 N  N   . GLU B 1 19 ? -5.490  -2.151  -1.287  1.00  25.98  ? 68   GLU B N   1 
ATOM   516 C  CA  A GLU B 1 19 ? -4.210  -1.742  -0.712  0.50  27.50  ? 68   GLU B CA  1 
ATOM   517 C  CA  B GLU B 1 19 ? -4.219  -1.740  -0.680  0.50  27.28  ? 68   GLU B CA  1 
ATOM   518 C  C   . GLU B 1 19 ? -3.933  -0.256  -0.958  1.00  27.83  ? 68   GLU B C   1 
ATOM   519 O  O   . GLU B 1 19 ? -3.386  0.448   -0.088  1.00  27.55  ? 68   GLU B O   1 
ATOM   520 C  CB  A GLU B 1 19 ? -3.053  -2.582  -1.263  0.50  31.66  ? 68   GLU B CB  1 
ATOM   521 C  CB  B GLU B 1 19 ? -3.026  -2.618  -1.120  0.50  31.42  ? 68   GLU B CB  1 
ATOM   522 C  CG  A GLU B 1 19 ? -1.743  -2.318  -0.545  0.50  33.90  ? 68   GLU B CG  1 
ATOM   523 C  CG  B GLU B 1 19 ? -3.083  -4.113  -0.746  0.50  31.97  ? 68   GLU B CG  1 
ATOM   524 C  CD  A GLU B 1 19 ? -1.793  -2.815  0.889   0.50  33.81  ? 68   GLU B CD  1 
ATOM   525 C  CD  B GLU B 1 19 ? -2.964  -4.404  0.744   0.50  33.46  ? 68   GLU B CD  1 
ATOM   526 O  OE1 A GLU B 1 19 ? -1.436  -2.029  1.779   0.50  33.13  ? 68   GLU B OE1 1 
ATOM   527 O  OE1 B GLU B 1 19 ? -3.077  -3.487  1.563   0.50  36.71  ? 68   GLU B OE1 1 
ATOM   528 O  OE2 A GLU B 1 19 ? -2.240  -3.977  1.119   0.50  35.45  ? 68   GLU B OE2 1 
ATOM   529 O  OE2 B GLU B 1 19 ? -2.746  -5.567  1.111   0.50  40.17  ? 68   GLU B OE2 1 
ATOM   530 N  N   . LYS B 1 20 ? -4.281  0.232   -2.150  1.00  27.34  ? 69   LYS B N   1 
ATOM   531 C  CA  . LYS B 1 20 ? -4.016  1.629   -2.472  1.00  30.15  ? 69   LYS B CA  1 
ATOM   532 C  C   . LYS B 1 20 ? -4.797  2.513   -1.496  1.00  28.89  ? 69   LYS B C   1 
ATOM   533 O  O   . LYS B 1 20 ? -4.292  3.551   -1.028  1.00  31.30  ? 69   LYS B O   1 
ATOM   534 C  CB  . LYS B 1 20 ? -4.487  1.932   -3.876  1.00  31.87  ? 69   LYS B CB  1 
ATOM   535 C  CG  . LYS B 1 20 ? -3.533  2.581   -4.744  1.00  42.99  ? 69   LYS B CG  1 
ATOM   536 C  CD  . LYS B 1 20 ? -3.453  1.873   -6.078  1.00  49.47  ? 69   LYS B CD  1 
ATOM   537 C  CE  . LYS B 1 20 ? -4.777  1.841   -6.835  1.00  50.36  ? 69   LYS B CE  1 
ATOM   538 N  NZ  . LYS B 1 20 ? -4.556  2.195   -8.303  1.00  57.57  ? 69   LYS B NZ  1 
ATOM   539 N  N   . GLN B 1 21 ? -6.019  2.107   -1.205  1.00  25.77  ? 70   GLN B N   1 
ATOM   540 C  CA  . GLN B 1 21 ? -6.882  2.868   -0.276  1.00  28.12  ? 70   GLN B CA  1 
ATOM   541 C  C   . GLN B 1 21 ? -6.396  2.774   1.159   1.00  27.10  ? 70   GLN B C   1 
ATOM   542 O  O   . GLN B 1 21 ? -6.359  3.792   1.865   1.00  29.19  ? 70   GLN B O   1 
ATOM   543 C  CB  . GLN B 1 21 ? -8.266  2.294   -0.338  1.00  27.37  ? 70   GLN B CB  1 
ATOM   544 C  CG  . GLN B 1 21 ? -9.014  2.685   -1.619  1.00  31.88  ? 70   GLN B CG  1 
ATOM   545 C  CD  . GLN B 1 21 ? -10.468 2.201   -1.568  1.00  34.53  ? 70   GLN B CD  1 
ATOM   546 O  OE1 . GLN B 1 21 ? -11.321 2.828   -0.938  1.00  38.32  ? 70   GLN B OE1 1 
ATOM   547 N  NE2 . GLN B 1 21 ? -10.745 1.092   -2.246  1.00  33.44  ? 70   GLN B NE2 1 
ATOM   548 N  N   . PHE B 1 22 ? -6.038  1.566   1.594   1.00  26.01  ? 71   PHE B N   1 
ATOM   549 C  CA  . PHE B 1 22 ? -5.466  1.371   2.930   1.00  28.17  ? 71   PHE B CA  1 
ATOM   550 C  C   . PHE B 1 22 ? -4.225  2.240   3.159   1.00  27.74  ? 71   PHE B C   1 
ATOM   551 O  O   . PHE B 1 22 ? -4.084  2.832   4.257   1.00  27.57  ? 71   PHE B O   1 
ATOM   552 C  CB  . PHE B 1 22 ? -5.087  -0.078  3.150   1.00  28.29  ? 71   PHE B CB  1 
ATOM   553 C  CG  . PHE B 1 22 ? -4.708  -0.385  4.555   1.00  34.46  ? 71   PHE B CG  1 
ATOM   554 C  CD1 . PHE B 1 22 ? -5.502  0.058   5.636   1.00  33.16  ? 71   PHE B CD1 1 
ATOM   555 C  CD2 . PHE B 1 22 ? -3.590  -1.163  4.824   1.00  36.61  ? 71   PHE B CD2 1 
ATOM   556 C  CE1 . PHE B 1 22 ? -5.132  -0.217  6.920   1.00  39.41  ? 71   PHE B CE1 1 
ATOM   557 C  CE2 . PHE B 1 22 ? -3.237  -1.475  6.153   1.00  43.97  ? 71   PHE B CE2 1 
ATOM   558 C  CZ  . PHE B 1 22 ? -3.997  -0.987  7.187   1.00  42.63  ? 71   PHE B CZ  1 
ATOM   559 N  N   . SER B 1 23 ? -3.307  2.235   2.185   1.00  28.20  ? 72   SER B N   1 
ATOM   560 C  CA  A SER B 1 23 ? -2.061  3.023   2.287   0.50  30.92  ? 72   SER B CA  1 
ATOM   561 C  CA  B SER B 1 23 ? -2.063  3.018   2.297   0.50  30.06  ? 72   SER B CA  1 
ATOM   562 C  C   . SER B 1 23 ? -2.382  4.497   2.609   1.00  30.70  ? 72   SER B C   1 
ATOM   563 O  O   . SER B 1 23 ? -1.743  5.121   3.459   1.00  29.37  ? 72   SER B O   1 
ATOM   564 C  CB  A SER B 1 23 ? -1.240  2.910   1.007   0.50  34.25  ? 72   SER B CB  1 
ATOM   565 C  CB  B SER B 1 23 ? -1.249  2.895   1.024   0.50  33.16  ? 72   SER B CB  1 
ATOM   566 O  OG  A SER B 1 23 ? -1.787  3.668   -0.065  0.50  37.99  ? 72   SER B OG  1 
ATOM   567 O  OG  B SER B 1 23 ? -0.738  1.578   0.877   0.50  32.87  ? 72   SER B OG  1 
ATOM   568 N  N   . GLU B 1 24 ? -3.367  5.052   1.908   1.00  30.33  ? 73   GLU B N   1 
ATOM   569 C  CA  . GLU B 1 24 ? -3.827  6.400   2.133   1.00  32.02  ? 73   GLU B CA  1 
ATOM   570 C  C   . GLU B 1 24 ? -4.293  6.621   3.563   1.00  30.94  ? 73   GLU B C   1 
ATOM   571 O  O   . GLU B 1 24 ? -3.964  7.675   4.211   1.00  30.59  ? 73   GLU B O   1 
ATOM   572 C  CB  . GLU B 1 24 ? -4.955  6.731   1.170   1.00  34.32  ? 73   GLU B CB  1 
ATOM   573 C  CG  . GLU B 1 24 ? -4.450  6.920   -0.196  1.00  40.55  ? 73   GLU B CG  1 
ATOM   574 C  CD  . GLU B 1 24 ? -4.252  8.376   -0.481  0.50  46.74  ? 73   GLU B CD  1 
ATOM   575 O  OE1 . GLU B 1 24 ? -5.186  8.968   -1.064  0.50  50.67  ? 73   GLU B OE1 1 
ATOM   576 O  OE2 . GLU B 1 24 ? -3.194  8.931   -0.090  0.50  48.40  ? 73   GLU B OE2 1 
ATOM   577 N  N   . LEU B 1 25 ? -5.117  5.691   4.036   1.00  28.60  ? 74   LEU B N   1 
ATOM   578 C  CA  . LEU B 1 25 ? -5.641  5.765   5.368   1.00  29.76  ? 74   LEU B CA  1 
ATOM   579 C  C   . LEU B 1 25 ? -4.543  5.643   6.449   1.00  29.06  ? 74   LEU B C   1 
ATOM   580 O  O   . LEU B 1 25 ? -4.606  6.362   7.474   1.00  30.08  ? 74   LEU B O   1 
ATOM   581 C  CB  . LEU B 1 25 ? -6.714  4.709   5.572   1.00  29.39  ? 74   LEU B CB  1 
ATOM   582 C  CG  . LEU B 1 25 ? -7.971  4.879   4.706   1.00  32.98  ? 74   LEU B CG  1 
ATOM   583 C  CD1 . LEU B 1 25 ? -8.845  3.609   4.862   1.00  38.50  ? 74   LEU B CD1 1 
ATOM   584 C  CD2 . LEU B 1 25 ? -8.782  6.167   5.000   1.00  38.18  ? 74   LEU B CD2 1 
ATOM   585 N  N   . LYS B 1 26 ? -3.581  4.747   6.237   1.00  26.47  ? 75   LYS B N   1 
ATOM   586 C  CA  . LYS B 1 26 ? -2.464  4.587   7.192   1.00  29.55  ? 75   LYS B CA  1 
ATOM   587 C  C   . LYS B 1 26 ? -1.609  5.852   7.234   1.00  29.71  ? 75   LYS B C   1 
ATOM   588 O  O   . LYS B 1 26 ? -1.202  6.355   8.319   1.00  30.69  ? 75   LYS B O   1 
ATOM   589 C  CB  . LYS B 1 26 ? -1.557  3.428   6.788   1.00  30.81  ? 75   LYS B CB  1 
ATOM   590 C  CG  . LYS B 1 26 ? -2.065  2.091   7.242   1.00  37.97  ? 75   LYS B CG  1 
ATOM   591 C  CD  . LYS B 1 26 ? -0.906  1.133   7.440   1.00  42.27  ? 75   LYS B CD  1 
ATOM   592 C  CE  . LYS B 1 26 ? -0.406  0.485   6.156   1.00  46.68  ? 75   LYS B CE  1 
ATOM   593 N  NZ  . LYS B 1 26 ? -0.954  1.056   4.921   1.00  44.96  ? 75   LYS B NZ  1 
ATOM   594 N  N   . GLU B 1 27 ? -1.355  6.390   6.055   1.00  29.17  ? 76   GLU B N   1 
ATOM   595 C  CA  . GLU B 1 27 ? -0.576  7.632   5.976   1.00  31.80  ? 76   GLU B CA  1 
ATOM   596 C  C   . GLU B 1 27 ? -1.281  8.801   6.638   1.00  31.30  ? 76   GLU B C   1 
ATOM   597 O  O   . GLU B 1 27 ? -0.647  9.662   7.276   1.00  32.80  ? 76   GLU B O   1 
ATOM   598 C  CB  . GLU B 1 27 ? -0.340  7.929   4.500   1.00  34.96  ? 76   GLU B CB  1 
ATOM   599 C  CG  . GLU B 1 27 ? 0.683   6.957   3.946   1.00  39.95  ? 76   GLU B CG  1 
ATOM   600 C  CD  . GLU B 1 27 ? 1.223   7.327   2.599   1.00  48.36  ? 76   GLU B CD  1 
ATOM   601 O  OE1 . GLU B 1 27 ? 1.343   8.551   2.304   1.00  51.60  ? 76   GLU B OE1 1 
ATOM   602 O  OE2 . GLU B 1 27 ? 1.561   6.376   1.858   1.00  50.34  ? 76   GLU B OE2 1 
ATOM   603 N  N   . LYS B 1 28 ? -2.588  8.868   6.457   1.00  31.32  ? 77   LYS B N   1 
ATOM   604 C  CA  . LYS B 1 28 ? -3.428  9.886   7.107   1.00  33.19  ? 77   LYS B CA  1 
ATOM   605 C  C   . LYS B 1 28 ? -3.314  9.815   8.634   1.00  32.78  ? 77   LYS B C   1 
ATOM   606 O  O   . LYS B 1 28 ? -3.166  10.859  9.308   1.00  32.90  ? 77   LYS B O   1 
ATOM   607 C  CB  . LYS B 1 28 ? -4.879  9.699   6.655   1.00  35.80  ? 77   LYS B CB  1 
ATOM   608 C  CG  . LYS B 1 28 ? -5.939  10.551  7.363   1.00  40.70  ? 77   LYS B CG  1 
ATOM   609 C  CD  . LYS B 1 28 ? -7.300  10.183  6.788   1.00  44.98  ? 77   LYS B CD  1 
ATOM   610 C  CE  . LYS B 1 28 ? -8.433  10.399  7.781   1.00  48.23  ? 77   LYS B CE  1 
ATOM   611 N  NZ  . LYS B 1 28 ? -8.796  11.794  7.821   1.00  53.47  ? 77   LYS B NZ  1 
ATOM   612 N  N   . LEU B 1 29 ? -3.410  8.598   9.173   1.00  30.05  ? 78   LEU B N   1 
ATOM   613 C  CA  . LEU B 1 29 ? -3.387  8.358   10.622  1.00  33.19  ? 78   LEU B CA  1 
ATOM   614 C  C   . LEU B 1 29 ? -1.991  8.667   11.186  1.00  32.33  ? 78   LEU B C   1 
ATOM   615 O  O   . LEU B 1 29 ? -1.874  9.292   12.254  1.00  30.84  ? 78   LEU B O   1 
ATOM   616 C  CB  . LEU B 1 29 ? -3.788  6.894   10.949  1.00  35.33  ? 78   LEU B CB  1 
ATOM   617 C  CG  . LEU B 1 29 ? -4.738  6.534   12.095  1.00  45.16  ? 78   LEU B CG  1 
ATOM   618 C  CD1 . LEU B 1 29 ? -6.188  6.455   11.621  1.00  48.23  ? 78   LEU B CD1 1 
ATOM   619 C  CD2 . LEU B 1 29 ? -4.389  5.224   12.841  1.00  48.81  ? 78   LEU B CD2 1 
ATOM   620 N  N   . PHE B 1 30 ? -0.941  8.272   10.463  1.00  30.02  ? 79   PHE B N   1 
ATOM   621 C  CA  . PHE B 1 30 ? 0.432   8.596   10.881  1.00  32.43  ? 79   PHE B CA  1 
ATOM   622 C  C   . PHE B 1 30 ? 0.655   10.094  10.984  1.00  32.53  ? 79   PHE B C   1 
ATOM   623 O  O   . PHE B 1 30 ? 1.245   10.562  11.970  1.00  31.56  ? 79   PHE B O   1 
ATOM   624 C  CB  . PHE B 1 30 ? 1.491   8.033   9.904   1.00  34.96  ? 79   PHE B CB  1 
ATOM   625 C  CG  . PHE B 1 30 ? 1.980   6.670   10.229  1.00  38.40  ? 79   PHE B CG  1 
ATOM   626 C  CD1 . PHE B 1 30 ? 2.643   6.413   11.418  1.00  41.40  ? 79   PHE B CD1 1 
ATOM   627 C  CD2 . PHE B 1 30 ? 1.836   5.630   9.297   1.00  41.84  ? 79   PHE B CD2 1 
ATOM   628 C  CE1 . PHE B 1 30 ? 3.127   5.115   11.696  1.00  47.26  ? 79   PHE B CE1 1 
ATOM   629 C  CE2 . PHE B 1 30 ? 2.318   4.337   9.570   1.00  45.34  ? 79   PHE B CE2 1 
ATOM   630 C  CZ  . PHE B 1 30 ? 2.968   4.094   10.785  1.00  48.70  ? 79   PHE B CZ  1 
ATOM   631 N  N   . ARG B 1 31 ? 0.240   10.840  9.956   1.00  32.91  ? 80   ARG B N   1 
ATOM   632 C  CA  . ARG B 1 31 ? 0.442   12.290  9.932   1.00  35.43  ? 80   ARG B CA  1 
ATOM   633 C  C   . ARG B 1 31 ? -0.373  12.986  11.004  1.00  35.55  ? 80   ARG B C   1 
ATOM   634 O  O   . ARG B 1 31 ? 0.098   13.946  11.635  1.00  36.71  ? 80   ARG B O   1 
ATOM   635 C  CB  . ARG B 1 31 ? 0.073   12.888  8.560   1.00  38.62  ? 80   ARG B CB  1 
ATOM   636 C  CG  . ARG B 1 31 ? 0.954   12.413  7.439   1.00  42.05  ? 80   ARG B CG  1 
ATOM   637 C  CD  . ARG B 1 31 ? 0.881   13.323  6.232   1.00  50.47  ? 80   ARG B CD  1 
ATOM   638 N  NE  . ARG B 1 31 ? 1.613   12.788  5.069   1.00  56.19  ? 80   ARG B NE  1 
ATOM   639 C  CZ  . ARG B 1 31 ? 2.825   13.210  4.697   1.00  64.03  ? 80   ARG B CZ  1 
ATOM   640 N  NH1 . ARG B 1 31 ? 3.445   14.169  5.381   1.00  64.33  ? 80   ARG B NH1 1 
ATOM   641 N  NH2 . ARG B 1 31 ? 3.419   12.685  3.630   1.00  68.78  ? 80   ARG B NH2 1 
ATOM   642 N  N   . GLU B 1 32 ? -1.627  12.554  11.167  1.00  34.38  ? 81   GLU B N   1 
ATOM   643 C  CA  . GLU B 1 32 ? -2.488  13.036  12.240  1.00  35.78  ? 81   GLU B CA  1 
ATOM   644 C  C   . GLU B 1 32 ? -1.841  12.823  13.606  1.00  35.93  ? 81   GLU B C   1 
ATOM   645 O  O   . GLU B 1 32 ? -1.779  13.765  14.418  1.00  35.84  ? 81   GLU B O   1 
ATOM   646 C  CB  . GLU B 1 32 ? -3.871  12.371  12.185  1.00  38.51  ? 81   GLU B CB  1 
ATOM   647 C  CG  . GLU B 1 32 ? -4.802  13.100  11.231  1.00  44.94  ? 81   GLU B CG  1 
ATOM   648 C  CD  . GLU B 1 32 ? -6.081  12.349  10.949  1.00  51.03  ? 81   GLU B CD  1 
ATOM   649 O  OE1 . GLU B 1 32 ? -6.323  11.284  11.572  1.00  52.18  ? 81   GLU B OE1 1 
ATOM   650 O  OE2 . GLU B 1 32 ? -6.839  12.828  10.087  1.00  57.61  ? 81   GLU B OE2 1 
ATOM   651 N  N   . ARG B 1 33 ? -1.347  11.611  13.878  1.00  33.35  ? 82   ARG B N   1 
ATOM   652 C  CA  . ARG B 1 33 ? -0.700  11.387  15.182  1.00  35.31  ? 82   ARG B CA  1 
ATOM   653 C  C   . ARG B 1 33 ? 0.592   12.207  15.325  1.00  34.66  ? 82   ARG B C   1 
ATOM   654 O  O   . ARG B 1 33 ? 0.917   12.733  16.411  1.00  36.32  ? 82   ARG B O   1 
ATOM   655 C  CB  . ARG B 1 33 ? -0.426  9.895   15.401  1.00  36.37  ? 82   ARG B CB  1 
ATOM   656 C  CG  . ARG B 1 33 ? 0.306   9.573   16.722  1.00  38.98  ? 82   ARG B CG  1 
ATOM   657 C  CD  . ARG B 1 33 ? -0.480  10.033  17.947  1.00  41.69  ? 82   ARG B CD  1 
ATOM   658 N  NE  . ARG B 1 33 ? -0.088  9.294   19.134  1.00  49.96  ? 82   ARG B NE  1 
ATOM   659 C  CZ  . ARG B 1 33 ? -0.315  9.693   20.376  1.00  53.84  ? 82   ARG B CZ  1 
ATOM   660 N  NH1 . ARG B 1 33 ? 0.081   8.945   21.373  1.00  61.59  ? 82   ARG B NH1 1 
ATOM   661 N  NH2 . ARG B 1 33 ? -0.890  10.863  20.617  1.00  53.04  ? 82   ARG B NH2 1 
ATOM   662 N  N   . LEU B 1 34 ? 1.358   12.293  14.241  1.00  32.76  ? 83   LEU B N   1 
ATOM   663 C  CA  . LEU B 1 34 ? 2.610   13.064  14.269  1.00  33.79  ? 83   LEU B CA  1 
ATOM   664 C  C   . LEU B 1 34 ? 2.336   14.523  14.626  1.00  34.62  ? 83   LEU B C   1 
ATOM   665 O  O   . LEU B 1 34 ? 3.033   15.119  15.496  1.00  35.20  ? 83   LEU B O   1 
ATOM   666 C  CB  . LEU B 1 34 ? 3.393   12.914  12.935  1.00  34.39  ? 83   LEU B CB  1 
ATOM   667 C  CG  . LEU B 1 34 ? 4.769   13.607  12.835  1.00  39.34  ? 83   LEU B CG  1 
ATOM   668 C  CD1 . LEU B 1 34 ? 5.699   13.247  14.002  1.00  41.19  ? 83   LEU B CD1 1 
ATOM   669 C  CD2 . LEU B 1 34 ? 5.428   13.277  11.504  1.00  41.34  ? 83   LEU B CD2 1 
ATOM   670 N  N   . SER B 1 35 ? 1.344   15.117  13.953  1.00  33.77  ? 84   SER B N   1 
ATOM   671 C  CA  . SER B 1 35 ? 0.903   16.502  14.262  1.00  38.45  ? 84   SER B CA  1 
ATOM   672 C  C   . SER B 1 35 ? 0.508   16.682  15.760  1.00  39.30  ? 84   SER B C   1 
ATOM   673 O  O   . SER B 1 35 ? 0.969   17.617  16.447  1.00  41.47  ? 84   SER B O   1 
ATOM   674 C  CB  . SER B 1 35 ? -0.261  16.893  13.338  1.00  39.28  ? 84   SER B CB  1 
ATOM   675 O  OG  . SER B 1 35 ? -0.974  17.995  13.881  1.00  50.33  ? 84   SER B OG  1 
ATOM   676 N  N   . GLN B 1 36 ? -0.323  15.762  16.250  1.00  39.83  ? 85   GLN B N   1 
ATOM   677 C  CA  . GLN B 1 36 ? -0.812  15.758  17.628  1.00  42.83  ? 85   GLN B CA  1 
ATOM   678 C  C   . GLN B 1 36 ? 0.326   15.696  18.647  1.00  42.51  ? 85   GLN B C   1 
ATOM   679 O  O   . GLN B 1 36 ? 0.344   16.488  19.633  1.00  46.31  ? 85   GLN B O   1 
ATOM   680 C  CB  . GLN B 1 36 ? -1.800  14.613  17.795  1.00  44.20  ? 85   GLN B CB  1 
ATOM   681 C  CG  . GLN B 1 36 ? -2.158  14.265  19.215  1.00  50.72  ? 85   GLN B CG  1 
ATOM   682 C  CD  . GLN B 1 36 ? -3.277  13.223  19.289  1.00  54.89  ? 85   GLN B CD  1 
ATOM   683 O  OE1 . GLN B 1 36 ? -4.324  13.469  19.891  1.00  68.01  ? 85   GLN B OE1 1 
ATOM   684 N  NE2 . GLN B 1 36 ? -3.062  12.069  18.678  1.00  49.75  ? 85   GLN B NE2 1 
ATOM   685 N  N   . LEU B 1 37 ? 1.315   14.847  18.391  1.00  40.18  ? 86   LEU B N   1 
ATOM   686 C  CA  . LEU B 1 37 ? 2.491   14.760  19.256  1.00  42.58  ? 86   LEU B CA  1 
ATOM   687 C  C   . LEU B 1 37 ? 3.366   16.015  19.200  1.00  43.73  ? 86   LEU B C   1 
ATOM   688 O  O   . LEU B 1 37 ? 3.835   16.496  20.231  1.00  46.66  ? 86   LEU B O   1 
ATOM   689 C  CB  . LEU B 1 37 ? 3.318   13.512  18.974  1.00  42.18  ? 86   LEU B CB  1 
ATOM   690 C  CG  . LEU B 1 37 ? 2.706   12.146  19.263  1.00  43.90  ? 86   LEU B CG  1 
ATOM   691 C  CD1 . LEU B 1 37 ? 3.471   11.058  18.525  1.00  42.04  ? 86   LEU B CD1 1 
ATOM   692 C  CD2 . LEU B 1 37 ? 2.676   11.882  20.773  1.00  49.16  ? 86   LEU B CD2 1 
ATOM   693 N  N   . ARG B 1 38 ? 3.574   16.555  18.008  1.00  43.23  ? 87   ARG B N   1 
ATOM   694 C  CA  . ARG B 1 38 ? 4.343   17.779  17.849  1.00  45.81  ? 87   ARG B CA  1 
ATOM   695 C  C   . ARG B 1 38 ? 3.651   19.039  18.454  1.00  47.38  ? 87   ARG B C   1 
ATOM   696 O  O   . ARG B 1 38 ? 4.326   20.015  18.797  1.00  50.29  ? 87   ARG B O   1 
ATOM   697 C  CB  . ARG B 1 38 ? 4.624   18.027  16.370  1.00  45.88  ? 87   ARG B CB  1 
ATOM   698 C  CG  . ARG B 1 38 ? 5.573   17.070  15.668  1.00  48.43  ? 87   ARG B CG  1 
ATOM   699 C  CD  . ARG B 1 38 ? 5.891   17.669  14.288  1.00  53.92  ? 87   ARG B CD  1 
ATOM   700 N  NE  . ARG B 1 38 ? 6.302   16.680  13.271  1.00  54.23  ? 87   ARG B NE  1 
ATOM   701 C  CZ  . ARG B 1 38 ? 6.530   16.986  11.995  0.010 58.51  ? 87   ARG B CZ  1 
ATOM   702 N  NH1 . ARG B 1 38 ? 6.392   18.237  11.570  0.010 62.43  ? 87   ARG B NH1 1 
ATOM   703 N  NH2 . ARG B 1 38 ? 6.899   16.047  11.137  0.010 60.08  ? 87   ARG B NH2 1 
ATOM   704 N  N   . LEU B 1 39 ? 2.316   19.017  18.553  1.00  47.56  ? 88   LEU B N   1 
ATOM   705 C  CA  . LEU B 1 39 ? 1.493   20.149  19.071  1.00  51.20  ? 88   LEU B CA  1 
ATOM   706 C  C   . LEU B 1 39 ? 0.943   19.889  20.486  1.00  53.91  ? 88   LEU B C   1 
ATOM   707 O  O   . LEU B 1 39 ? 0.209   20.745  21.065  1.00  56.63  ? 88   LEU B O   1 
ATOM   708 C  CB  . LEU B 1 39 ? 0.300   20.390  18.137  1.00  52.97  ? 88   LEU B CB  1 
ATOM   709 C  CG  . LEU B 1 39 ? 0.412   21.322  16.926  1.00  58.34  ? 88   LEU B CG  1 
ATOM   710 C  CD1 . LEU B 1 39 ? 1.856   21.490  16.445  1.00  60.10  ? 88   LEU B CD1 1 
ATOM   711 C  CD2 . LEU B 1 39 ? -0.512  20.866  15.785  1.00  55.90  ? 88   LEU B CD2 1 
ATOM   712 N  N   . ARG B 1 40 ? 1.263   18.704  21.021  1.00  53.29  ? 89   ARG B N   1 
ATOM   713 C  CA  . ARG B 1 40 ? 0.923   18.332  22.397  1.00  58.72  ? 89   ARG B CA  1 
ATOM   714 C  C   . ARG B 1 40 ? -0.601  18.355  22.575  1.00  63.39  ? 89   ARG B C   1 
ATOM   715 O  O   . ARG B 1 40 ? -1.117  18.854  23.575  1.00  68.38  ? 89   ARG B O   1 
ATOM   716 C  CB  . ARG B 1 40 ? 1.608   19.294  23.394  1.00  61.10  ? 89   ARG B CB  1 
ATOM   717 C  CG  . ARG B 1 40 ? 3.149   19.148  23.526  1.00  62.88  ? 89   ARG B CG  1 
ATOM   718 C  CD  . ARG B 1 40 ? 3.920   19.131  22.171  1.00  62.98  ? 89   ARG B CD  1 
ATOM   719 N  NE  . ARG B 1 40 ? 5.269   19.693  22.317  1.00  66.95  ? 89   ARG B NE  1 
ATOM   720 C  CZ  . ARG B 1 40 ? 5.643   20.909  21.913  1.00  67.33  ? 89   ARG B CZ  1 
ATOM   721 N  NH1 . ARG B 1 40 ? 6.899   21.318  22.108  1.00  68.01  ? 89   ARG B NH1 1 
ATOM   722 N  NH2 . ARG B 1 40 ? 4.771   21.712  21.306  1.00  67.85  ? 89   ARG B NH2 1 
ATOM   723 N  N   . LEU B 1 41 ? -1.302  17.826  21.577  1.00  62.55  ? 90   LEU B N   1 
ATOM   724 C  CA  . LEU B 1 41 ? -2.747  17.870  21.501  1.00  68.83  ? 90   LEU B CA  1 
ATOM   725 C  C   . LEU B 1 41 ? -3.388  16.551  21.940  1.00  72.21  ? 90   LEU B C   1 
ATOM   726 O  O   . LEU B 1 41 ? -4.585  16.505  22.251  1.00  79.58  ? 90   LEU B O   1 
ATOM   727 C  CB  . LEU B 1 41 ? -3.166  18.181  20.060  1.00  67.75  ? 90   LEU B CB  1 
ATOM   728 C  CG  . LEU B 1 41 ? -3.587  19.602  19.657  1.00  72.87  ? 90   LEU B CG  1 
ATOM   729 C  CD1 . LEU B 1 41 ? -3.167  20.700  20.623  1.00  74.62  ? 90   LEU B CD1 1 
ATOM   730 C  CD2 . LEU B 1 41 ? -3.111  19.891  18.238  1.00  70.80  ? 90   LEU B CD2 1 
HETATM 731 CL CL  . CL  C 2 .  ? 2.683   -18.379 -11.369 1.00  87.45  ? 1095 CL  A CL  1 
HETATM 732 S  S   . SO4 D 3 .  ? -6.645  -1.377  -13.159 1.00  48.24  ? 1096 SO4 A S   1 
HETATM 733 O  O1  . SO4 D 3 .  ? -7.473  -2.570  -12.998 1.00  45.68  ? 1096 SO4 A O1  1 
HETATM 734 O  O2  . SO4 D 3 .  ? -7.435  -0.260  -13.650 1.00  49.60  ? 1096 SO4 A O2  1 
HETATM 735 O  O3  . SO4 D 3 .  ? -6.121  -1.092  -11.836 1.00  45.64  ? 1096 SO4 A O3  1 
HETATM 736 O  O4  . SO4 D 3 .  ? -5.553  -1.584  -14.121 1.00  43.00  ? 1096 SO4 A O4  1 
HETATM 737 CL CL  . CL  E 2 .  ? -5.473  6.512   -11.079 1.00  93.21  ? 1095 CL  B CL  1 
HETATM 738 O  O   . HOH F 4 .  ? 6.736   12.941  29.393  1.00  62.72  ? 2001 HOH A O   1 
HETATM 739 O  O   . HOH F 4 .  ? 7.775   16.565  20.063  1.00  57.50  ? 2002 HOH A O   1 
HETATM 740 O  O   . HOH F 4 .  ? 10.930  14.194  13.277  1.00  68.99  ? 2003 HOH A O   1 
HETATM 741 O  O   . HOH F 4 .  ? 7.968   12.058  8.789   1.00  44.22  ? 2004 HOH A O   1 
HETATM 742 O  O   . HOH F 4 .  ? 9.442   8.179   2.883   1.00  41.33  ? 2005 HOH A O   1 
HETATM 743 O  O   . HOH F 4 .  ? 12.917  9.253   8.368   1.00  51.36  ? 2006 HOH A O   1 
HETATM 744 O  O   . HOH F 4 .  ? 14.438  3.394   -0.412  1.00  58.20  ? 2007 HOH A O   1 
HETATM 745 O  O   . HOH F 4 .  ? 14.482  4.782   4.218   1.00  51.65  ? 2008 HOH A O   1 
HETATM 746 O  O   . HOH F 4 .  ? 13.103  6.220   5.865   1.00  47.80  ? 2009 HOH A O   1 
HETATM 747 O  O   . HOH F 4 .  ? 1.119   4.323   3.766   1.00  40.17  ? 2010 HOH A O   1 
HETATM 748 O  O   . HOH F 4 .  ? 1.077   -4.863  4.809   1.00  65.00  ? 2011 HOH A O   1 
HETATM 749 O  O   . HOH F 4 .  ? 3.081   -3.907  5.844   1.00  49.99  ? 2012 HOH A O   1 
HETATM 750 O  O   . HOH F 4 .  ? -0.382  2.700   -2.539  1.00  32.11  ? 2013 HOH A O   1 
HETATM 751 O  O   . HOH F 4 .  ? 1.681   1.140   -9.160  1.00  51.37  ? 2014 HOH A O   1 
HETATM 752 O  O   . HOH F 4 .  ? -1.037  2.677   -10.673 1.00  58.88  ? 2015 HOH A O   1 
HETATM 753 O  O   . HOH F 4 .  ? 9.872   -9.069  -10.564 1.00  64.73  ? 2016 HOH A O   1 
HETATM 754 O  O   . HOH F 4 .  ? -2.248  -5.151  -18.753 1.00  30.57  ? 2017 HOH A O   1 
HETATM 755 O  O   . HOH F 4 .  ? -0.463  0.788   -10.129 1.00  41.63  ? 2018 HOH A O   1 
HETATM 756 O  O   . HOH F 4 .  ? -2.998  2.999   -12.193 1.00  57.74  ? 2019 HOH A O   1 
HETATM 757 O  O   . HOH F 4 .  ? -7.149  -8.420  -18.746 1.00  61.44  ? 2020 HOH A O   1 
HETATM 758 O  O   . HOH F 4 .  ? 8.636   -10.159 -12.749 1.00  58.57  ? 2021 HOH A O   1 
HETATM 759 O  O   . HOH F 4 .  ? 5.273   -8.665  -8.603  1.00  31.52  ? 2022 HOH A O   1 
HETATM 760 O  O   . HOH F 4 .  ? 0.225   -6.755  -19.027 1.00  27.21  ? 2023 HOH A O   1 
HETATM 761 O  O   . HOH F 4 .  ? -1.776  -3.815  -15.545 1.00  33.16  ? 2024 HOH A O   1 
HETATM 762 O  O   . HOH F 4 .  ? 5.484   -11.877 -10.694 1.00  43.42  ? 2025 HOH A O   1 
HETATM 763 O  O   . HOH F 4 .  ? 8.321   -13.622 -12.848 1.00  63.49  ? 2026 HOH A O   1 
HETATM 764 O  O   . HOH F 4 .  ? -3.352  -3.804  -17.280 1.00  39.84  ? 2027 HOH A O   1 
HETATM 765 O  O   . HOH F 4 .  ? -8.437  -7.741  -13.504 1.00  52.58  ? 2028 HOH A O   1 
HETATM 766 O  O   . HOH F 4 .  ? -5.390  -9.849  -20.587 1.00  36.76  ? 2029 HOH A O   1 
HETATM 767 O  O   . HOH F 4 .  ? -9.730  -5.050  -16.935 1.00  60.19  ? 2030 HOH A O   1 
HETATM 768 O  O   . HOH F 4 .  ? 8.715   -15.264 -16.389 1.00  59.24  ? 2031 HOH A O   1 
HETATM 769 O  O   . HOH F 4 .  ? -4.894  -13.853 -28.115 1.00  56.84  ? 2032 HOH A O   1 
HETATM 770 O  O   . HOH F 4 .  ? -4.698  -11.190 -28.053 1.00  49.57  ? 2033 HOH A O   1 
HETATM 771 O  O   . HOH F 4 .  ? 4.232   -15.346 -20.347 1.00  47.46  ? 2034 HOH A O   1 
HETATM 772 O  O   . HOH F 4 .  ? 5.652   -13.390 -22.109 1.00  43.15  ? 2035 HOH A O   1 
HETATM 773 O  O   . HOH G 4 .  ? -8.473  -21.213 -22.643 1.00  59.25  ? 2001 HOH B O   1 
HETATM 774 O  O   . HOH G 4 .  ? -8.225  -22.180 -17.422 1.00  53.40  ? 2002 HOH B O   1 
HETATM 775 O  O   . HOH G 4 .  ? -0.042  -24.518 -12.984 1.00  54.14  ? 2003 HOH B O   1 
HETATM 776 O  O   . HOH G 4 .  ? -11.391 -13.980 -9.093  1.00  47.55  ? 2004 HOH B O   1 
HETATM 777 O  O   . HOH G 4 .  ? -0.181  -18.638 -7.076  1.00  48.31  ? 2005 HOH B O   1 
HETATM 778 O  O   . HOH G 4 .  ? -1.444  -22.047 -6.775  1.00  49.39  ? 2006 HOH B O   1 
HETATM 779 O  O   . HOH G 4 .  ? -12.390 -10.283 -14.982 1.00  51.23  ? 2007 HOH B O   1 
HETATM 780 O  O   . HOH G 4 .  ? -11.145 -3.840  -4.523  1.00  31.04  ? 2008 HOH B O   1 
HETATM 781 O  O   . HOH G 4 .  ? -6.520  -2.947  -9.825  1.00  37.02  ? 2009 HOH B O   1 
HETATM 782 O  O   . HOH G 4 .  ? -11.531 -2.733  -7.211  1.00  41.31  ? 2010 HOH B O   1 
HETATM 783 O  O   . HOH G 4 .  ? -8.037  2.094   -5.170  1.00  39.97  ? 2011 HOH B O   1 
HETATM 784 O  O   . HOH G 4 .  ? -4.121  -7.397  0.745   1.00  46.26  ? 2012 HOH B O   1 
HETATM 785 O  O   . HOH G 4 .  ? -2.755  1.540   -9.718  1.00  53.12  ? 2013 HOH B O   1 
HETATM 786 O  O   . HOH G 4 .  ? -11.752 -16.356 -8.196  0.33  48.50  ? 2014 HOH B O   1 
HETATM 787 O  O   . HOH G 4 .  ? -8.269  5.838   1.014   1.00  39.35  ? 2015 HOH B O   1 
HETATM 788 O  O   . HOH G 4 .  ? -13.240 -0.158  -1.975  1.00  32.98  ? 2016 HOH B O   1 
HETATM 789 O  O   . HOH G 4 .  ? -10.865 5.164   0.490   1.00  40.49  ? 2017 HOH B O   1 
HETATM 790 O  O   . HOH G 4 .  ? -11.776 -1.388  -3.852  1.00  33.24  ? 2018 HOH B O   1 
HETATM 791 O  O   . HOH G 4 .  ? -13.648 2.598   0.361   1.00  34.25  ? 2019 HOH B O   1 
HETATM 792 O  O   . HOH G 4 .  ? -2.189  4.820   -1.974  1.00  48.88  ? 2020 HOH B O   1 
HETATM 793 O  O   . HOH G 4 .  ? -7.022  4.557   -4.125  1.00  50.18  ? 2021 HOH B O   1 
HETATM 794 O  O   . HOH G 4 .  ? -13.021 0.062   -6.267  1.00  61.23  ? 2022 HOH B O   1 
HETATM 795 O  O   . HOH G 4 .  ? -3.169  9.954   3.122   1.00  43.57  ? 2023 HOH B O   1 
HETATM 796 O  O   . HOH G 4 .  ? -7.532  6.369   -1.608  1.00  60.30  ? 2024 HOH B O   1 
HETATM 797 O  O   . HOH G 4 .  ? 1.390   10.838  3.065   1.00  49.73  ? 2025 HOH B O   1 
HETATM 798 O  O   . HOH G 4 .  ? -3.407  13.980  7.515   1.00  59.50  ? 2026 HOH B O   1 
HETATM 799 O  O   . HOH G 4 .  ? -3.538  8.854   14.582  1.00  52.21  ? 2027 HOH B O   1 
HETATM 800 O  O   . HOH G 4 .  ? 2.083   15.508  10.352  1.00  37.87  ? 2028 HOH B O   1 
HETATM 801 O  O   . HOH G 4 .  ? 3.544   14.903  8.162   1.00  55.08  ? 2029 HOH B O   1 
HETATM 802 O  O   . HOH G 4 .  ? 1.820   19.385  12.371  1.00  47.41  ? 2030 HOH B O   1 
HETATM 803 O  O   . HOH G 4 .  ? 9.085   15.171  12.209  1.00  49.29  ? 2031 HOH B O   1 
HETATM 804 O  O   . HOH G 4 .  ? 6.668   21.196  17.422  1.00  61.77  ? 2032 HOH B O   1 
HETATM 805 O  O   . HOH G 4 .  ? 6.206   14.210  8.170   1.00  61.25  ? 2033 HOH B O   1 
# 
loop_
_atom_site_anisotrop.id 
_atom_site_anisotrop.type_symbol 
_atom_site_anisotrop.pdbx_label_atom_id 
_atom_site_anisotrop.pdbx_label_alt_id 
_atom_site_anisotrop.pdbx_label_comp_id 
_atom_site_anisotrop.pdbx_label_asym_id 
_atom_site_anisotrop.pdbx_label_seq_id 
_atom_site_anisotrop.pdbx_PDB_ins_code 
_atom_site_anisotrop.U[1][1] 
_atom_site_anisotrop.U[2][2] 
_atom_site_anisotrop.U[3][3] 
_atom_site_anisotrop.U[1][2] 
_atom_site_anisotrop.U[1][3] 
_atom_site_anisotrop.U[2][3] 
_atom_site_anisotrop.pdbx_auth_seq_id 
_atom_site_anisotrop.pdbx_auth_comp_id 
_atom_site_anisotrop.pdbx_auth_asym_id 
_atom_site_anisotrop.pdbx_auth_atom_id 
1   N N   . GLU A 5  ? 1.2197 1.1239 0.5903 0.0546  -0.1301 -0.2829 54 GLU A N   
2   C CA  . GLU A 5  ? 1.1376 0.9578 0.5931 0.0223  -0.0978 -0.2472 54 GLU A CA  
3   C C   . GLU A 5  ? 1.0677 0.9110 0.6052 -0.0438 -0.1185 -0.2487 54 GLU A C   
4   O O   . GLU A 5  ? 0.9937 0.7937 0.5889 -0.0539 -0.0971 -0.2069 54 GLU A O   
5   C CB  . GLU A 5  ? 1.2160 0.9139 0.6355 0.0277  -0.0860 -0.2884 54 GLU A CB  
6   C CG  . GLU A 5  ? 1.2763 0.9959 0.6472 0.0933  -0.0504 -0.2996 54 GLU A CG  
7   C CD  . GLU A 5  ? 1.3670 1.0055 0.7227 0.1405  -0.0457 -0.3454 54 GLU A CD  
8   O OE1 . GLU A 5  ? 1.4987 1.1002 0.7690 0.1831  -0.0520 -0.4063 54 GLU A OE1 
9   O OE2 . GLU A 5  ? 1.3199 0.9334 0.7330 0.1545  -0.0428 -0.3274 54 GLU A OE2 
10  N N   . ARG A 6  ? 1.1060 1.0462 0.6513 -0.0957 -0.1557 -0.3123 55 ARG A N   
11  C CA  . ARG A 6  ? 1.0612 1.0589 0.6871 -0.1858 -0.1578 -0.3358 55 ARG A CA  
12  C C   . ARG A 6  ? 0.9314 1.0785 0.6350 -0.1322 -0.1700 -0.2894 55 ARG A C   
13  O O   . ARG A 6  ? 0.8535 0.9904 0.6232 -0.1696 -0.1492 -0.2604 55 ARG A O   
14  C CB  . ARG A 6  ? 1.1706 1.2756 0.7988 -0.2858 -0.1801 -0.4525 55 ARG A CB  
15  C CG  . ARG A 6  ? 1.3111 1.2614 0.9168 -0.4400 -0.1335 -0.4933 55 ARG A CG  
16  C CD  . ARG A 6  ? 1.2479 1.3292 0.9588 -0.5107 -0.1125 -0.4878 55 ARG A CD  
17  N NE  . ARG A 6  ? 1.4794 1.5136 1.1599 -0.7104 -0.0606 -0.5853 55 ARG A NE  
18  C CZ  . ARG A 6  ? 1.6619 1.3757 1.2145 -0.8008 0.0095  -0.5455 55 ARG A CZ  
19  N NH1 . ARG A 6  ? 1.6443 1.1207 1.1188 -0.6814 0.0143  -0.4217 55 ARG A NH1 
20  N NH2 . ARG A 6  ? 1.8922 1.5250 1.3763 -1.0120 0.0795  -0.6400 55 ARG A NH2 
21  N N   . ARG A 7  ? 0.9368 1.1904 0.5964 -0.0284 -0.2027 -0.2804 56 ARG A N   
22  C CA  . ARG A 7  ? 0.8914 1.2071 0.5582 0.0606  -0.2131 -0.2280 56 ARG A CA  
23  C C   . ARG A 7  ? 0.8213 0.9592 0.4908 0.0620  -0.1542 -0.1382 56 ARG A C   
24  O O   . ARG A 7  ? 0.7529 0.9093 0.4821 0.0660  -0.1471 -0.1113 56 ARG A O   
25  C CB  . ARG A 7  ? 1.0297 1.3921 0.5567 0.2036  -0.2533 -0.2201 56 ARG A CB  
26  C CG  . ARG A 7  ? 1.1644 1.4418 0.5599 0.2298  -0.2462 -0.2234 56 ARG A CG  
27  C CD  . ARG A 7  ? 1.2703 1.7538 0.6654 0.2328  -0.3166 -0.3397 56 ARG A CD  
28  N NE  . ARG A 7  ? 1.2470 1.7305 0.7349 0.0837  -0.3029 -0.4178 56 ARG A NE  
29  C CZ  . ARG A 7  ? 1.3412 1.7618 0.7566 0.0623  -0.3013 -0.4627 56 ARG A CZ  
30  N NH1 . ARG A 7  ? 1.3630 1.7186 0.8207 -0.0681 -0.2839 -0.5343 56 ARG A NH1 
31  N NH2 . ARG A 7  ? 1.4570 1.8462 0.7232 0.1730  -0.3099 -0.4367 56 ARG A NH2 
32  N N   . ARG A 8  ? 0.8362 0.8379 0.4517 0.0563  -0.1122 -0.1122 57 ARG A N   
33  C CA  . ARG A 8  ? 0.7680 0.6659 0.4136 0.0414  -0.0546 -0.0649 57 ARG A CA  
34  C C   . ARG A 8  ? 0.6624 0.5507 0.4107 -0.0150 -0.0539 -0.0747 57 ARG A C   
35  O O   . ARG A 8  ? 0.5797 0.4616 0.3826 -0.0169 -0.0334 -0.0459 57 ARG A O   
36  C CB  . ARG A 8  ? 0.8253 0.6574 0.4060 0.0492  -0.0082 -0.0670 57 ARG A CB  
37  C CG  . ARG A 8  ? 0.9737 0.7448 0.4057 0.0967  0.0293  -0.0283 57 ARG A CG  
38  C CD  . ARG A 8  ? 1.0352 0.7763 0.4019 0.0846  0.0888  -0.0459 57 ARG A CD  
39  N NE  . ARG A 8  ? 1.2662 0.9016 0.4284 0.1220  0.1385  -0.0020 57 ARG A NE  
40  C CZ  . ARG A 8  ? 1.3733 0.8805 0.4329 0.0840  0.2421  0.0385  57 ARG A CZ  
41  N NH1 . ARG A 8  ? 1.2686 0.7962 0.4543 0.0011  0.3024  0.0228  57 ARG A NH1 
42  N NH2 . ARG A 8  ? 1.5973 0.9425 0.4011 0.1244  0.2917  0.0874  57 ARG A NH2 
43  N N   . SER A 9  ? 0.6965 0.5491 0.4370 -0.0582 -0.0714 -0.1164 58 SER A N   
44  C CA  . SER A 9  ? 0.6834 0.4616 0.4477 -0.0950 -0.0643 -0.1127 58 SER A CA  
45  C C   . SER A 9  ? 0.6222 0.4810 0.4487 -0.1424 -0.0687 -0.1056 58 SER A C   
46  O O   . SER A 9  ? 0.5725 0.3987 0.4250 -0.1445 -0.0546 -0.0793 58 SER A O   
47  C CB  . SER A 9  ? 0.8311 0.4481 0.4964 -0.1198 -0.0666 -0.1489 58 SER A CB  
48  O OG  . SER A 9  ? 0.9633 0.5793 0.5984 -0.2121 -0.0722 -0.1943 58 SER A OG  
49  N N   . GLU A 10 ? 0.6239 0.6239 0.4781 -0.1684 -0.0913 -0.1421 59 GLU A N   
50  C CA  . GLU A 10 ? 0.5816 0.7205 0.5141 -0.2030 -0.0934 -0.1558 59 GLU A CA  
51  C C   . GLU A 10 ? 0.4924 0.6653 0.4649 -0.1185 -0.0938 -0.1036 59 GLU A C   
52  O O   . GLU A 10 ? 0.4552 0.6695 0.4812 -0.1393 -0.0814 -0.0971 59 GLU A O   
53  C CB  . GLU A 10 ? 0.6148 0.9736 0.5884 -0.2401 -0.1239 -0.2421 59 GLU A CB  
54  C CG  . GLU A 10 ? 0.8047 1.1141 0.7374 -0.3733 -0.1042 -0.3161 59 GLU A CG  
55  C CD  . GLU A 10 ? 0.9592 1.1123 0.8507 -0.5038 -0.0414 -0.3131 59 GLU A CD  
56  O OE1 . GLU A 10 ? 1.0468 0.9355 0.8398 -0.4701 -0.0196 -0.2400 59 GLU A OE1 
57  O OE2 . GLU A 10 ? 1.0510 1.3550 0.9922 -0.6378 -0.0100 -0.3938 59 GLU A OE2 
58  N N   . CYS A 11 ? 0.5134 0.6332 0.4322 -0.0351 -0.0955 -0.0690 60 CYS A N   
59  C CA  A CYS A 11 ? 0.5000 0.5693 0.4030 0.0290  -0.0775 -0.0234 60 CYS A CA  
60  C CA  B CYS A 11 ? 0.5105 0.5779 0.4121 0.0297  -0.0771 -0.0229 60 CYS A CA  
61  C C   . CYS A 11 ? 0.4452 0.4287 0.3934 -0.0097 -0.0378 -0.0026 60 CYS A C   
62  O O   . CYS A 11 ? 0.4080 0.4008 0.3974 -0.0030 -0.0283 0.0074  60 CYS A O   
63  C CB  A CYS A 11 ? 0.6226 0.5903 0.3955 0.0991  -0.0640 0.0069  60 CYS A CB  
64  C CB  B CYS A 11 ? 0.6326 0.5948 0.4040 0.0972  -0.0619 0.0077  60 CYS A CB  
65  S SG  A CYS A 11 ? 0.7199 0.7926 0.3899 0.2098  -0.1291 -0.0189 60 CYS A SG  
66  S SG  B CYS A 11 ? 0.7692 0.5401 0.4679 0.1081  0.0124  0.0598  60 CYS A SG  
67  N N   . VAL A 12 ? 0.4456 0.3697 0.3843 -0.0346 -0.0221 -0.0108 61 VAL A N   
68  C CA  . VAL A 12 ? 0.4176 0.3174 0.3994 -0.0424 -0.0011 -0.0167 61 VAL A CA  
69  C C   . VAL A 12 ? 0.4037 0.3061 0.4068 -0.0609 -0.0191 -0.0181 61 VAL A C   
70  O O   . VAL A 12 ? 0.3697 0.2916 0.4130 -0.0490 -0.0117 -0.0193 61 VAL A O   
71  C CB  . VAL A 12 ? 0.4566 0.3334 0.4171 -0.0288 0.0095  -0.0459 61 VAL A CB  
72  C CG1 . VAL A 12 ? 0.3987 0.3145 0.4094 -0.0044 0.0117  -0.0782 61 VAL A CG1 
73  C CG2 . VAL A 12 ? 0.4845 0.3604 0.4124 -0.0298 0.0509  -0.0463 61 VAL A CG2 
74  N N   . SER A 13 ? 0.4570 0.3295 0.4150 -0.1006 -0.0330 -0.0257 62 SER A N   
75  C CA  . SER A 13 ? 0.5103 0.3412 0.4378 -0.1428 -0.0261 -0.0217 62 SER A CA  
76  C C   . SER A 13 ? 0.4338 0.3908 0.4421 -0.1487 -0.0212 -0.0160 62 SER A C   
77  O O   . SER A 13 ? 0.4102 0.3484 0.4109 -0.1447 -0.0115 -0.0051 62 SER A O   
78  C CB  . SER A 13 ? 0.6388 0.4047 0.4883 -0.2316 -0.0150 -0.0470 62 SER A CB  
79  O OG  . SER A 13 ? 0.7722 0.4345 0.5372 -0.2926 0.0173  -0.0381 62 SER A OG  
80  N N   . GLU A 14 ? 0.3921 0.4750 0.4554 -0.1355 -0.0340 -0.0294 63 GLU A N   
81  C CA  . GLU A 14 ? 0.3629 0.5739 0.4864 -0.1136 -0.0377 -0.0387 63 GLU A CA  
82  C C   . GLU A 14 ? 0.3313 0.4787 0.4670 -0.0619 -0.0270 -0.0138 63 GLU A C   
83  O O   . GLU A 14 ? 0.3102 0.4988 0.4757 -0.0603 -0.0197 -0.0185 63 GLU A O   
84  C CB  . GLU A 14 ? 0.3824 0.7175 0.5164 -0.0578 -0.0695 -0.0651 63 GLU A CB  
85  C CG  . GLU A 14 ? 0.4017 0.9189 0.5889 -0.0078 -0.0883 -0.1018 63 GLU A CG  
86  C CD  . GLU A 14 ? 0.3938 1.0921 0.6547 -0.1073 -0.0691 -0.1594 63 GLU A CD  
87  O OE1 . GLU A 14 ? 0.4441 1.2434 0.7219 -0.1968 -0.0637 -0.2140 63 GLU A OE1 
88  O OE2 . GLU A 14 ? 0.3782 1.1189 0.6709 -0.1071 -0.0502 -0.1595 63 GLU A OE2 
89  N N   . MET A 15 ? 0.3398 0.3962 0.4498 -0.0351 -0.0166 -0.0005 64 MET A N   
90  C CA  . MET A 15 ? 0.3335 0.3417 0.4571 -0.0182 0.0092  -0.0025 64 MET A CA  
91  C C   . MET A 15 ? 0.3024 0.3313 0.4658 -0.0350 0.0111  -0.0239 64 MET A C   
92  O O   . MET A 15 ? 0.2667 0.3178 0.4651 -0.0300 0.0215  -0.0462 64 MET A O   
93  C CB  . MET A 15 ? 0.4206 0.3296 0.4874 -0.0157 0.0440  0.0040  64 MET A CB  
94  C CG  . MET A 15 ? 0.5270 0.3537 0.4856 0.0445  0.0434  0.0317  64 MET A CG  
95  S SD  . MET A 15 ? 0.6523 0.4687 0.5752 0.1269  0.0243  0.0309  64 MET A SD  
96  C CE  . MET A 15 ? 0.5988 0.6181 0.5503 0.1828  -0.0456 0.0128  64 MET A CE  
97  N N   . LEU A 16 ? 0.2980 0.3073 0.4320 -0.0381 -0.0033 -0.0254 65 LEU A N   
98  C CA  . LEU A 16 ? 0.3214 0.3348 0.4404 -0.0086 -0.0178 -0.0460 65 LEU A CA  
99  C C   . LEU A 16 ? 0.3253 0.3452 0.4191 -0.0155 -0.0211 -0.0293 65 LEU A C   
100 O O   . LEU A 16 ? 0.3050 0.3639 0.4055 0.0183  -0.0297 -0.0516 65 LEU A O   
101 C CB  . LEU A 16 ? 0.4273 0.3466 0.4478 0.0175  -0.0363 -0.0414 65 LEU A CB  
102 C CG  . LEU A 16 ? 0.5302 0.3690 0.4333 0.0832  -0.0610 -0.0432 65 LEU A CG  
103 C CD1 . LEU A 16 ? 0.5403 0.5129 0.5014 0.1629  -0.0861 -0.1031 65 LEU A CD1 
104 C CD2 . LEU A 16 ? 0.7075 0.3823 0.4687 0.1201  -0.0741 -0.0383 65 LEU A CD2 
105 N N   . ASP A 17 ? 0.3331 0.3420 0.3981 -0.0646 -0.0110 -0.0050 66 ASP A N   
106 C CA  . ASP A 17 ? 0.3937 0.4323 0.4300 -0.0969 0.0055  0.0011  66 ASP A CA  
107 C C   . ASP A 17 ? 0.3039 0.4599 0.4306 -0.0650 0.0040  -0.0194 66 ASP A C   
108 O O   . ASP A 17 ? 0.3304 0.5089 0.4348 -0.0541 0.0098  -0.0253 66 ASP A O   
109 C CB  . ASP A 17 ? 0.4377 0.5096 0.4580 -0.1826 0.0292  -0.0035 66 ASP A CB  
110 C CG  . ASP A 17 ? 0.6685 0.5505 0.5351 -0.2437 0.0527  0.0117  66 ASP A CG  
111 O OD1 . ASP A 17 ? 0.7819 0.4901 0.5318 -0.1838 0.0388  0.0345  66 ASP A OD1 
112 O OD2 . ASP A 17 ? 0.7642 0.6721 0.6142 -0.3486 0.0863  -0.0126 66 ASP A OD2 
113 N N   . LEU A 18 ? 0.2352 0.4264 0.4260 -0.0396 -0.0016 -0.0300 67 LEU A N   
114 C CA  . LEU A 18 ? 0.1927 0.4180 0.4222 0.0020  0.0015  -0.0528 67 LEU A CA  
115 C C   . LEU A 18 ? 0.2116 0.4000 0.4577 0.0088  0.0084  -0.0823 67 LEU A C   
116 O O   . LEU A 18 ? 0.2457 0.4745 0.5080 0.0257  0.0094  -0.1128 67 LEU A O   
117 C CB  . LEU A 18 ? 0.2155 0.4105 0.4300 0.0468  -0.0018 -0.0498 67 LEU A CB  
118 C CG  . LEU A 18 ? 0.2160 0.5549 0.4446 0.0734  -0.0237 -0.0630 67 LEU A CG  
119 C CD1 . LEU A 18 ? 0.2490 0.5455 0.4154 0.1523  -0.0457 -0.0572 67 LEU A CD1 
120 C CD2 . LEU A 18 ? 0.1895 0.6554 0.4536 0.1079  -0.0249 -0.0992 67 LEU A CD2 
121 N N   . GLU A 19 ? 0.2548 0.7027 0.4009 0.0724  -0.0384 -0.2050 68 GLU A N   
122 C CA  A GLU A 19 ? 0.2552 0.6887 0.3972 0.0763  -0.0302 -0.1964 68 GLU A CA  
123 C CA  B GLU A 19 ? 0.2533 0.6872 0.3959 0.0766  -0.0304 -0.1974 68 GLU A CA  
124 C C   . GLU A 19 ? 0.2582 0.6212 0.4089 0.0796  -0.0441 -0.1950 68 GLU A C   
125 O O   . GLU A 19 ? 0.2391 0.5843 0.3873 0.0810  -0.0376 -0.1759 68 GLU A O   
126 C CB  A GLU A 19 ? 0.2753 0.7769 0.4219 0.0783  -0.0244 -0.2371 68 GLU A CB  
127 C CB  B GLU A 19 ? 0.2728 0.7734 0.4235 0.0808  -0.0269 -0.2409 68 GLU A CB  
128 C CG  A GLU A 19 ? 0.3232 0.8577 0.4098 0.0419  0.0032  -0.2225 68 GLU A CG  
129 C CG  B GLU A 19 ? 0.3118 0.8531 0.4058 0.0552  -0.0101 -0.2339 68 GLU A CG  
130 C CD  A GLU A 19 ? 0.3829 0.8702 0.3809 0.0297  -0.0037 -0.1877 68 GLU A CD  
131 C CD  B GLU A 19 ? 0.3744 0.9059 0.3957 0.0135  0.0138  -0.2100 68 GLU A CD  
132 O OE1 A GLU A 19 ? 0.3578 0.8613 0.3639 0.0479  -0.0204 -0.2018 68 GLU A OE1 
133 O OE1 B GLU A 19 ? 0.4404 1.0054 0.3891 -0.0329 0.0320  -0.2239 68 GLU A OE1 
134 O OE2 A GLU A 19 ? 0.4115 0.8299 0.3145 0.0045  -0.0017 -0.1512 68 GLU A OE2 
135 O OE2 B GLU A 19 ? 0.3607 0.8425 0.3787 0.0138  0.0157  -0.1794 68 GLU A OE2 
136 N N   . LYS A 20 ? 0.3050 0.6012 0.4390 0.0735  -0.0688 -0.2130 69 LYS A N   
137 C CA  . LYS A 20 ? 0.3909 0.5596 0.4732 0.0624  -0.0939 -0.2027 69 LYS A CA  
138 C C   . LYS A 20 ? 0.3664 0.5312 0.4379 0.0225  -0.0654 -0.1628 69 LYS A C   
139 O O   . LYS A 20 ? 0.3955 0.4991 0.4419 0.0261  -0.0732 -0.1449 69 LYS A O   
140 C CB  . LYS A 20 ? 0.5239 0.5702 0.5315 0.0349  -0.1283 -0.2209 69 LYS A CB  
141 C CG  . LYS A 20 ? 0.6063 0.5813 0.5907 0.0989  -0.1899 -0.2717 69 LYS A CG  
142 C CD  . LYS A 20 ? 0.8371 0.5970 0.6841 0.0672  -0.2450 -0.2800 69 LYS A CD  
143 C CE  . LYS A 20 ? 0.8621 0.6526 0.6944 -0.0198 -0.2052 -0.2707 69 LYS A CE  
144 N NZ  . LYS A 20 ? 1.0565 0.6758 0.7723 -0.0411 -0.2590 -0.3003 69 LYS A NZ  
145 N N   . GLN A 21 ? 0.3059 0.5539 0.4027 -0.0055 -0.0383 -0.1623 70 GLN A N   
146 C CA  . GLN A 21 ? 0.3053 0.5962 0.4111 -0.0313 -0.0149 -0.1513 70 GLN A CA  
147 C C   . GLN A 21 ? 0.2524 0.5742 0.3836 0.0153  -0.0101 -0.1278 70 GLN A C   
148 O O   . GLN A 21 ? 0.2534 0.5598 0.3778 0.0065  -0.0017 -0.1130 70 GLN A O   
149 C CB  . GLN A 21 ? 0.2920 0.6994 0.4309 -0.0586 -0.0006 -0.1903 70 GLN A CB  
150 C CG  . GLN A 21 ? 0.3793 0.7539 0.4690 -0.1436 0.0062  -0.2172 70 GLN A CG  
151 C CD  . GLN A 21 ? 0.3834 0.9273 0.5285 -0.1732 0.0239  -0.2785 70 GLN A CD  
152 O OE1 . GLN A 21 ? 0.4077 1.0087 0.5874 -0.1404 0.0102  -0.3017 70 GLN A OE1 
153 N NE2 . GLN A 21 ? 0.3810 1.0274 0.5387 -0.2344 0.0529  -0.3176 70 GLN A NE2 
154 N N   . PHE A 22 ? 0.2443 0.5958 0.3817 0.0519  -0.0158 -0.1255 71 PHE A N   
155 C CA  . PHE A 22 ? 0.2472 0.5813 0.3587 0.0723  -0.0149 -0.1006 71 PHE A CA  
156 C C   . PHE A 22 ? 0.2465 0.5420 0.3567 0.0636  -0.0067 -0.0871 71 PHE A C   
157 O O   . PHE A 22 ? 0.2511 0.5214 0.3438 0.0640  -0.0017 -0.0658 71 PHE A O   
158 C CB  . PHE A 22 ? 0.2647 0.6018 0.3312 0.0784  -0.0199 -0.1002 71 PHE A CB  
159 C CG  . PHE A 22 ? 0.3134 0.6697 0.3578 0.1030  -0.0439 -0.1144 71 PHE A CG  
160 C CD1 . PHE A 22 ? 0.3684 0.7220 0.3606 0.0979  -0.0506 -0.1192 71 PHE A CD1 
161 C CD2 . PHE A 22 ? 0.3282 0.7236 0.4012 0.1322  -0.0633 -0.1370 71 PHE A CD2 
162 C CE1 . PHE A 22 ? 0.4640 0.8218 0.4210 0.1305  -0.0853 -0.1353 71 PHE A CE1 
163 C CE2 . PHE A 22 ? 0.4049 0.8394 0.4650 0.1733  -0.0999 -0.1708 71 PHE A CE2 
164 C CZ  . PHE A 22 ? 0.4171 0.8165 0.4126 0.1769  -0.1155 -0.1643 71 PHE A CZ  
165 N N   . SER A 23 ? 0.2542 0.5470 0.3811 0.0665  -0.0150 -0.1105 72 SER A N   
166 C CA  A SER A 23 ? 0.2660 0.5406 0.4010 0.0791  -0.0253 -0.1224 72 SER A CA  
167 C CA  B SER A 23 ? 0.2579 0.5347 0.3927 0.0782  -0.0237 -0.1213 72 SER A CA  
168 C C   . SER A 23 ? 0.2855 0.4807 0.3961 0.0706  -0.0326 -0.0959 72 SER A C   
169 O O   . SER A 23 ? 0.2548 0.4446 0.3661 0.0757  -0.0302 -0.0876 72 SER A O   
170 C CB  A SER A 23 ? 0.3161 0.5986 0.4691 0.1125  -0.0587 -0.1770 72 SER A CB  
171 C CB  B SER A 23 ? 0.2994 0.5944 0.4558 0.1105  -0.0540 -0.1767 72 SER A CB  
172 O OG  A SER A 23 ? 0.4120 0.5810 0.5213 0.1187  -0.0969 -0.1802 72 SER A OG  
173 O OG  B SER A 23 ? 0.2574 0.6646 0.4398 0.1058  -0.0357 -0.2140 72 SER A OG  
174 N N   . GLU A 24 ? 0.3034 0.4421 0.3811 0.0435  -0.0384 -0.0885 73 GLU A N   
175 C CA  . GLU A 24 ? 0.3704 0.4319 0.3964 0.0093  -0.0393 -0.0683 73 GLU A CA  
176 C C   . GLU A 24 ? 0.3068 0.4361 0.3631 0.0022  -0.0082 -0.0520 73 GLU A C   
177 O O   . GLU A 24 ? 0.3083 0.3993 0.3421 -0.0059 -0.0070 -0.0367 73 GLU A O   
178 C CB  . GLU A 24 ? 0.4661 0.4626 0.4223 -0.0566 -0.0403 -0.0737 73 GLU A CB  
179 C CG  . GLU A 24 ? 0.6468 0.4891 0.5130 -0.0533 -0.0926 -0.0849 73 GLU A CG  
180 C CD  . GLU A 24 ? 0.8416 0.4942 0.5861 -0.0505 -0.1445 -0.0713 73 GLU A CD  
181 O OE1 . GLU A 24 ? 1.0879 0.5415 0.6816 -0.0848 -0.1938 -0.0722 73 GLU A OE1 
182 O OE2 . GLU A 24 ? 0.7800 0.4548 0.5553 -0.0127 -0.1472 -0.0625 73 GLU A OE2 
183 N N   . LEU A 25 ? 0.2506 0.4682 0.3454 0.0124  0.0057  -0.0630 74 LEU A N   
184 C CA  . LEU A 25 ? 0.2334 0.5004 0.3446 0.0317  0.0123  -0.0641 74 LEU A CA  
185 C C   . LEU A 25 ? 0.2360 0.4558 0.3283 0.0546  0.0084  -0.0369 74 LEU A C   
186 O O   . LEU A 25 ? 0.2594 0.4669 0.3445 0.0571  0.0111  -0.0294 74 LEU A O   
187 C CB  . LEU A 25 ? 0.2094 0.5474 0.3401 0.0634  -0.0004 -0.0920 74 LEU A CB  
188 C CG  . LEU A 25 ? 0.2555 0.6991 0.4239 0.0379  0.0081  -0.1434 74 LEU A CG  
189 C CD1 . LEU A 25 ? 0.2664 0.7864 0.4577 0.0910  -0.0205 -0.1836 74 LEU A CD1 
190 C CD2 . LEU A 25 ? 0.2347 0.7516 0.4236 0.0199  0.0224  -0.1763 74 LEU A CD2 
191 N N   . LYS A 26 ? 0.2280 0.4370 0.3092 0.0592  0.0064  -0.0320 75 LYS A N   
192 C CA  . LYS A 26 ? 0.2620 0.4468 0.3118 0.0510  0.0127  -0.0190 75 LYS A CA  
193 C C   . LYS A 26 ? 0.2454 0.4212 0.3175 0.0472  0.0145  -0.0201 75 LYS A C   
194 O O   . LYS A 26 ? 0.2471 0.3994 0.2997 0.0399  0.0199  -0.0069 75 LYS A O   
195 C CB  . LYS A 26 ? 0.2929 0.5073 0.3206 0.0296  0.0216  -0.0331 75 LYS A CB  
196 C CG  . LYS A 26 ? 0.3741 0.5638 0.3291 -0.0168 0.0377  -0.0254 75 LYS A CG  
197 C CD  . LYS A 26 ? 0.4286 0.6489 0.3227 -0.0700 0.0555  -0.0434 75 LYS A CD  
198 C CE  . LYS A 26 ? 0.5876 0.7000 0.3222 -0.1425 0.0630  -0.0165 75 LYS A CE  
199 N NZ  . LYS A 26 ? 0.6959 0.8294 0.3288 -0.2341 0.0913  -0.0360 75 LYS A NZ  
200 N N   . GLU A 27 ? 0.2220 0.3923 0.3153 0.0570  -0.0012 -0.0383 76 GLU A N   
201 C CA  . GLU A 27 ? 0.2665 0.4006 0.3555 0.0689  -0.0206 -0.0458 76 GLU A CA  
202 C C   . GLU A 27 ? 0.2697 0.3486 0.3256 0.0498  -0.0137 -0.0148 76 GLU A C   
203 O O   . GLU A 27 ? 0.2692 0.3354 0.3197 0.0524  -0.0150 -0.0093 76 GLU A O   
204 C CB  . GLU A 27 ? 0.3397 0.4224 0.4122 0.0947  -0.0628 -0.0735 76 GLU A CB  
205 C CG  . GLU A 27 ? 0.4682 0.4558 0.4917 0.1180  -0.1077 -0.0804 76 GLU A CG  
206 C CD  . GLU A 27 ? 0.6714 0.5301 0.6187 0.1414  -0.1685 -0.0993 76 GLU A CD  
207 O OE1 . GLU A 27 ? 0.6729 0.5821 0.6595 0.1785  -0.1879 -0.1440 76 GLU A OE1 
208 O OE2 . GLU A 27 ? 0.8398 0.5348 0.6687 0.1134  -0.1971 -0.0709 76 GLU A OE2 
209 N N   . LYS A 28 ? 0.2726 0.3429 0.3109 0.0238  -0.0035 -0.0072 77 LYS A N   
210 C CA  . LYS A 28 ? 0.3079 0.3724 0.3218 -0.0075 0.0118  0.0004  77 LYS A CA  
211 C C   . LYS A 28 ? 0.2587 0.3738 0.3030 0.0154  0.0244  0.0015  77 LYS A C   
212 O O   . LYS A 28 ? 0.2649 0.3713 0.2962 0.0072  0.0301  0.0050  77 LYS A O   
213 C CB  . LYS A 28 ? 0.3368 0.4342 0.3347 -0.0569 0.0279  -0.0185 77 LYS A CB  
214 C CG  . LYS A 28 ? 0.5129 0.4959 0.4223 -0.1040 0.0085  -0.0144 77 LYS A CG  
215 C CD  . LYS A 28 ? 0.6562 0.4827 0.4645 -0.1103 -0.0277 0.0073  77 LYS A CD  
216 C CE  . LYS A 28 ? 0.7770 0.4227 0.4534 -0.1356 -0.0773 0.0087  77 LYS A CE  
217 N NZ  . LYS A 28 ? 0.9161 0.5543 0.5317 -0.2289 -0.0510 -0.0011 77 LYS A NZ  
218 N N   . LEU A 29 ? 0.2370 0.3785 0.2972 0.0439  0.0203  -0.0018 78 LEU A N   
219 C CA  . LEU A 29 ? 0.2675 0.3943 0.3074 0.0709  0.0109  -0.0005 78 LEU A CA  
220 C C   . LEU A 29 ? 0.2841 0.3590 0.2978 0.0573  0.0149  0.0206  78 LEU A C   
221 O O   . LEU A 29 ? 0.2920 0.3390 0.2859 0.0635  0.0113  0.0235  78 LEU A O   
222 C CB  . LEU A 29 ? 0.3088 0.4164 0.3151 0.0966  -0.0098 -0.0037 78 LEU A CB  
223 C CG  . LEU A 29 ? 0.4244 0.4491 0.3523 0.1350  -0.0474 -0.0049 78 LEU A CG  
224 C CD1 . LEU A 29 ? 0.4509 0.5434 0.4157 0.1954  -0.0773 -0.0584 78 LEU A CD1 
225 C CD2 . LEU A 29 ? 0.5044 0.4369 0.3316 0.1327  -0.0720 0.0114  78 LEU A CD2 
226 N N   . PHE A 30 ? 0.2620 0.3451 0.2812 0.0394  0.0213  0.0208  79 PHE A N   
227 C CA  . PHE A 30 ? 0.2806 0.3642 0.2911 0.0175  0.0288  0.0168  79 PHE A CA  
228 C C   . PHE A 30 ? 0.2786 0.3552 0.3105 0.0287  0.0210  0.0156  79 PHE A C   
229 O O   . PHE A 30 ? 0.2794 0.3434 0.2972 0.0181  0.0246  0.0174  79 PHE A O   
230 C CB  . PHE A 30 ? 0.2799 0.4348 0.3129 -0.0029 0.0375  -0.0158 79 PHE A CB  
231 C CG  . PHE A 30 ? 0.3351 0.4820 0.3002 -0.0522 0.0557  -0.0140 79 PHE A CG  
232 C CD1 . PHE A 30 ? 0.3894 0.4618 0.2935 -0.0414 0.0428  0.0136  79 PHE A CD1 
233 C CD2 . PHE A 30 ? 0.3999 0.6136 0.3441 -0.1176 0.0821  -0.0486 79 PHE A CD2 
234 C CE1 . PHE A 30 ? 0.5109 0.5274 0.3024 -0.0938 0.0477  0.0211  79 PHE A CE1 
235 C CE2 . PHE A 30 ? 0.5142 0.6985 0.3516 -0.1943 0.1033  -0.0461 79 PHE A CE2 
236 C CZ  . PHE A 30 ? 0.5901 0.6493 0.3336 -0.1815 0.0817  -0.0027 79 PHE A CZ  
237 N N   . ARG A 31 ? 0.2691 0.3307 0.3081 0.0405  0.0063  0.0133  80 ARG A N   
238 C CA  . ARG A 31 ? 0.3026 0.3129 0.3133 0.0419  -0.0119 0.0165  80 ARG A CA  
239 C C   . ARG A 31 ? 0.3012 0.3053 0.2944 0.0237  0.0078  0.0321  80 ARG A C   
240 O O   . ARG A 31 ? 0.3042 0.2858 0.2801 0.0223  0.0027  0.0349  80 ARG A O   
241 C CB  . ARG A 31 ? 0.3640 0.2982 0.3214 0.0349  -0.0379 0.0180  80 ARG A CB  
242 C CG  . ARG A 31 ? 0.4792 0.2990 0.3413 0.0180  -0.0663 0.0301  80 ARG A CG  
243 C CD  . ARG A 31 ? 0.5313 0.3374 0.3978 0.0652  -0.1050 0.0109  80 ARG A CD  
244 N NE  . ARG A 31 ? 0.5347 0.3333 0.4138 0.1261  -0.1609 -0.0333 80 ARG A NE  
245 C CZ  . ARG A 31 ? 0.5846 0.4202 0.4930 0.1848  -0.2063 -0.0836 80 ARG A CZ  
246 N NH1 . ARG A 31 ? 0.5550 0.4181 0.4734 0.1787  -0.1965 -0.0814 80 ARG A NH1 
247 N NH2 . ARG A 31 ? 0.6214 0.4797 0.5526 0.2548  -0.2664 -0.1494 80 ARG A NH2 
248 N N   . GLU A 32 ? 0.2708 0.3111 0.2738 0.0179  0.0243  0.0282  81 GLU A N   
249 C CA  . GLU A 32 ? 0.2847 0.3542 0.2847 0.0138  0.0356  0.0156  81 GLU A CA  
250 C C   . GLU A 32 ? 0.2940 0.3342 0.2885 0.0394  0.0270  0.0217  81 GLU A C   
251 O O   . GLU A 32 ? 0.3108 0.3462 0.2942 0.0375  0.0289  0.0166  81 GLU A O   
252 C CB  . GLU A 32 ? 0.2710 0.4252 0.3011 0.0234  0.0419  -0.0210 81 GLU A CB  
253 C CG  . GLU A 32 ? 0.3216 0.5573 0.3661 0.0245  0.0508  -0.0669 81 GLU A CG  
254 C CD  . GLU A 32 ? 0.4136 0.6162 0.4544 0.0880  0.0214  -0.0769 81 GLU A CD  
255 O OE1 . GLU A 32 ? 0.3433 0.5917 0.3908 0.0942  0.0237  -0.1113 81 GLU A OE1 
256 O OE2 . GLU A 32 ? 0.4161 0.5348 0.4268 0.1230  -0.0060 -0.0545 81 GLU A OE2 
257 N N   . ARG A 33 ? 0.2993 0.3087 0.2799 0.0489  0.0189  0.0306  82 ARG A N   
258 C CA  . ARG A 33 ? 0.3426 0.2844 0.2690 0.0479  0.0091  0.0371  82 ARG A CA  
259 C C   . ARG A 33 ? 0.3398 0.2922 0.2777 0.0187  0.0212  0.0396  82 ARG A C   
260 O O   . ARG A 33 ? 0.3608 0.2780 0.2713 0.0141  0.0181  0.0391  82 ARG A O   
261 C CB  . ARG A 33 ? 0.3943 0.2732 0.2529 0.0306  0.0008  0.0477  82 ARG A CB  
262 C CG  . ARG A 33 ? 0.5157 0.2769 0.2625 -0.0040 -0.0100 0.0588  82 ARG A CG  
263 C CD  . ARG A 33 ? 0.5849 0.2569 0.2805 0.0457  -0.0488 0.0503  82 ARG A CD  
264 N NE  . ARG A 33 ? 0.7907 0.2890 0.3301 0.0054  -0.0724 0.0653  82 ARG A NE  
265 C CZ  . ARG A 33 ? 0.9328 0.3249 0.4036 0.0365  -0.1101 0.0555  82 ARG A CZ  
266 N NH1 . ARG A 33 ? 1.0738 0.2660 0.3636 -0.0170 -0.1364 0.0734  82 ARG A NH1 
267 N NH2 . ARG A 33 ? 0.8673 0.3515 0.4367 0.1081  -0.1197 0.0224  82 ARG A NH2 
268 N N   . LEU A 34 ? 0.2904 0.2939 0.2682 0.0102  0.0250  0.0305  83 LEU A N   
269 C CA  . LEU A 34 ? 0.2835 0.3190 0.2822 0.0052  0.0191  0.0105  83 LEU A CA  
270 C C   . LEU A 34 ? 0.3102 0.3092 0.2936 0.0190  0.0074  0.0204  83 LEU A C   
271 O O   . LEU A 34 ? 0.3110 0.3104 0.2882 0.0125  0.0052  0.0116  83 LEU A O   
272 C CB  . LEU A 34 ? 0.2694 0.3623 0.3103 0.0256  0.0002  -0.0220 83 LEU A CB  
273 C CG  . LEU A 34 ? 0.2638 0.4156 0.3363 0.0463  -0.0267 -0.0716 83 LEU A CG  
274 C CD1 . LEU A 34 ? 0.2338 0.4594 0.3170 -0.0054 0.0042  -0.0983 83 LEU A CD1 
275 C CD2 . LEU A 34 ? 0.2568 0.4814 0.3754 0.0877  -0.0599 -0.1297 83 LEU A CD2 
276 N N   . SER A 35 ? 0.3091 0.2815 0.2737 0.0223  0.0049  0.0335  84 SER A N   
277 C CA  . SER A 35 ? 0.3676 0.3045 0.2876 0.0087  0.0015  0.0397  84 SER A CA  
278 C C   . SER A 35 ? 0.3501 0.3095 0.2767 0.0083  0.0191  0.0330  84 SER A C   
279 O O   . SER A 35 ? 0.3659 0.3100 0.2684 0.0014  0.0161  0.0308  84 SER A O   
280 C CB  . SER A 35 ? 0.3770 0.2916 0.2498 -0.0251 0.0083  0.0455  84 SER A CB  
281 O OG  . SER A 35 ? 0.4508 0.2918 0.2790 -0.0226 -0.0240 0.0522  84 SER A OG  
282 N N   . GLN A 36 ? 0.3284 0.3099 0.2736 0.0247  0.0259  0.0234  85 GLN A N   
283 C CA  . GLN A 36 ? 0.3469 0.3229 0.2814 0.0480  0.0196  0.0033  85 GLN A CA  
284 C C   . GLN A 36 ? 0.3806 0.2920 0.2834 0.0391  0.0113  0.0148  85 GLN A C   
285 O O   . GLN A 36 ? 0.3923 0.2889 0.2781 0.0441  0.0067  0.0026  85 GLN A O   
286 C CB  . GLN A 36 ? 0.3625 0.3331 0.2936 0.0883  0.0001  -0.0160 85 GLN A CB  
287 C CG  . GLN A 36 ? 0.4812 0.4190 0.3814 0.1413  -0.0344 -0.0544 85 GLN A CG  
288 C CD  . GLN A 36 ? 0.5317 0.4532 0.4144 0.2027  -0.0764 -0.0863 85 GLN A CD  
289 O OE1 . GLN A 36 ? 0.6113 0.4476 0.4433 0.1953  -0.0891 -0.0537 85 GLN A OE1 
290 N NE2 . GLN A 36 ? 0.5935 0.6235 0.5236 0.2592  -0.0963 -0.1607 85 GLN A NE2 
291 N N   . LEU A 37 ? 0.3821 0.2705 0.2737 0.0152  0.0133  0.0279  86 LEU A N   
292 C CA  . LEU A 37 ? 0.4215 0.2774 0.2780 -0.0219 0.0160  0.0249  86 LEU A CA  
293 C C   . LEU A 37 ? 0.3870 0.2974 0.2817 -0.0253 0.0175  0.0116  86 LEU A C   
294 O O   . LEU A 37 ? 0.4250 0.3123 0.2937 -0.0436 0.0166  0.0021  86 LEU A O   
295 C CB  . LEU A 37 ? 0.4441 0.3082 0.2788 -0.0725 0.0294  0.0215  86 LEU A CB  
296 C CG  . LEU A 37 ? 0.5320 0.2778 0.2640 -0.0855 0.0168  0.0403  86 LEU A CG  
297 C CD1 . LEU A 37 ? 0.5557 0.3353 0.2647 -0.1507 0.0401  0.0340  86 LEU A CD1 
298 C CD2 . LEU A 37 ? 0.6904 0.2823 0.2955 -0.1073 -0.0061 0.0461  86 LEU A CD2 
299 N N   . ARG A 38 ? 0.3316 0.2900 0.2660 -0.0068 0.0094  0.0079  87 ARG A N   
300 C CA  . ARG A 38 ? 0.3442 0.3190 0.2831 0.0043  -0.0111 -0.0081 87 ARG A CA  
301 C C   . ARG A 38 ? 0.3819 0.3150 0.2814 0.0054  -0.0108 0.0044  87 ARG A C   
302 O O   . ARG A 38 ? 0.3819 0.3153 0.2706 0.0047  -0.0223 -0.0088 87 ARG A O   
303 C CB  . ARG A 38 ? 0.3562 0.3327 0.2989 0.0358  -0.0457 -0.0184 87 ARG A CB  
304 C CG  . ARG A 38 ? 0.3505 0.4172 0.3533 0.0444  -0.0525 -0.0621 87 ARG A CG  
305 C CD  . ARG A 38 ? 0.4034 0.4494 0.4009 0.0949  -0.1009 -0.0798 87 ARG A CD  
306 N NE  . ARG A 38 ? 0.3607 0.5384 0.4345 0.1173  -0.1160 -0.1529 87 ARG A NE  
307 C CZ  . ARG A 38 ? 0.4128 0.6014 0.5002 0.1720  -0.1627 -0.1916 87 ARG A CZ  
308 N NH1 . ARG A 38 ? 0.4641 0.4994 0.4683 0.1970  -0.1983 -0.1488 87 ARG A NH1 
309 N NH2 . ARG A 38 ? 0.3352 0.6952 0.5115 0.1921  -0.1723 -0.2832 87 ARG A NH2 
310 N N   . LEU A 39 ? 0.3514 0.2730 0.2340 0.0033  0.0033  0.0166  88 LEU A N   
311 C CA  . LEU A 39 ? 0.3673 0.2927 0.2211 -0.0057 0.0129  0.0077  88 LEU A CA  
312 C C   . LEU A 39 ? 0.3961 0.3120 0.2560 0.0084  0.0118  -0.0094 88 LEU A C   
313 O O   . LEU A 39 ? 0.4327 0.3455 0.2737 0.0034  0.0094  -0.0199 88 LEU A O   
314 C CB  . LEU A 39 ? 0.3516 0.3260 0.2100 -0.0149 0.0335  -0.0065 88 LEU A CB  
315 C CG  . LEU A 39 ? 0.3479 0.3916 0.2003 -0.0251 0.0513  -0.0486 88 LEU A CG  
316 C CD1 . LEU A 39 ? 0.4300 0.4516 0.2096 -0.0749 0.0583  -0.0424 88 LEU A CD1 
317 C CD2 . LEU A 39 ? 0.3749 0.5283 0.2569 -0.0364 0.0734  -0.0929 88 LEU A CD2 
318 N N   . ARG A 40 ? 0.4021 0.2861 0.2618 0.0230  0.0065  -0.0116 89 ARG A N   
319 C CA  . ARG A 40 ? 0.5125 0.3219 0.3251 0.0318  -0.0107 -0.0255 89 ARG A CA  
320 C C   . ARG A 40 ? 0.5239 0.3175 0.3216 -0.0097 -0.0064 -0.0222 89 ARG A C   
321 O O   . ARG A 40 ? 0.5825 0.3383 0.3479 -0.0103 -0.0156 -0.0374 89 ARG A O   
322 C CB  . ARG A 40 ? 0.6025 0.3182 0.3592 0.0412  -0.0316 -0.0191 89 ARG A CB  
323 C CG  . ARG A 40 ? 0.6703 0.4005 0.4357 0.1085  -0.0571 -0.0499 89 ARG A CG  
324 C CD  . ARG A 40 ? 0.8364 0.4681 0.5373 0.1261  -0.0878 -0.0397 89 ARG A CD  
325 N NE  . ARG A 40 ? 0.9817 0.6363 0.6921 0.2137  -0.1317 -0.0944 89 ARG A NE  
326 C CZ  . ARG A 40 ? 1.1077 0.6802 0.7586 0.2618  -0.1799 -0.1047 89 ARG A CZ  
327 N NH1 . ARG A 40 ? 1.2008 0.6486 0.7627 0.2120  -0.1805 -0.0515 89 ARG A NH1 
328 N NH2 . ARG A 40 ? 1.1750 0.8064 0.8539 0.3597  -0.2305 -0.1805 89 ARG A NH2 
329 N N   . LEU A 41 ? 0.4991 0.3389 0.3258 -0.0407 0.0041  -0.0172 90 LEU A N   
330 C CA  . LEU A 41 ? 0.5254 0.4103 0.3635 -0.0789 0.0073  -0.0413 90 LEU A CA  
331 C C   . LEU A 41 ? 0.5220 0.4319 0.3731 -0.0541 -0.0063 -0.0519 90 LEU A C   
332 O O   . LEU A 41 ? 0.5445 0.4495 0.3779 -0.0757 -0.0082 -0.0719 90 LEU A O   
333 C CB  . LEU A 41 ? 0.4757 0.4616 0.3693 -0.0951 0.0124  -0.0650 90 LEU A CB  
334 C CG  . LEU A 41 ? 0.4856 0.5902 0.4262 -0.1184 0.0081  -0.1248 90 LEU A CG  
335 C CD1 . LEU A 41 ? 0.6013 0.6886 0.4872 -0.2060 0.0345  -0.1448 90 LEU A CD1 
336 C CD2 . LEU A 41 ? 0.4692 0.7094 0.4836 -0.1085 0.0014  -0.1753 90 LEU A CD2 
337 N N   . GLU A 42 ? 0.4948 0.4130 0.3519 -0.0210 -0.0163 -0.0375 91 GLU A N   
338 C CA  . GLU A 42 ? 0.5479 0.4586 0.3749 -0.0106 -0.0324 -0.0408 91 GLU A CA  
339 C C   . GLU A 42 ? 0.5632 0.4542 0.3640 -0.0155 -0.0187 -0.0477 91 GLU A C   
340 O O   . GLU A 42 ? 0.6166 0.5076 0.3969 -0.0192 -0.0279 -0.0618 91 GLU A O   
341 C CB  . GLU A 42 ? 0.5673 0.4456 0.3499 -0.0040 -0.0450 -0.0191 91 GLU A CB  
342 C CG  . GLU A 42 ? 0.6837 0.5096 0.3903 0.0017  -0.0840 -0.0200 91 GLU A CG  
343 C CD  . GLU A 42 ? 0.7354 0.5826 0.4701 0.0449  -0.1354 -0.0531 91 GLU A CD  
344 O OE1 . GLU A 42 ? 0.7956 0.6355 0.5012 0.0598  -0.1673 -0.0743 91 GLU A OE1 
345 O OE2 . GLU A 42 ? 0.7448 0.6347 0.5348 0.0671  -0.1463 -0.0702 91 GLU A OE2 
346 N N   . GLU A 43 ? 0.5596 0.4422 0.3623 -0.0047 -0.0053 -0.0498 92 GLU A N   
347 C CA  . GLU A 43 ? 0.5889 0.4761 0.3761 0.0129  -0.0043 -0.0812 92 GLU A CA  
348 C C   . GLU A 43 ? 0.6762 0.4925 0.4340 0.0137  -0.0216 -0.0952 92 GLU A C   
349 O O   . GLU A 43 ? 0.7147 0.5300 0.4543 0.0264  -0.0289 -0.1248 92 GLU A O   
350 C CB  . GLU A 43 ? 0.5699 0.4831 0.3750 0.0472  -0.0044 -0.1054 92 GLU A CB  
351 C CG  . GLU A 43 ? 0.5267 0.5279 0.3507 0.0244  0.0217  -0.1056 92 GLU A CG  
352 C CD  . GLU A 43 ? 0.5080 0.5725 0.3696 0.0587  0.0207  -0.1442 92 GLU A CD  
353 O OE1 . GLU A 43 ? 0.5238 0.5227 0.3855 0.1042  -0.0090 -0.1435 92 GLU A OE1 
354 O OE2 . GLU A 43 ? 0.5072 0.6886 0.3845 0.0317  0.0480  -0.1817 92 GLU A OE2 
355 N N   . VAL A 44 ? 0.7326 0.4885 0.4712 -0.0131 -0.0260 -0.0791 93 VAL A N   
356 C CA  . VAL A 44 ? 0.8769 0.5430 0.5513 -0.0472 -0.0380 -0.0911 93 VAL A CA  
357 C C   . VAL A 44 ? 0.8682 0.6135 0.5769 -0.0770 -0.0284 -0.1049 93 VAL A C   
358 O O   . VAL A 44 ? 0.9329 0.6508 0.6120 -0.0821 -0.0373 -0.1260 93 VAL A O   
359 C CB  . VAL A 44 ? 0.9555 0.5361 0.5657 -0.1048 -0.0359 -0.0761 93 VAL A CB  
360 C CG1 . VAL A 44 ? 0.9889 0.4843 0.5557 -0.0673 -0.0559 -0.0598 93 VAL A CG1 
361 C CG2 . VAL A 44 ? 0.8909 0.6006 0.5713 -0.1533 -0.0067 -0.0798 93 VAL A CG2 
362 N N   . GLY A 45 ? 0.8132 0.6539 0.5808 -0.0840 -0.0214 -0.1024 94 GLY A N   
363 C CA  . GLY A 45 ? 0.8189 0.7413 0.6187 -0.0910 -0.0325 -0.1319 94 GLY A CA  
364 C C   . GLY A 45 ? 0.8676 0.8311 0.6700 -0.1589 -0.0209 -0.1722 94 GLY A C   
365 O O   . GLY A 45 ? 0.8861 0.8876 0.7004 -0.2030 -0.0031 -0.1834 94 GLY A O   
366 N N   . GLU B 2  ? 1.2860 1.0019 0.8111 -0.3008 0.0019  -0.4438 51 GLU B N   
367 C CA  . GLU B 2  ? 1.1535 0.8858 0.8330 -0.2935 0.0734  -0.4118 51 GLU B CA  
368 C C   . GLU B 2  ? 1.0282 0.8616 0.8295 -0.2767 0.0353  -0.3838 51 GLU B C   
369 O O   . GLU B 2  ? 0.9440 0.8130 0.7456 -0.2317 0.0039  -0.3293 51 GLU B O   
370 C CB  . GLU B 2  ? 1.1203 0.8017 0.7925 -0.2545 0.1372  -0.3664 51 GLU B CB  
371 C CG  . GLU B 2  ? 1.0992 0.7289 0.8628 -0.2293 0.1937  -0.3586 51 GLU B CG  
372 C CD  . GLU B 2  ? 1.2325 0.7580 0.9651 -0.2523 0.2498  -0.4200 51 GLU B CD  
373 O OE1 . GLU B 2  ? 1.3191 0.8273 0.9741 -0.2815 0.2708  -0.4689 51 GLU B OE1 
374 O OE2 . GLU B 2  ? 1.2913 0.7178 1.0460 -0.2433 0.2788  -0.4200 51 GLU B OE2 
375 N N   . ASP B 3  ? 1.0266 0.8923 0.9266 -0.3265 0.0581  -0.4322 52 ASP B N   
376 C CA  . ASP B 3  ? 0.9309 0.8704 0.9452 -0.3323 0.0649  -0.4208 52 ASP B CA  
377 C C   . ASP B 3  ? 0.8722 0.7184 0.8554 -0.2885 0.1143  -0.3294 52 ASP B C   
378 O O   . ASP B 3  ? 0.7912 0.6933 0.8190 -0.2630 0.0986  -0.2911 52 ASP B O   
379 C CB  . ASP B 3  ? 1.0049 0.9566 1.1063 -0.4275 0.1248  -0.5096 52 ASP B CB  
380 C CG  . ASP B 3  ? 1.0440 1.1442 1.2282 -0.4663 0.0543  -0.6311 52 ASP B CG  
381 O OD1 . ASP B 3  ? 0.9946 1.2334 1.2228 -0.4082 -0.0619 -0.6512 52 ASP B OD1 
382 O OD2 . ASP B 3  ? 1.1538 1.2191 1.3500 -0.5489 0.1060  -0.7142 52 ASP B OD2 
383 N N   . TYR B 4  ? 0.9356 0.6448 0.8466 -0.2701 0.1618  -0.3078 53 TYR B N   
384 C CA  . TYR B 4  ? 0.9280 0.5385 0.8090 -0.2100 0.1842  -0.2446 53 TYR B CA  
385 C C   . TYR B 4  ? 0.7853 0.4957 0.6982 -0.1510 0.1394  -0.2002 53 TYR B C   
386 O O   . TYR B 4  ? 0.7249 0.4523 0.6552 -0.1281 0.1269  -0.1577 53 TYR B O   
387 C CB  . TYR B 4  ? 1.0496 0.5224 0.8776 -0.1758 0.2166  -0.2593 53 TYR B CB  
388 C CG  . TYR B 4  ? 1.1169 0.4805 0.9169 -0.0838 0.2068  -0.2167 53 TYR B CG  
389 C CD1 . TYR B 4  ? 1.3178 0.4695 1.0009 -0.0753 0.2277  -0.1870 53 TYR B CD1 
390 C CD2 . TYR B 4  ? 1.0319 0.4832 0.9051 -0.0063 0.1761  -0.2216 53 TYR B CD2 
391 C CE1 . TYR B 4  ? 1.4327 0.4484 1.0480 0.0347  0.1854  -0.1517 53 TYR B CE1 
392 C CE2 . TYR B 4  ? 1.1116 0.4925 0.9887 0.0972  0.1381  -0.2088 53 TYR B CE2 
393 C CZ  . TYR B 4  ? 1.3131 0.4679 1.0486 0.1306  0.1268  -0.1687 53 TYR B CZ  
394 O OH  . TYR B 4  ? 1.4374 0.4870 1.1337 0.2569  0.0572  -0.1576 53 TYR B OH  
395 N N   . GLU B 5  ? 0.7509 0.5072 0.6488 -0.1416 0.1284  -0.2174 54 GLU B N   
396 C CA  . GLU B 5  ? 0.6724 0.4961 0.5777 -0.1112 0.1092  -0.1879 54 GLU B CA  
397 C C   . GLU B 5  ? 0.5975 0.4888 0.5065 -0.1162 0.0579  -0.1598 54 GLU B C   
398 O O   . GLU B 5  ? 0.5104 0.4366 0.4431 -0.0888 0.0466  -0.1231 54 GLU B O   
399 C CB  . GLU B 5  ? 0.7402 0.5488 0.5741 -0.1318 0.1370  -0.2226 54 GLU B CB  
400 C CG  . GLU B 5  ? 0.8521 0.6097 0.6964 -0.1348 0.1952  -0.2801 54 GLU B CG  
401 C CD  . GLU B 5  ? 0.8434 0.6185 0.8091 -0.0678 0.2120  -0.2933 54 GLU B CD  
402 O OE1 . GLU B 5  ? 0.9013 0.6315 0.9019 -0.0448 0.2460  -0.3491 54 GLU B OE1 
403 O OE2 . GLU B 5  ? 0.7534 0.5841 0.7771 -0.0293 0.1802  -0.2571 54 GLU B OE2 
404 N N   . ARG B 6  ? 0.6226 0.5428 0.5254 -0.1456 0.0208  -0.1934 55 ARG B N   
405 C CA  . ARG B 6  ? 0.5757 0.5759 0.5124 -0.1292 -0.0435 -0.1917 55 ARG B CA  
406 C C   . ARG B 6  ? 0.4809 0.5298 0.5219 -0.1284 -0.0194 -0.1732 55 ARG B C   
407 O O   . ARG B 6  ? 0.4176 0.5028 0.4741 -0.0958 -0.0451 -0.1437 55 ARG B O   
408 C CB  . ARG B 6  ? 0.6414 0.6998 0.5911 -0.1441 -0.1120 -0.2639 55 ARG B CB  
409 C CG  . ARG B 6  ? 0.6598 0.7917 0.6335 -0.0901 -0.2107 -0.2754 55 ARG B CG  
410 C CD  . ARG B 6  ? 0.7376 0.9955 0.8172 -0.0891 -0.2964 -0.3817 55 ARG B CD  
411 N NE  . ARG B 6  ? 0.9633 1.1539 0.8782 -0.0521 -0.4035 -0.4102 55 ARG B NE  
412 C CZ  . ARG B 6  ? 1.0758 1.3795 1.0685 -0.0375 -0.5094 -0.5215 55 ARG B CZ  
413 N NH1 . ARG B 6  ? 0.9851 1.5020 1.2585 -0.0728 -0.4991 -0.6284 55 ARG B NH1 
414 N NH2 . ARG B 6  ? 1.3051 1.5065 1.0897 0.0066  -0.6237 -0.5421 55 ARG B NH2 
415 N N   . ARG B 7  ? 0.5104 0.5298 0.5912 -0.1737 0.0374  -0.1962 56 ARG B N   
416 C CA  . ARG B 7  ? 0.5125 0.5193 0.6271 -0.1929 0.0834  -0.1820 56 ARG B CA  
417 C C   . ARG B 7  ? 0.4889 0.4372 0.5449 -0.1385 0.0823  -0.1081 56 ARG B C   
418 O O   . ARG B 7  ? 0.4460 0.4300 0.5241 -0.1288 0.0805  -0.0890 56 ARG B O   
419 C CB  . ARG B 7  ? 0.6595 0.5389 0.7279 -0.2599 0.1665  -0.2068 56 ARG B CB  
420 C CG  . ARG B 7  ? 0.7261 0.6882 0.8967 -0.3484 0.2013  -0.3081 56 ARG B CG  
421 C CD  . ARG B 7  ? 0.8777 0.7677 1.0085 -0.3886 0.2224  -0.3502 56 ARG B CD  
422 N NE  . ARG B 7  ? 1.0952 0.7518 1.0944 -0.4444 0.3252  -0.3381 56 ARG B NE  
423 C CZ  . ARG B 7  ? 1.2376 0.8350 1.2444 -0.5628 0.4239  -0.4177 56 ARG B CZ  
424 N NH1 . ARG B 7  ? 1.4793 0.7842 1.2926 -0.6069 0.5193  -0.3901 56 ARG B NH1 
425 N NH2 . ARG B 7  ? 1.1713 0.9896 1.3743 -0.6362 0.4274  -0.5369 56 ARG B NH2 
426 N N   . ARG B 8  ? 0.5069 0.3785 0.5050 -0.1011 0.0815  -0.0838 57 ARG B N   
427 C CA  . ARG B 8  ? 0.4710 0.3269 0.4522 -0.0429 0.0635  -0.0438 57 ARG B CA  
428 C C   . ARG B 8  ? 0.3743 0.3384 0.3989 -0.0303 0.0341  -0.0348 57 ARG B C   
429 O O   . ARG B 8  ? 0.3377 0.3197 0.3691 -0.0103 0.0239  -0.0108 57 ARG B O   
430 C CB  . ARG B 8  ? 0.5318 0.3259 0.4980 0.0060  0.0606  -0.0545 57 ARG B CB  
431 C CG  . ARG B 8  ? 0.6994 0.3123 0.5699 0.0216  0.0769  -0.0492 57 ARG B CG  
432 C CD  . ARG B 8  ? 0.7686 0.3423 0.6599 0.0980  0.0546  -0.0795 57 ARG B CD  
433 N NE  . ARG B 8  ? 1.0434 0.3892 0.8040 0.1350  0.0558  -0.0707 57 ARG B NE  
434 C CZ  . ARG B 8  ? 1.2097 0.3999 0.8630 0.2276  -0.0006 -0.0458 57 ARG B CZ  
435 N NH1 . ARG B 8  ? 1.1161 0.3968 0.8127 0.2904  -0.0671 -0.0377 57 ARG B NH1 
436 N NH2 . ARG B 8  ? 1.4525 0.3652 0.9259 0.2597  0.0039  -0.0327 57 ARG B NH2 
437 N N   . SER B 9  ? 0.3525 0.3518 0.3684 -0.0441 0.0211  -0.0534 58 SER B N   
438 C CA  . SER B 9  ? 0.3571 0.3827 0.3486 -0.0341 -0.0001 -0.0387 58 SER B CA  
439 C C   . SER B 9  ? 0.3137 0.3837 0.3423 -0.0232 -0.0310 -0.0287 58 SER B C   
440 O O   . SER B 9  ? 0.3145 0.3857 0.3322 -0.0074 -0.0361 -0.0088 58 SER B O   
441 C CB  . SER B 9  ? 0.4415 0.4138 0.3265 -0.0493 -0.0110 -0.0534 58 SER B CB  
442 O OG  . SER B 9  ? 0.5426 0.5246 0.4139 -0.0491 -0.0634 -0.0772 58 SER B OG  
443 N N   . GLU B 10 ? 0.3136 0.4278 0.4000 -0.0383 -0.0434 -0.0615 59 GLU B N   
444 C CA  . GLU B 10 ? 0.2964 0.4873 0.4689 -0.0317 -0.0595 -0.0861 59 GLU B CA  
445 C C   . GLU B 10 ? 0.2799 0.4527 0.4582 -0.0429 -0.0087 -0.0590 59 GLU B C   
446 O O   . GLU B 10 ? 0.2539 0.4614 0.4628 -0.0249 -0.0167 -0.0588 59 GLU B O   
447 C CB  . GLU B 10 ? 0.3000 0.5734 0.5783 -0.0678 -0.0575 -0.1635 59 GLU B CB  
448 C CG  . GLU B 10 ? 0.3673 0.6736 0.6413 -0.0484 -0.1350 -0.2112 59 GLU B CG  
449 C CD  . GLU B 10 ? 0.4144 0.8206 0.8178 -0.1047 -0.1198 -0.3110 59 GLU B CD  
450 O OE1 . GLU B 10 ? 0.4498 0.8729 0.9277 -0.1732 -0.0264 -0.3400 59 GLU B OE1 
451 O OE2 . GLU B 10 ? 0.4931 0.9474 0.9080 -0.0885 -0.1978 -0.3712 59 GLU B OE2 
452 N N   . CYS B 11 ? 0.3279 0.4190 0.4492 -0.0650 0.0360  -0.0387 60 CYS B N   
453 C CA  A CYS B 11 ? 0.3572 0.3808 0.4186 -0.0682 0.0679  -0.0117 60 CYS B CA  
454 C CA  B CYS B 11 ? 0.3726 0.3910 0.4293 -0.0675 0.0683  -0.0100 60 CYS B CA  
455 C C   . CYS B 11 ? 0.3189 0.3596 0.3653 -0.0206 0.0304  0.0200  60 CYS B C   
456 O O   . CYS B 11 ? 0.2991 0.3520 0.3417 -0.0190 0.0353  0.0248  60 CYS B O   
457 C CB  A CYS B 11 ? 0.4975 0.3666 0.4419 -0.0820 0.1017  0.0052  60 CYS B CB  
458 C CB  B CYS B 11 ? 0.5045 0.3695 0.4430 -0.0699 0.0919  0.0115  60 CYS B CB  
459 S SG  A CYS B 11 ? 0.5589 0.3817 0.5095 -0.1758 0.1827  -0.0512 60 CYS B SG  
460 S SG  B CYS B 11 ? 0.7184 0.4397 0.4996 -0.0198 0.0691  0.0588  60 CYS B SG  
461 N N   . VAL B 12 ? 0.2808 0.3306 0.3301 0.0052  0.0064  0.0237  61 VAL B N   
462 C CA  . VAL B 12 ? 0.2670 0.3520 0.3300 0.0272  -0.0090 0.0244  61 VAL B CA  
463 C C   . VAL B 12 ? 0.2385 0.3511 0.3085 0.0165  -0.0099 0.0260  61 VAL B C   
464 O O   . VAL B 12 ? 0.2326 0.3569 0.3042 0.0192  -0.0087 0.0256  61 VAL B O   
465 C CB  . VAL B 12 ? 0.2366 0.3411 0.3284 0.0365  -0.0058 -0.0035 61 VAL B CB  
466 C CG1 . VAL B 12 ? 0.2395 0.4074 0.3814 0.0343  0.0005  -0.0365 61 VAL B CG1 
467 C CG2 . VAL B 12 ? 0.3190 0.3793 0.4058 0.0746  -0.0223 -0.0122 61 VAL B CG2 
468 N N   . SER B 13 ? 0.2348 0.3384 0.2926 0.0131  -0.0226 0.0216  62 SER B N   
469 C CA  . SER B 13 ? 0.2753 0.3526 0.3014 0.0292  -0.0451 0.0236  62 SER B CA  
470 C C   . SER B 13 ? 0.2401 0.3645 0.3319 0.0401  -0.0438 0.0136  62 SER B C   
471 O O   . SER B 13 ? 0.2677 0.3647 0.3384 0.0513  -0.0432 0.0174  62 SER B O   
472 C CB  . SER B 13 ? 0.3582 0.4007 0.3385 0.0506  -0.0941 0.0116  62 SER B CB  
473 O OG  . SER B 13 ? 0.4516 0.4274 0.3710 0.0944  -0.1411 0.0126  62 SER B OG  
474 N N   . GLU B 14 ? 0.2088 0.3882 0.3703 0.0252  -0.0285 -0.0112 63 GLU B N   
475 C CA  . GLU B 14 ? 0.2033 0.4239 0.4242 0.0142  0.0026  -0.0408 63 GLU B CA  
476 C C   . GLU B 14 ? 0.2135 0.3832 0.3603 0.0050  0.0283  -0.0099 63 GLU B C   
477 O O   . GLU B 14 ? 0.2014 0.3793 0.3619 0.0110  0.0389  -0.0248 63 GLU B O   
478 C CB  . GLU B 14 ? 0.2198 0.4687 0.4884 -0.0371 0.0537  -0.0809 63 GLU B CB  
479 C CG  . GLU B 14 ? 0.3020 0.6391 0.6934 -0.0691 0.1008  -0.1621 63 GLU B CG  
480 C CD  . GLU B 14 ? 0.2336 0.6841 0.7674 -0.0070 0.0412  -0.2230 63 GLU B CD  
481 O OE1 . GLU B 14 ? 0.2859 0.8152 0.9122 0.0353  -0.0315 -0.2713 63 GLU B OE1 
482 O OE2 . GLU B 14 ? 0.2096 0.6560 0.7491 0.0054  0.0611  -0.2292 63 GLU B OE2 
483 N N   . MET B 15 ? 0.2171 0.3358 0.2908 -0.0014 0.0295  0.0188  64 MET B N   
484 C CA  . MET B 15 ? 0.2663 0.3457 0.2684 0.0045  0.0248  0.0308  64 MET B CA  
485 C C   . MET B 15 ? 0.2379 0.3560 0.2709 0.0165  0.0043  0.0227  64 MET B C   
486 O O   . MET B 15 ? 0.2525 0.3677 0.2619 0.0127  0.0055  0.0111  64 MET B O   
487 C CB  . MET B 15 ? 0.3485 0.3563 0.2680 0.0236  0.0011  0.0482  64 MET B CB  
488 C CG  . MET B 15 ? 0.4788 0.3682 0.2934 -0.0083 0.0459  0.0586  64 MET B CG  
489 S SD  . MET B 15 ? 0.6703 0.4848 0.3830 -0.0621 0.1156  0.0448  64 MET B SD  
490 C CE  . MET B 15 ? 0.6012 0.4920 0.4468 -0.1291 0.1980  -0.0083 64 MET B CE  
491 N N   . LEU B 16 ? 0.2031 0.3347 0.2647 0.0176  -0.0018 0.0213  65 LEU B N   
492 C CA  . LEU B 16 ? 0.2413 0.3634 0.2974 0.0007  0.0115  0.0041  65 LEU B CA  
493 C C   . LEU B 16 ? 0.2604 0.3355 0.2910 0.0045  0.0202  0.0054  65 LEU B C   
494 O O   . LEU B 16 ? 0.3103 0.3737 0.3290 -0.0135 0.0375  -0.0142 65 LEU B O   
495 C CB  . LEU B 16 ? 0.2599 0.3446 0.2884 -0.0179 0.0287  0.0008  65 LEU B CB  
496 C CG  . LEU B 16 ? 0.3544 0.3620 0.3186 -0.0634 0.0761  -0.0204 65 LEU B CG  
497 C CD1 . LEU B 16 ? 0.3810 0.4678 0.4207 -0.0973 0.1007  -0.0757 65 LEU B CD1 
498 C CD2 . LEU B 16 ? 0.4554 0.3884 0.3433 -0.1028 0.1185  -0.0313 65 LEU B CD2 
499 N N   . ASP B 17 ? 0.2231 0.4203 0.4185 -0.0399 0.0381  -0.0331 66 ASP B N   
500 C CA  . ASP B 17 ? 0.2607 0.3907 0.4071 -0.0373 0.0243  0.0011  66 ASP B CA  
501 C C   . ASP B 17 ? 0.2425 0.3690 0.4210 -0.0128 0.0233  0.0069  66 ASP B C   
502 O O   . ASP B 17 ? 0.2576 0.3494 0.4109 -0.0130 0.0158  0.0152  66 ASP B O   
503 C CB  . ASP B 17 ? 0.2709 0.3767 0.4127 -0.0187 -0.0012 0.0074  66 ASP B CB  
504 C CG  . ASP B 17 ? 0.3911 0.4547 0.4507 -0.0552 -0.0111 0.0106  66 ASP B CG  
505 O OD1 . ASP B 17 ? 0.4788 0.5475 0.4792 -0.1153 0.0180  -0.0007 66 ASP B OD1 
506 O OD2 . ASP B 17 ? 0.4692 0.5000 0.5197 -0.0335 -0.0466 0.0119  66 ASP B OD2 
507 N N   . LEU B 18 ? 0.2146 0.3535 0.4209 -0.0034 0.0261  0.0010  67 LEU B N   
508 C CA  . LEU B 18 ? 0.2069 0.3221 0.4004 -0.0087 0.0313  0.0036  67 LEU B CA  
509 C C   . LEU B 18 ? 0.2369 0.3339 0.4199 -0.0042 0.0229  0.0038  67 LEU B C   
510 O O   . LEU B 18 ? 0.2308 0.3119 0.3999 -0.0085 0.0302  0.0097  67 LEU B O   
511 C CB  . LEU B 18 ? 0.2405 0.3161 0.3941 -0.0330 0.0284  0.0016  67 LEU B CB  
512 C CG  . LEU B 18 ? 0.2230 0.3386 0.3905 -0.0609 0.0541  -0.0187 67 LEU B CG  
513 C CD1 . LEU B 18 ? 0.2826 0.3283 0.3683 -0.1099 0.0498  -0.0160 67 LEU B CD1 
514 C CD2 . LEU B 18 ? 0.2287 0.4019 0.4232 -0.0865 0.0879  -0.0588 67 LEU B CD2 
515 N N   . GLU B 19 ? 0.2204 0.3389 0.4278 0.0063  0.0061  -0.0216 68 GLU B N   
516 C CA  A GLU B 19 ? 0.2272 0.3613 0.4566 0.0145  -0.0065 -0.0506 68 GLU B CA  
517 C CA  B GLU B 19 ? 0.2253 0.3576 0.4536 0.0147  -0.0068 -0.0499 68 GLU B CA  
518 C C   . GLU B 19 ? 0.2262 0.3865 0.4446 -0.0156 0.0284  -0.0429 68 GLU B C   
519 O O   . GLU B 19 ? 0.2273 0.3770 0.4423 -0.0157 0.0270  -0.0453 68 GLU B O   
520 C CB  A GLU B 19 ? 0.2341 0.4339 0.5351 0.0359  -0.0356 -0.1238 68 GLU B CB  
521 C CB  B GLU B 19 ? 0.2345 0.4259 0.5334 0.0395  -0.0411 -0.1236 68 GLU B CB  
522 C CG  A GLU B 19 ? 0.2326 0.4681 0.5875 0.0569  -0.0648 -0.1854 68 GLU B CG  
523 C CG  B GLU B 19 ? 0.2746 0.3832 0.5570 0.0813  -0.1162 -0.1393 68 GLU B CG  
524 C CD  A GLU B 19 ? 0.2983 0.3963 0.5901 0.0944  -0.1365 -0.1631 68 GLU B CD  
525 C CD  B GLU B 19 ? 0.3717 0.3333 0.5663 0.0976  -0.1819 -0.1208 68 GLU B CD  
526 O OE1 A GLU B 19 ? 0.3022 0.3796 0.5771 0.0913  -0.1354 -0.1544 68 GLU B OE1 
527 O OE1 B GLU B 19 ? 0.4325 0.3734 0.5891 0.0755  -0.1534 -0.0873 68 GLU B OE1 
528 O OE2 A GLU B 19 ? 0.3778 0.3632 0.6058 0.1133  -0.1955 -0.1493 68 GLU B OE2 
529 O OE2 B GLU B 19 ? 0.5155 0.3551 0.6557 0.1290  -0.2747 -0.1415 68 GLU B OE2 
530 N N   . LYS B 20 ? 0.2297 0.3943 0.4147 -0.0479 0.0488  -0.0327 69 LYS B N   
531 C CA  . LYS B 20 ? 0.3032 0.4272 0.4151 -0.0942 0.0614  -0.0201 69 LYS B CA  
532 C C   . LYS B 20 ? 0.3173 0.3719 0.4084 -0.0637 0.0384  0.0147  69 LYS B C   
533 O O   . LYS B 20 ? 0.3714 0.3918 0.4260 -0.0820 0.0380  0.0187  69 LYS B O   
534 C CB  . LYS B 20 ? 0.3750 0.4417 0.3943 -0.1381 0.0584  -0.0045 69 LYS B CB  
535 C CG  . LYS B 20 ? 0.5537 0.6066 0.4731 -0.2358 0.0892  -0.0271 69 LYS B CG  
536 C CD  . LYS B 20 ? 0.6339 0.7227 0.5230 -0.2861 0.1124  -0.0547 69 LYS B CD  
537 C CE  . LYS B 20 ? 0.7125 0.6802 0.5207 -0.2610 0.0617  -0.0024 69 LYS B CE  
538 N NZ  . LYS B 20 ? 0.8978 0.7710 0.5186 -0.3749 0.0707  -0.0038 69 LYS B NZ  
539 N N   . GLN B 21 ? 0.2692 0.3190 0.3909 -0.0248 0.0232  0.0231  70 GLN B N   
540 C CA  . GLN B 21 ? 0.3007 0.3310 0.4367 0.0023  0.0072  0.0193  70 GLN B CA  
541 C C   . GLN B 21 ? 0.2756 0.3251 0.4290 0.0007  0.0272  0.0157  70 GLN B C   
542 O O   . GLN B 21 ? 0.3114 0.3404 0.4574 0.0066  0.0202  0.0122  70 GLN B O   
543 C CB  . GLN B 21 ? 0.2605 0.3311 0.4482 0.0242  0.0025  -0.0064 70 GLN B CB  
544 C CG  . GLN B 21 ? 0.3373 0.3655 0.5086 0.0457  -0.0463 -0.0145 70 GLN B CG  
545 C CD  . GLN B 21 ? 0.3146 0.4204 0.5768 0.0743  -0.0537 -0.0712 70 GLN B CD  
546 O OE1 . GLN B 21 ? 0.3236 0.4763 0.6561 0.1041  -0.0737 -0.1345 70 GLN B OE1 
547 N NE2 . GLN B 21 ? 0.2865 0.4240 0.5599 0.0620  -0.0365 -0.0668 70 GLN B NE2 
548 N N   . PHE B 22 ? 0.2573 0.3177 0.4132 -0.0063 0.0364  0.0149  71 PHE B N   
549 C CA  . PHE B 22 ? 0.3055 0.3318 0.4328 -0.0121 0.0313  0.0146  71 PHE B CA  
550 C C   . PHE B 22 ? 0.2956 0.3252 0.4332 -0.0055 0.0237  0.0094  71 PHE B C   
551 O O   . PHE B 22 ? 0.3092 0.3121 0.4261 -0.0071 0.0227  0.0119  71 PHE B O   
552 C CB  . PHE B 22 ? 0.3363 0.3120 0.4266 -0.0136 0.0014  0.0120  71 PHE B CB  
553 C CG  . PHE B 22 ? 0.4762 0.3522 0.4809 -0.0270 -0.0299 0.0161  71 PHE B CG  
554 C CD1 . PHE B 22 ? 0.4911 0.3385 0.4303 -0.0733 0.0025  0.0232  71 PHE B CD1 
555 C CD2 . PHE B 22 ? 0.5360 0.3381 0.5168 0.0043  -0.1031 -0.0028 71 PHE B CD2 
556 C CE1 . PHE B 22 ? 0.6517 0.3765 0.4692 -0.1037 -0.0288 0.0312  71 PHE B CE1 
557 C CE2 . PHE B 22 ? 0.7195 0.3730 0.5782 -0.0072 -0.1606 0.0037  71 PHE B CE2 
558 C CZ  . PHE B 22 ? 0.7521 0.3561 0.5116 -0.0700 -0.1184 0.0306  71 PHE B CZ  
559 N N   . SER B 23 ? 0.2769 0.3501 0.4445 -0.0111 0.0247  -0.0111 72 SER B N   
560 C CA  A SER B 23 ? 0.2949 0.4011 0.4790 -0.0285 0.0313  -0.0400 72 SER B CA  
561 C CA  B SER B 23 ? 0.2841 0.3900 0.4683 -0.0281 0.0310  -0.0400 72 SER B CA  
562 C C   . SER B 23 ? 0.3264 0.3818 0.4583 -0.0468 0.0410  -0.0096 72 SER B C   
563 O O   . SER B 23 ? 0.3110 0.3612 0.4438 -0.0481 0.0388  -0.0180 72 SER B O   
564 C CB  A SER B 23 ? 0.3010 0.4877 0.5126 -0.0687 0.0551  -0.0882 72 SER B CB  
565 C CB  B SER B 23 ? 0.2873 0.4733 0.4995 -0.0675 0.0543  -0.0878 72 SER B CB  
566 O OG  A SER B 23 ? 0.3919 0.5328 0.5186 -0.1204 0.0771  -0.0558 72 SER B OG  
567 O OG  B SER B 23 ? 0.2360 0.4854 0.5274 -0.0337 0.0286  -0.1445 72 SER B OG  
568 N N   . GLU B 24 ? 0.3542 0.3591 0.4390 -0.0530 0.0349  0.0169  73 GLU B N   
569 C CA  . GLU B 24 ? 0.4199 0.3459 0.4509 -0.0515 0.0103  0.0329  73 GLU B CA  
570 C C   . GLU B 24 ? 0.3871 0.3269 0.4616 -0.0141 0.0069  0.0246  73 GLU B C   
571 O O   . GLU B 24 ? 0.4027 0.3051 0.4543 -0.0152 -0.0044 0.0244  73 GLU B O   
572 C CB  . GLU B 24 ? 0.4882 0.3419 0.4738 -0.0379 -0.0319 0.0419  73 GLU B CB  
573 C CG  . GLU B 24 ? 0.6275 0.4106 0.5028 -0.1014 -0.0360 0.0569  73 GLU B CG  
574 C CD  . GLU B 24 ? 0.8129 0.4293 0.5338 -0.1445 -0.0849 0.0761  73 GLU B CD  
575 O OE1 . GLU B 24 ? 0.9401 0.4114 0.5738 -0.1189 -0.1689 0.0860  73 GLU B OE1 
576 O OE2 . GLU B 24 ? 0.8473 0.4632 0.5286 -0.2004 -0.0534 0.0735  73 GLU B OE2 
577 N N   . LEU B 25 ? 0.3276 0.3132 0.4457 0.0036  0.0195  0.0123  74 LEU B N   
578 C CA  . LEU B 25 ? 0.3311 0.3360 0.4636 0.0063  0.0326  -0.0092 74 LEU B CA  
579 C C   . LEU B 25 ? 0.3427 0.3208 0.4407 -0.0081 0.0375  0.0030  74 LEU B C   
580 O O   . LEU B 25 ? 0.3614 0.3314 0.4500 -0.0103 0.0414  -0.0089 74 LEU B O   
581 C CB  . LEU B 25 ? 0.3069 0.3564 0.4532 -0.0115 0.0573  -0.0335 74 LEU B CB  
582 C CG  . LEU B 25 ? 0.3130 0.4157 0.5244 0.0125  0.0456  -0.0741 74 LEU B CG  
583 C CD1 . LEU B 25 ? 0.3630 0.5208 0.5790 -0.0295 0.0853  -0.1018 74 LEU B CD1 
584 C CD2 . LEU B 25 ? 0.3454 0.4822 0.6229 0.0518  0.0144  -0.1397 74 LEU B CD2 
585 N N   . LYS B 26 ? 0.3173 0.2833 0.4053 -0.0099 0.0255  0.0113  75 LYS B N   
586 C CA  . LYS B 26 ? 0.3755 0.3055 0.4417 -0.0051 -0.0003 0.0037  75 LYS B CA  
587 C C   . LYS B 26 ? 0.3600 0.3146 0.4542 -0.0048 0.0043  -0.0057 75 LYS B C   
588 O O   . LYS B 26 ? 0.3887 0.3144 0.4631 -0.0023 -0.0059 -0.0090 75 LYS B O   
589 C CB  . LYS B 26 ? 0.3854 0.3133 0.4718 0.0151  -0.0412 -0.0206 75 LYS B CB  
590 C CG  . LYS B 26 ? 0.5368 0.3666 0.5392 0.0102  -0.0777 -0.0086 75 LYS B CG  
591 C CD  . LYS B 26 ? 0.6119 0.3812 0.6132 0.0533  -0.1677 -0.0495 75 LYS B CD  
592 C CE  . LYS B 26 ? 0.6003 0.4637 0.7095 0.0859  -0.1823 -0.0991 75 LYS B CE  
593 N NZ  . LYS B 26 ? 0.5189 0.5005 0.6890 0.0561  -0.0994 -0.0842 75 LYS B NZ  
594 N N   . GLU B 27 ? 0.3352 0.3249 0.4485 -0.0227 0.0199  -0.0097 76 GLU B N   
595 C CA  . GLU B 27 ? 0.3750 0.3613 0.4720 -0.0533 0.0285  -0.0182 76 GLU B CA  
596 C C   . GLU B 27 ? 0.4048 0.3242 0.4603 -0.0434 0.0171  0.0055  76 GLU B C   
597 O O   . GLU B 27 ? 0.4346 0.3355 0.4760 -0.0539 0.0140  -0.0001 76 GLU B O   
598 C CB  . GLU B 27 ? 0.4260 0.4171 0.4851 -0.1090 0.0477  -0.0233 76 GLU B CB  
599 C CG  . GLU B 27 ? 0.4272 0.5315 0.5594 -0.1272 0.0670  -0.0850 76 GLU B CG  
600 C CD  . GLU B 27 ? 0.5404 0.6752 0.6217 -0.2206 0.1080  -0.1156 76 GLU B CD  
601 O OE1 . GLU B 27 ? 0.6505 0.6987 0.6114 -0.2950 0.1198  -0.0942 76 GLU B OE1 
602 O OE2 . GLU B 27 ? 0.5119 0.7447 0.6560 -0.2299 0.1248  -0.1678 76 GLU B OE2 
603 N N   . LYS B 28 ? 0.4146 0.3098 0.4658 -0.0194 0.0049  0.0149  77 LYS B N   
604 C CA  . LYS B 28 ? 0.4495 0.3112 0.5004 0.0080  -0.0194 0.0014  77 LYS B CA  
605 C C   . LYS B 28 ? 0.4267 0.3210 0.4979 0.0122  0.0006  -0.0145 77 LYS B C   
606 O O   . LYS B 28 ? 0.4397 0.3074 0.5029 0.0200  -0.0135 -0.0252 77 LYS B O   
607 C CB  . LYS B 28 ? 0.4629 0.3443 0.5531 0.0410  -0.0390 -0.0265 77 LYS B CB  
608 C CG  . LYS B 28 ? 0.4991 0.4024 0.6450 0.0835  -0.0695 -0.0893 77 LYS B CG  
609 C CD  . LYS B 28 ? 0.5087 0.4719 0.7285 0.1172  -0.0903 -0.1472 77 LYS B CD  
610 C CE  . LYS B 28 ? 0.4695 0.5605 0.8027 0.1382  -0.0781 -0.2565 77 LYS B CE  
611 N NZ  . LYS B 28 ? 0.5395 0.5827 0.9092 0.2062  -0.1681 -0.3172 77 LYS B NZ  
612 N N   . LEU B 29 ? 0.3836 0.3065 0.4518 -0.0010 0.0245  -0.0154 78 LEU B N   
613 C CA  . LEU B 29 ? 0.4424 0.3499 0.4687 -0.0217 0.0372  -0.0262 78 LEU B CA  
614 C C   . LEU B 29 ? 0.4533 0.3182 0.4570 -0.0163 0.0136  -0.0125 78 LEU B C   
615 O O   . LEU B 29 ? 0.4499 0.2939 0.4278 -0.0222 0.0139  -0.0219 78 LEU B O   
616 C CB  . LEU B 29 ? 0.5014 0.3803 0.4606 -0.0598 0.0487  -0.0221 78 LEU B CB  
617 C CG  . LEU B 29 ? 0.6563 0.5253 0.5341 -0.1273 0.0866  -0.0527 78 LEU B CG  
618 C CD1 . LEU B 29 ? 0.6355 0.6156 0.5815 -0.1475 0.1317  -0.1079 78 LEU B CD1 
619 C CD2 . LEU B 29 ? 0.8096 0.5316 0.5134 -0.1872 0.0626  -0.0239 78 LEU B CD2 
620 N N   . PHE B 30 ? 0.4127 0.2861 0.4420 -0.0066 -0.0055 -0.0093 79 PHE B N   
621 C CA  . PHE B 30 ? 0.4367 0.3116 0.4840 0.0005  -0.0294 -0.0297 79 PHE B CA  
622 C C   . PHE B 30 ? 0.4350 0.3141 0.4869 -0.0125 -0.0147 -0.0291 79 PHE B C   
623 O O   . PHE B 30 ? 0.4319 0.2923 0.4748 -0.0083 -0.0283 -0.0400 79 PHE B O   
624 C CB  . PHE B 30 ? 0.4230 0.3660 0.5393 0.0038  -0.0410 -0.0695 79 PHE B CB  
625 C CG  . PHE B 30 ? 0.4723 0.3901 0.5968 0.0405  -0.1010 -0.1010 79 PHE B CG  
626 C CD1 . PHE B 30 ? 0.5460 0.3896 0.6376 0.0702  -0.1678 -0.1235 79 PHE B CD1 
627 C CD2 . PHE B 30 ? 0.4967 0.4422 0.6510 0.0506  -0.1103 -0.1155 79 PHE B CD2 
628 C CE1 . PHE B 30 ? 0.6540 0.4178 0.7238 0.1158  -0.2647 -0.1606 79 PHE B CE1 
629 C CE2 . PHE B 30 ? 0.5604 0.4504 0.7120 0.0962  -0.1951 -0.1549 79 PHE B CE2 
630 C CZ  . PHE B 30 ? 0.6552 0.4388 0.7563 0.1317  -0.2826 -0.1784 79 PHE B CZ  
631 N N   . ARG B 31 ? 0.4442 0.3185 0.4876 -0.0307 -0.0017 -0.0166 80 ARG B N   
632 C CA  . ARG B 31 ? 0.5072 0.3292 0.5097 -0.0517 -0.0099 -0.0121 80 ARG B CA  
633 C C   . ARG B 31 ? 0.5210 0.3098 0.5198 -0.0172 -0.0266 -0.0151 80 ARG B C   
634 O O   . ARG B 31 ? 0.5533 0.3087 0.5327 -0.0221 -0.0380 -0.0203 80 ARG B O   
635 C CB  . ARG B 31 ? 0.5948 0.3457 0.5269 -0.0856 -0.0231 0.0059  80 ARG B CB  
636 C CG  . ARG B 31 ? 0.6298 0.4221 0.5459 -0.1506 0.0087  -0.0067 80 ARG B CG  
637 C CD  . ARG B 31 ? 0.8291 0.4918 0.5967 -0.2263 -0.0073 0.0150  80 ARG B CD  
638 N NE  . ARG B 31 ? 0.8923 0.6113 0.6313 -0.3136 0.0403  -0.0110 80 ARG B NE  
639 C CZ  . ARG B 31 ? 0.9970 0.7513 0.6847 -0.4268 0.0880  -0.0556 80 ARG B CZ  
640 N NH1 . ARG B 31 ? 1.0241 0.7446 0.6755 -0.4613 0.0883  -0.0655 80 ARG B NH1 
641 N NH2 . ARG B 31 ? 1.0336 0.8716 0.7081 -0.5175 0.1423  -0.1045 80 ARG B NH2 
642 N N   . GLU B 32 ? 0.4893 0.3027 0.5143 0.0101  -0.0242 -0.0279 81 GLU B N   
643 C CA  . GLU B 32 ? 0.4920 0.3271 0.5402 0.0305  -0.0242 -0.0675 81 GLU B CA  
644 C C   . GLU B 32 ? 0.5036 0.3399 0.5217 0.0100  -0.0037 -0.0673 81 GLU B C   
645 O O   . GLU B 32 ? 0.5064 0.3316 0.5238 0.0173  -0.0120 -0.0883 81 GLU B O   
646 C CB  . GLU B 32 ? 0.4866 0.3947 0.5819 0.0370  -0.0047 -0.1111 81 GLU B CB  
647 C CG  . GLU B 32 ? 0.5541 0.4542 0.6990 0.0850  -0.0574 -0.1486 81 GLU B CG  
648 C CD  . GLU B 32 ? 0.5739 0.5731 0.7919 0.0925  -0.0394 -0.2073 81 GLU B CD  
649 O OE1 . GLU B 32 ? 0.5674 0.6377 0.7774 0.0405  0.0271  -0.2174 81 GLU B OE1 
650 O OE2 . GLU B 32 ? 0.6463 0.6315 0.9109 0.1444  -0.1022 -0.2475 81 GLU B OE2 
651 N N   . ARG B 33 ? 0.4882 0.3127 0.4664 -0.0116 0.0058  -0.0474 82 ARG B N   
652 C CA  . ARG B 33 ? 0.5528 0.3255 0.4635 -0.0289 -0.0044 -0.0466 82 ARG B CA  
653 C C   . ARG B 33 ? 0.5404 0.3005 0.4762 -0.0101 -0.0317 -0.0448 82 ARG B C   
654 O O   . ARG B 33 ? 0.5829 0.3115 0.4856 -0.0135 -0.0408 -0.0540 82 ARG B O   
655 C CB  . ARG B 33 ? 0.6170 0.3196 0.4452 -0.0475 -0.0284 -0.0305 82 ARG B CB  
656 C CG  . ARG B 33 ? 0.7281 0.3126 0.4403 -0.0621 -0.0756 -0.0282 82 ARG B CG  
657 C CD  . ARG B 33 ? 0.8026 0.3604 0.4209 -0.1207 -0.0361 -0.0423 82 ARG B CD  
658 N NE  . ARG B 33 ? 1.0308 0.4131 0.4542 -0.1673 -0.0864 -0.0287 82 ARG B NE  
659 C CZ  . ARG B 33 ? 1.1391 0.4625 0.4442 -0.2273 -0.0684 -0.0417 82 ARG B CZ  
660 N NH1 . ARG B 33 ? 1.3834 0.4941 0.4625 -0.2788 -0.1336 -0.0214 82 ARG B NH1 
661 N NH2 . ARG B 33 ? 1.0520 0.5099 0.4532 -0.2326 -0.0008 -0.0815 82 ARG B NH2 
662 N N   . LEU B 34 ? 0.4881 0.2805 0.4760 -0.0048 -0.0385 -0.0438 83 LEU B N   
663 C CA  . LEU B 34 ? 0.4865 0.2947 0.5027 -0.0129 -0.0491 -0.0638 83 LEU B CA  
664 C C   . LEU B 34 ? 0.5177 0.2888 0.5088 -0.0209 -0.0451 -0.0568 83 LEU B C   
665 O O   . LEU B 34 ? 0.5306 0.2893 0.5174 -0.0215 -0.0566 -0.0710 83 LEU B O   
666 C CB  . LEU B 34 ? 0.4566 0.3298 0.5204 -0.0423 -0.0351 -0.0872 83 LEU B CB  
667 C CG  . LEU B 34 ? 0.4879 0.4178 0.5891 -0.0828 -0.0270 -0.1389 83 LEU B CG  
668 C CD1 . LEU B 34 ? 0.4841 0.4412 0.6397 -0.0413 -0.0701 -0.1886 83 LEU B CD1 
669 C CD2 . LEU B 34 ? 0.4677 0.4920 0.6113 -0.1388 0.0060  -0.1878 83 LEU B CD2 
670 N N   . SER B 35 ? 0.5227 0.2633 0.4970 -0.0187 -0.0459 -0.0439 84 SER B N   
671 C CA  . SER B 35 ? 0.6122 0.2890 0.5597 -0.0070 -0.0736 -0.0514 84 SER B CA  
672 C C   . SER B 35 ? 0.6084 0.3103 0.5747 0.0180  -0.0686 -0.0801 84 SER B C   
673 O O   . SER B 35 ? 0.6518 0.3206 0.6032 0.0186  -0.0841 -0.0893 84 SER B O   
674 C CB  . SER B 35 ? 0.6439 0.2697 0.5789 0.0167  -0.1100 -0.0556 84 SER B CB  
675 O OG  . SER B 35 ? 0.7966 0.3769 0.7390 0.0592  -0.1592 -0.0940 84 SER B OG  
676 N N   . GLN B 36 ? 0.5926 0.3479 0.5727 0.0205  -0.0413 -0.0983 85 GLN B N   
677 C CA  . GLN B 36 ? 0.6277 0.4091 0.5906 0.0081  -0.0187 -0.1367 85 GLN B CA  
678 C C   . GLN B 36 ? 0.6617 0.3911 0.5625 -0.0099 -0.0273 -0.1164 85 GLN B C   
679 O O   . GLN B 36 ? 0.7165 0.4388 0.6042 -0.0116 -0.0279 -0.1426 85 GLN B O   
680 C CB  . GLN B 36 ? 0.6356 0.4653 0.5786 -0.0270 0.0230  -0.1595 85 GLN B CB  
681 C CG  . GLN B 36 ? 0.7467 0.5767 0.6037 -0.0900 0.0618  -0.1946 85 GLN B CG  
682 C CD  . GLN B 36 ? 0.7979 0.6762 0.6116 -0.1586 0.1160  -0.2324 85 GLN B CD  
683 O OE1 . GLN B 36 ? 0.9211 0.9034 0.7595 -0.2050 0.1688  -0.3246 85 GLN B OE1 
684 N NE2 . GLN B 36 ? 0.7730 0.5894 0.5279 -0.1727 0.1054  -0.1784 85 GLN B NE2 
685 N N   . LEU B 37 ? 0.6511 0.3474 0.5280 -0.0132 -0.0469 -0.0849 86 LEU B N   
686 C CA  . LEU B 37 ? 0.7122 0.3561 0.5496 -0.0112 -0.0832 -0.0849 86 LEU B CA  
687 C C   . LEU B 37 ? 0.7018 0.3655 0.5944 0.0004  -0.0934 -0.0964 86 LEU B C   
688 O O   . LEU B 37 ? 0.7590 0.3906 0.6233 0.0016  -0.1107 -0.1085 86 LEU B O   
689 C CB  . LEU B 37 ? 0.7211 0.3338 0.5476 0.0021  -0.1288 -0.0829 86 LEU B CB  
690 C CG  . LEU B 37 ? 0.8098 0.3352 0.5229 -0.0199 -0.1459 -0.0660 86 LEU B CG  
691 C CD1 . LEU B 37 ? 0.7783 0.2923 0.5268 0.0158  -0.2044 -0.0773 86 LEU B CD1 
692 C CD2 . LEU B 37 ? 0.9813 0.3637 0.5229 -0.0577 -0.1791 -0.0618 86 LEU B CD2 
693 N N   . ARG B 38 ? 0.6675 0.3643 0.6106 -0.0064 -0.0835 -0.0927 87 ARG B N   
694 C CA  . ARG B 38 ? 0.7012 0.3875 0.6518 -0.0274 -0.0886 -0.1025 87 ARG B CA  
695 C C   . ARG B 38 ? 0.7512 0.3798 0.6695 -0.0149 -0.1008 -0.1025 87 ARG B C   
696 O O   . ARG B 38 ? 0.8042 0.3998 0.7067 -0.0302 -0.1145 -0.1109 87 ARG B O   
697 C CB  . ARG B 38 ? 0.7017 0.3932 0.6484 -0.0730 -0.0742 -0.0971 87 ARG B CB  
698 C CG  . ARG B 38 ? 0.6827 0.4681 0.6894 -0.0976 -0.0571 -0.1314 87 ARG B CG  
699 C CD  . ARG B 38 ? 0.7717 0.5473 0.7298 -0.1835 -0.0274 -0.1347 87 ARG B CD  
700 N NE  . ARG B 38 ? 0.7241 0.6002 0.7362 -0.2127 0.0012  -0.1710 87 ARG B NE  
701 C CZ  . ARG B 38 ? 0.8025 0.6721 0.7486 -0.3090 0.0375  -0.1799 87 ARG B CZ  
702 N NH1 . ARG B 38 ? 0.9517 0.6774 0.7431 -0.3883 0.0348  -0.1442 87 ARG B NH1 
703 N NH2 . ARG B 38 ? 0.7625 0.7471 0.7731 -0.3348 0.0683  -0.2284 87 ARG B NH2 
704 N N   . LEU B 39 ? 0.7514 0.3816 0.6741 0.0128  -0.0996 -0.1113 88 LEU B N   
705 C CA  . LEU B 39 ? 0.8033 0.4084 0.7338 0.0428  -0.1253 -0.1484 88 LEU B CA  
706 C C   . LEU B 39 ? 0.8145 0.4799 0.7541 0.0448  -0.0956 -0.1929 88 LEU B C   
707 O O   . LEU B 39 ? 0.8295 0.5178 0.8042 0.0698  -0.1085 -0.2548 88 LEU B O   
708 C CB  . LEU B 39 ? 0.8212 0.4128 0.7786 0.0766  -0.1577 -0.1718 88 LEU B CB  
709 C CG  . LEU B 39 ? 0.9584 0.4095 0.8488 0.0763  -0.2271 -0.1476 88 LEU B CG  
710 C CD1 . LEU B 39 ? 1.0304 0.4180 0.8352 0.0009  -0.2100 -0.0936 88 LEU B CD1 
711 C CD2 . LEU B 39 ? 0.9283 0.3674 0.8281 0.0983  -0.2527 -0.1509 88 LEU B CD2 
712 N N   . ARG B 40 ? 0.8184 0.4957 0.7105 0.0117  -0.0647 -0.1730 89 ARG B N   
713 C CA  . ARG B 40 ? 0.9085 0.5901 0.7323 -0.0254 -0.0364 -0.2030 89 ARG B CA  
714 C C   . ARG B 40 ? 0.9216 0.7014 0.7854 -0.0424 0.0079  -0.2803 89 ARG B C   
715 O O   . ARG B 40 ? 0.9689 0.7985 0.8308 -0.0658 0.0338  -0.3503 89 ARG B O   
716 C CB  . ARG B 40 ? 0.9571 0.6030 0.7613 -0.0197 -0.0566 -0.2147 89 ARG B CB  
717 C CG  . ARG B 40 ? 1.0134 0.5898 0.7859 -0.0135 -0.0978 -0.1713 89 ARG B CG  
718 C CD  . ARG B 40 ? 0.9862 0.5791 0.8278 0.0039  -0.1152 -0.1451 89 ARG B CD  
719 N NE  . ARG B 40 ? 1.0321 0.6158 0.8960 0.0042  -0.1426 -0.1521 89 ARG B NE  
720 C CZ  . ARG B 40 ? 1.0317 0.6086 0.9181 -0.0076 -0.1450 -0.1568 89 ARG B CZ  
721 N NH1 . ARG B 40 ? 1.0291 0.6180 0.9369 -0.0254 -0.1587 -0.1785 89 ARG B NH1 
722 N NH2 . ARG B 40 ? 1.0529 0.5956 0.9295 -0.0049 -0.1463 -0.1496 89 ARG B NH2 
723 N N   . LEU B 41 ? 0.8782 0.7054 0.7931 -0.0325 0.0174  -0.2847 90 LEU B N   
724 C CA  . LEU B 41 ? 0.8871 0.8417 0.8864 -0.0360 0.0500  -0.3840 90 LEU B CA  
725 C C   . LEU B 41 ? 0.9460 0.9398 0.8578 -0.1330 0.1233  -0.4041 90 LEU B C   
726 O O   . LEU B 41 ? 0.9738 1.1083 0.9417 -0.1755 0.1783  -0.5181 90 LEU B O   
727 C CB  . LEU B 41 ? 0.8363 0.8005 0.9373 0.0365  -0.0011 -0.3849 90 LEU B CB  
728 C CG  . LEU B 41 ? 0.8709 0.8276 1.0702 0.1224  -0.0827 -0.4492 90 LEU B CG  
729 C CD1 . LEU B 41 ? 0.9041 0.8324 1.0987 0.1376  -0.1069 -0.4784 90 LEU B CD1 
730 C CD2 . LEU B 41 ? 0.9018 0.7224 1.0661 0.1612  -0.1558 -0.3697 90 LEU B CD2 
# 
